data_7QYG
#
_entry.id   7QYG
#
_cell.length_a   60.776
_cell.length_b   166.626
_cell.length_c   209.821
_cell.angle_alpha   90.000
_cell.angle_beta   90.000
_cell.angle_gamma   90.000
#
_symmetry.space_group_name_H-M   'P 21 21 21'
#
_entity_poly.entity_id   1
_entity_poly.type   'polypeptide(L)'
_entity_poly.pdbx_seq_one_letter_code
;MSQSQRSTADWQRLDAAHHLHPFTDYGELNTKGSRIITRAEGCYLWDSDGNQILDGMAGLWCVNIGYGRKELAEVAYRQM
QELPYYNNFFQCSHPPAIELSRLLSEVTPKHMNHVFFTGSGSDSNDTILRMVRYYWKLLGKPYKKVVISRENAYHGSTVA
GASLSGMKAMHAQGDLPIPGIEHIEQPYHFGRAPDMDPAEFGRQAAQALERKIDEIGECNVAAFIAEPIQGAGGVIIPPD
SYWPEIKRICAERDILLIVDEVITGFGRLGTWFGSQYYDLQPDLMPIAKGLSSGYMPIGGVMVSDRVAKVVIEEGGEFFH
GYTYSGHPVAAAVAAENIRIMRDEGIIERAGAEIAPYLQARWRELGEHPLVGEARGVGMVAALELVKSKQPLERFEEPGK
VGSLCRDLSVKNGLVMRAVGGTMIISPPLVLSREQVDELIDKARRTLDETHKAIGGALEHHHHHH
;
_entity_poly.pdbx_strand_id   A,B,C,D
#
# COMPACT_ATOMS: atom_id res chain seq x y z
N LYS A 70 -10.95 -29.85 -31.44
CA LYS A 70 -10.55 -30.91 -30.53
C LYS A 70 -9.56 -30.46 -29.46
N GLU A 71 -8.45 -29.86 -29.87
CA GLU A 71 -7.38 -29.58 -28.91
C GLU A 71 -6.67 -28.28 -29.24
N LEU A 72 -6.32 -27.55 -28.18
CA LEU A 72 -5.68 -26.25 -28.29
C LEU A 72 -4.16 -26.42 -28.29
N ALA A 73 -3.43 -25.35 -27.95
CA ALA A 73 -1.98 -25.37 -27.79
C ALA A 73 -1.32 -25.89 -29.06
N GLU A 74 -1.65 -27.12 -29.45
CA GLU A 74 -1.31 -27.59 -30.77
C GLU A 74 -2.33 -27.04 -31.75
N VAL A 75 -1.84 -26.43 -32.83
CA VAL A 75 -2.68 -25.77 -33.84
C VAL A 75 -2.43 -26.35 -35.23
N ALA A 76 -1.63 -27.40 -35.34
CA ALA A 76 -1.25 -27.94 -36.64
C ALA A 76 -0.87 -29.39 -36.48
N TYR A 77 -1.36 -30.25 -37.38
CA TYR A 77 -0.91 -31.63 -37.44
C TYR A 77 -1.27 -32.42 -36.19
N ARG A 78 -2.24 -33.34 -36.29
CA ARG A 78 -2.71 -34.02 -35.09
C ARG A 78 -1.61 -34.91 -34.50
N GLN A 79 -0.99 -35.77 -35.31
CA GLN A 79 0.19 -36.50 -34.86
C GLN A 79 0.91 -37.14 -36.05
N MET A 80 2.20 -37.44 -35.85
CA MET A 80 3.06 -38.16 -36.79
C MET A 80 3.80 -37.29 -37.80
N GLN A 81 4.02 -36.01 -37.50
CA GLN A 81 4.79 -35.13 -38.38
C GLN A 81 6.21 -34.98 -37.84
N GLU A 82 7.20 -35.37 -38.64
CA GLU A 82 8.59 -35.41 -38.21
C GLU A 82 9.25 -34.06 -38.43
N LEU A 83 9.57 -33.40 -37.32
CA LEU A 83 10.35 -32.18 -37.26
C LEU A 83 11.83 -32.57 -37.25
N PRO A 84 12.75 -31.58 -37.10
CA PRO A 84 14.19 -31.84 -37.28
C PRO A 84 14.91 -32.29 -36.01
N TYR A 85 14.36 -33.33 -35.37
CA TYR A 85 14.63 -33.56 -33.96
C TYR A 85 16.12 -33.80 -33.68
N TYR A 86 16.44 -34.04 -32.41
CA TYR A 86 17.81 -34.16 -31.92
C TYR A 86 18.82 -33.50 -32.85
N ASN A 87 18.59 -32.23 -33.16
CA ASN A 87 19.64 -31.41 -33.74
C ASN A 87 20.85 -31.28 -32.82
N ASN A 88 20.66 -31.50 -31.52
CA ASN A 88 21.69 -31.30 -30.51
C ASN A 88 22.42 -29.99 -30.75
N PHE A 89 23.66 -29.87 -30.25
CA PHE A 89 24.30 -28.57 -30.14
C PHE A 89 23.31 -27.60 -29.50
N PHE A 90 23.08 -27.72 -28.18
CA PHE A 90 21.95 -27.05 -27.56
C PHE A 90 22.37 -25.83 -26.73
N GLN A 91 23.61 -25.37 -26.87
CA GLN A 91 24.06 -24.16 -26.20
C GLN A 91 23.73 -22.93 -27.05
N CYS A 92 23.43 -21.82 -26.36
CA CYS A 92 23.04 -20.59 -27.01
C CYS A 92 23.75 -19.41 -26.39
N SER A 93 23.69 -18.27 -27.08
CA SER A 93 23.81 -16.96 -26.45
C SER A 93 25.22 -16.46 -26.23
N HIS A 94 25.90 -16.99 -25.20
CA HIS A 94 27.14 -16.37 -24.76
C HIS A 94 28.23 -16.52 -25.81
N PRO A 95 28.60 -17.72 -26.25
CA PRO A 95 29.62 -17.86 -27.26
C PRO A 95 29.06 -17.51 -28.63
N PRO A 96 29.92 -17.45 -29.64
CA PRO A 96 29.41 -17.42 -31.02
C PRO A 96 28.38 -18.53 -31.23
N ALA A 97 27.29 -18.19 -31.91
CA ALA A 97 26.21 -19.13 -32.14
C ALA A 97 26.67 -20.30 -33.02
N ILE A 98 25.90 -21.38 -33.00
CA ILE A 98 26.28 -22.62 -33.68
C ILE A 98 25.67 -22.72 -35.08
N GLU A 99 24.34 -22.56 -35.20
CA GLU A 99 23.69 -22.62 -36.50
C GLU A 99 22.48 -21.68 -36.57
N LEU A 100 22.26 -20.83 -35.56
CA LEU A 100 21.30 -19.74 -35.61
C LEU A 100 19.87 -20.17 -35.35
N SER A 101 19.64 -20.84 -34.22
CA SER A 101 18.35 -21.47 -33.98
C SER A 101 17.22 -20.45 -33.93
N ARG A 102 17.46 -19.28 -33.33
CA ARG A 102 16.42 -18.36 -32.94
C ARG A 102 15.99 -17.41 -34.04
N LEU A 103 16.56 -17.55 -35.24
CA LEU A 103 16.30 -16.63 -36.33
C LEU A 103 15.01 -17.04 -37.02
N LEU A 104 13.95 -16.26 -36.83
CA LEU A 104 12.63 -16.64 -37.31
C LEU A 104 12.08 -15.61 -38.28
N SER A 105 11.07 -16.06 -39.01
CA SER A 105 10.53 -15.31 -40.13
C SER A 105 9.64 -14.19 -39.61
N GLU A 106 9.56 -13.14 -40.41
CA GLU A 106 8.53 -12.14 -40.23
C GLU A 106 7.39 -12.45 -41.20
N VAL A 107 6.65 -13.50 -40.83
CA VAL A 107 5.54 -14.00 -41.66
C VAL A 107 4.28 -13.29 -41.16
N THR A 108 4.10 -12.08 -41.65
CA THR A 108 2.88 -11.28 -41.51
C THR A 108 2.51 -10.91 -40.07
N PRO A 109 3.35 -10.15 -39.37
CA PRO A 109 2.86 -9.37 -38.22
C PRO A 109 2.65 -7.89 -38.51
N LYS A 110 2.69 -7.50 -39.80
CA LYS A 110 2.40 -6.17 -40.32
C LYS A 110 3.51 -5.15 -40.10
N HIS A 111 3.68 -4.71 -38.86
CA HIS A 111 4.73 -3.77 -38.51
C HIS A 111 5.58 -4.26 -37.34
N MET A 112 5.23 -5.38 -36.73
CA MET A 112 6.00 -5.95 -35.63
C MET A 112 7.19 -6.67 -36.24
N ASN A 113 8.40 -6.30 -35.84
CA ASN A 113 9.57 -6.80 -36.53
C ASN A 113 10.69 -7.30 -35.62
N HIS A 114 10.53 -7.24 -34.31
CA HIS A 114 11.45 -7.88 -33.38
C HIS A 114 10.67 -8.92 -32.59
N VAL A 115 11.34 -9.60 -31.65
CA VAL A 115 10.68 -10.61 -30.84
C VAL A 115 11.54 -10.94 -29.63
N PHE A 116 10.88 -11.35 -28.55
CA PHE A 116 11.51 -11.85 -27.34
C PHE A 116 10.93 -13.23 -27.02
N PHE A 117 11.76 -14.09 -26.44
CA PHE A 117 11.40 -15.48 -26.22
C PHE A 117 11.34 -15.84 -24.75
N THR A 118 10.50 -16.82 -24.45
CA THR A 118 10.29 -17.30 -23.09
C THR A 118 10.07 -18.81 -23.16
N GLY A 119 9.52 -19.37 -22.08
CA GLY A 119 9.34 -20.80 -21.96
C GLY A 119 7.92 -21.30 -22.19
N SER A 120 6.94 -20.55 -21.72
CA SER A 120 5.55 -20.88 -21.98
C SER A 120 4.70 -19.65 -21.69
N GLY A 121 3.45 -19.69 -22.15
CA GLY A 121 2.54 -18.56 -22.01
C GLY A 121 2.64 -17.86 -20.68
N SER A 122 2.61 -18.64 -19.60
CA SER A 122 2.89 -18.13 -18.27
C SER A 122 4.15 -17.30 -18.26
N ASP A 123 5.30 -17.95 -18.48
CA ASP A 123 6.59 -17.28 -18.47
C ASP A 123 6.71 -16.21 -19.55
N SER A 124 5.67 -16.05 -20.36
CA SER A 124 5.67 -15.02 -21.41
C SER A 124 5.09 -13.70 -20.87
N ASN A 125 3.77 -13.67 -20.68
CA ASN A 125 3.11 -12.43 -20.24
C ASN A 125 3.80 -11.80 -19.04
N ASP A 126 4.32 -12.64 -18.13
CA ASP A 126 5.09 -12.13 -17.02
C ASP A 126 6.15 -11.12 -17.48
N THR A 127 6.75 -11.37 -18.64
CA THR A 127 7.80 -10.50 -19.16
C THR A 127 7.25 -9.30 -19.93
N ILE A 128 5.95 -9.28 -20.21
CA ILE A 128 5.36 -8.15 -20.94
C ILE A 128 5.14 -6.97 -20.02
N LEU A 129 4.87 -7.23 -18.74
CA LEU A 129 4.73 -6.16 -17.76
C LEU A 129 6.02 -5.38 -17.63
N ARG A 130 7.05 -6.00 -17.05
CA ARG A 130 8.34 -5.34 -16.86
C ARG A 130 8.73 -4.56 -18.11
N MET A 131 8.28 -5.04 -19.28
CA MET A 131 8.52 -4.33 -20.53
C MET A 131 7.65 -3.08 -20.61
N VAL A 132 6.34 -3.26 -20.77
CA VAL A 132 5.39 -2.16 -20.77
C VAL A 132 5.78 -1.12 -19.73
N ARG A 133 5.81 -1.52 -18.46
CA ARG A 133 6.11 -0.57 -17.40
C ARG A 133 7.49 0.06 -17.53
N TYR A 134 8.41 -0.58 -18.27
CA TYR A 134 9.69 0.05 -18.56
C TYR A 134 9.61 0.95 -19.79
N TYR A 135 8.54 0.85 -20.59
CA TYR A 135 8.40 1.69 -21.77
C TYR A 135 8.18 3.13 -21.32
N TRP A 136 7.01 3.38 -20.72
CA TRP A 136 6.72 4.70 -20.18
C TRP A 136 7.84 5.19 -19.26
N LYS A 137 8.49 4.27 -18.55
CA LYS A 137 9.56 4.68 -17.64
C LYS A 137 10.72 5.35 -18.36
N LEU A 138 10.77 5.30 -19.69
CA LEU A 138 11.79 6.01 -20.45
C LEU A 138 11.23 7.07 -21.38
N LEU A 139 9.91 7.26 -21.40
CA LEU A 139 9.29 8.42 -22.01
C LEU A 139 9.08 9.58 -21.04
N GLY A 140 9.22 9.32 -19.75
CA GLY A 140 9.11 10.34 -18.74
C GLY A 140 7.91 10.26 -17.82
N LYS A 141 7.26 9.10 -17.73
CA LYS A 141 6.04 8.94 -16.94
C LYS A 141 6.10 7.61 -16.17
N PRO A 142 7.02 7.49 -15.19
CA PRO A 142 7.08 6.25 -14.40
C PRO A 142 5.83 5.96 -13.59
N TYR A 143 4.65 6.29 -14.12
CA TYR A 143 3.39 6.27 -13.37
C TYR A 143 2.22 5.75 -14.17
N LYS A 144 2.24 5.85 -15.50
CA LYS A 144 1.58 4.88 -16.36
C LYS A 144 2.20 3.53 -16.03
N LYS A 145 1.89 2.97 -14.86
CA LYS A 145 2.45 1.69 -14.43
C LYS A 145 1.40 0.59 -14.36
N VAL A 146 0.15 0.96 -14.20
CA VAL A 146 -0.92 0.00 -14.01
C VAL A 146 -1.47 -0.38 -15.38
N VAL A 147 -2.06 -1.58 -15.45
CA VAL A 147 -2.64 -2.08 -16.70
C VAL A 147 -4.01 -2.69 -16.39
N ILE A 148 -4.84 -2.77 -17.42
CA ILE A 148 -6.19 -3.30 -17.30
C ILE A 148 -6.24 -4.61 -18.06
N SER A 149 -7.23 -5.42 -17.71
CA SER A 149 -7.50 -6.62 -18.47
C SER A 149 -8.99 -6.93 -18.36
N ARG A 150 -9.37 -8.17 -18.60
CA ARG A 150 -10.78 -8.54 -18.69
C ARG A 150 -11.08 -9.81 -17.91
N GLU A 151 -12.30 -9.86 -17.37
CA GLU A 151 -12.74 -11.01 -16.61
C GLU A 151 -12.95 -12.21 -17.54
N ASN A 152 -13.02 -13.38 -16.93
CA ASN A 152 -13.11 -14.65 -17.64
C ASN A 152 -12.12 -14.70 -18.80
N ALA A 153 -10.89 -14.22 -18.57
CA ALA A 153 -9.79 -14.30 -19.52
C ALA A 153 -8.60 -14.98 -18.85
N TYR A 154 -7.84 -15.76 -19.60
CA TYR A 154 -6.69 -16.49 -19.08
C TYR A 154 -5.40 -15.99 -19.75
N HIS A 155 -4.54 -15.35 -18.96
CA HIS A 155 -3.32 -14.69 -19.42
C HIS A 155 -2.09 -15.26 -18.73
N GLY A 156 -2.07 -16.57 -18.50
CA GLY A 156 -0.96 -17.24 -17.85
C GLY A 156 -1.34 -17.73 -16.46
N SER A 157 -0.51 -18.65 -15.95
CA SER A 157 -0.59 -19.10 -14.56
C SER A 157 0.58 -18.60 -13.72
N THR A 158 1.50 -17.83 -14.31
CA THR A 158 2.45 -17.03 -13.57
C THR A 158 1.71 -16.07 -12.65
N VAL A 159 2.35 -15.70 -11.53
CA VAL A 159 1.65 -14.89 -10.52
C VAL A 159 1.03 -13.66 -11.17
N ALA A 160 1.79 -12.95 -12.01
CA ALA A 160 1.19 -11.86 -12.78
C ALA A 160 0.25 -12.41 -13.84
N GLY A 161 0.49 -13.65 -14.30
CA GLY A 161 -0.45 -14.30 -15.19
C GLY A 161 -1.75 -14.66 -14.50
N ALA A 162 -1.71 -14.93 -13.20
CA ALA A 162 -2.93 -15.13 -12.44
C ALA A 162 -3.58 -13.80 -12.07
N SER A 163 -2.78 -12.74 -11.92
CA SER A 163 -3.32 -11.43 -11.63
C SER A 163 -3.90 -10.78 -12.88
N LEU A 164 -3.16 -10.83 -13.99
CA LEU A 164 -3.68 -10.32 -15.25
C LEU A 164 -4.92 -11.08 -15.69
N SER A 165 -4.99 -12.38 -15.42
CA SER A 165 -6.16 -13.15 -15.81
C SER A 165 -7.35 -12.78 -14.93
N GLY A 166 -8.43 -12.31 -15.56
CA GLY A 166 -9.66 -11.95 -14.86
C GLY A 166 -10.50 -13.17 -14.54
N MET A 167 -9.98 -14.05 -13.69
CA MET A 167 -10.67 -15.25 -13.25
C MET A 167 -10.56 -15.26 -11.73
N LYS A 168 -11.68 -15.43 -11.03
CA LYS A 168 -11.67 -15.36 -9.58
C LYS A 168 -11.01 -16.58 -8.94
N ALA A 169 -11.03 -17.73 -9.61
CA ALA A 169 -10.54 -18.96 -9.01
C ALA A 169 -9.03 -19.03 -8.91
N MET A 170 -8.30 -18.04 -9.45
CA MET A 170 -6.87 -17.90 -9.22
C MET A 170 -6.53 -16.74 -8.30
N HIS A 171 -7.38 -15.71 -8.23
CA HIS A 171 -7.16 -14.59 -7.33
C HIS A 171 -7.13 -15.01 -5.87
N ALA A 172 -5.96 -15.39 -5.38
CA ALA A 172 -5.80 -15.87 -4.00
C ALA A 172 -5.73 -14.66 -3.05
N GLN A 173 -6.83 -14.41 -2.35
CA GLN A 173 -6.86 -13.42 -1.28
C GLN A 173 -6.68 -12.01 -1.80
N GLY A 174 -5.90 -11.20 -1.07
CA GLY A 174 -5.53 -9.87 -1.50
C GLY A 174 -4.15 -9.85 -2.12
N ASP A 175 -3.31 -10.83 -1.78
CA ASP A 175 -2.02 -10.95 -2.46
C ASP A 175 -2.24 -11.04 -3.97
N LEU A 176 -3.27 -11.75 -4.41
CA LEU A 176 -3.68 -11.79 -5.81
C LEU A 176 -5.08 -11.18 -5.89
N PRO A 177 -5.29 -10.07 -6.63
CA PRO A 177 -4.36 -9.40 -7.56
C PRO A 177 -3.39 -8.38 -6.96
N ILE A 178 -2.20 -8.31 -7.57
CA ILE A 178 -1.09 -7.48 -7.11
C ILE A 178 -1.38 -6.04 -7.48
N PRO A 179 -0.57 -5.06 -7.03
CA PRO A 179 -0.89 -3.66 -7.36
C PRO A 179 -0.67 -3.39 -8.84
N GLY A 180 -1.48 -2.49 -9.37
CA GLY A 180 -1.34 -2.10 -10.75
C GLY A 180 -2.14 -2.94 -11.73
N ILE A 181 -3.19 -3.61 -11.28
CA ILE A 181 -4.05 -4.40 -12.15
C ILE A 181 -5.49 -4.25 -11.70
N GLU A 182 -6.41 -4.41 -12.66
CA GLU A 182 -7.83 -4.45 -12.37
C GLU A 182 -8.53 -5.09 -13.56
N HIS A 183 -9.86 -5.18 -13.48
CA HIS A 183 -10.62 -6.01 -14.38
C HIS A 183 -11.88 -5.27 -14.82
N ILE A 184 -12.35 -5.61 -16.02
CA ILE A 184 -13.50 -4.96 -16.62
C ILE A 184 -14.45 -6.00 -17.19
N GLU A 185 -15.64 -5.53 -17.56
CA GLU A 185 -16.66 -6.39 -18.18
C GLU A 185 -16.07 -7.13 -19.38
N GLN A 186 -16.55 -8.35 -19.58
CA GLN A 186 -16.22 -9.11 -20.76
C GLN A 186 -17.35 -8.99 -21.77
N PRO A 187 -17.06 -8.83 -23.05
CA PRO A 187 -18.14 -8.77 -24.05
C PRO A 187 -18.85 -10.10 -24.23
N TYR A 188 -19.17 -10.79 -23.13
CA TYR A 188 -19.89 -12.07 -23.17
C TYR A 188 -21.35 -11.77 -23.46
N HIS A 189 -21.69 -11.74 -24.76
CA HIS A 189 -23.02 -11.34 -25.20
C HIS A 189 -24.08 -12.37 -24.87
N PHE A 190 -23.72 -13.54 -24.36
CA PHE A 190 -24.70 -14.57 -24.04
C PHE A 190 -24.84 -14.84 -22.55
N GLY A 191 -23.94 -14.31 -21.72
CA GLY A 191 -24.08 -14.42 -20.28
C GLY A 191 -24.29 -13.06 -19.64
N ARG A 192 -23.58 -12.06 -20.16
CA ARG A 192 -23.76 -10.69 -19.67
C ARG A 192 -24.96 -10.02 -20.35
N ALA A 193 -25.20 -10.31 -21.63
CA ALA A 193 -26.36 -9.75 -22.33
C ALA A 193 -27.39 -10.82 -22.56
N PRO A 194 -28.67 -10.61 -22.20
CA PRO A 194 -29.70 -11.61 -22.54
C PRO A 194 -30.30 -11.37 -23.92
N ASP A 195 -30.70 -10.12 -24.19
CA ASP A 195 -31.31 -9.77 -25.46
C ASP A 195 -30.81 -8.44 -26.02
N MET A 196 -30.02 -7.68 -25.26
CA MET A 196 -29.51 -6.40 -25.73
C MET A 196 -28.90 -6.53 -27.12
N ASP A 197 -29.07 -5.49 -27.92
CA ASP A 197 -28.46 -5.45 -29.24
C ASP A 197 -26.94 -5.59 -29.11
N PRO A 198 -26.32 -6.57 -29.76
CA PRO A 198 -24.87 -6.76 -29.56
C PRO A 198 -24.05 -5.49 -29.77
N ALA A 199 -24.22 -4.81 -30.91
CA ALA A 199 -23.41 -3.65 -31.24
C ALA A 199 -23.29 -2.72 -30.04
N GLU A 200 -24.42 -2.32 -29.45
CA GLU A 200 -24.35 -1.48 -28.27
C GLU A 200 -23.72 -2.23 -27.10
N PHE A 201 -24.00 -3.54 -26.99
CA PHE A 201 -23.33 -4.31 -25.95
C PHE A 201 -21.83 -4.35 -26.19
N GLY A 202 -21.42 -4.42 -27.45
CA GLY A 202 -20.00 -4.31 -27.75
C GLY A 202 -19.47 -2.92 -27.46
N ARG A 203 -20.29 -1.90 -27.71
CA ARG A 203 -19.84 -0.53 -27.48
C ARG A 203 -19.71 -0.24 -25.99
N GLN A 204 -20.74 -0.53 -25.19
CA GLN A 204 -20.68 -0.28 -23.76
C GLN A 204 -19.53 -1.07 -23.14
N ALA A 205 -19.62 -2.40 -23.12
CA ALA A 205 -18.55 -3.22 -22.57
C ALA A 205 -17.18 -2.85 -23.12
N ALA A 206 -17.13 -2.22 -24.29
CA ALA A 206 -15.89 -1.56 -24.71
C ALA A 206 -15.74 -0.23 -24.00
N GLN A 207 -16.79 0.58 -23.98
CA GLN A 207 -16.76 1.84 -23.25
C GLN A 207 -16.41 1.63 -21.78
N ALA A 208 -16.61 0.42 -21.24
CA ALA A 208 -16.29 0.14 -19.85
C ALA A 208 -14.83 0.41 -19.54
N LEU A 209 -13.98 0.41 -20.57
CA LEU A 209 -12.58 0.80 -20.39
C LEU A 209 -12.47 2.31 -20.10
N GLU A 210 -12.89 3.14 -21.05
CA GLU A 210 -12.89 4.60 -20.83
C GLU A 210 -13.26 4.90 -19.38
N ARG A 211 -14.34 4.27 -18.90
CA ARG A 211 -14.74 4.45 -17.49
C ARG A 211 -13.62 4.08 -16.54
N LYS A 212 -13.02 2.89 -16.70
CA LYS A 212 -12.00 2.45 -15.76
C LYS A 212 -10.80 3.40 -15.77
N ILE A 213 -10.28 3.71 -16.95
CA ILE A 213 -9.19 4.68 -17.04
C ILE A 213 -9.58 5.97 -16.32
N ASP A 214 -10.71 6.55 -16.73
CA ASP A 214 -11.28 7.65 -15.97
C ASP A 214 -11.43 7.28 -14.52
N GLU A 215 -11.71 6.00 -14.22
CA GLU A 215 -11.75 5.50 -12.85
C GLU A 215 -10.37 5.37 -12.24
N ILE A 216 -9.29 5.64 -12.98
CA ILE A 216 -7.95 5.36 -12.50
C ILE A 216 -7.02 6.52 -12.81
N GLY A 217 -7.12 7.07 -14.01
CA GLY A 217 -6.36 8.26 -14.35
C GLY A 217 -5.44 8.08 -15.54
N GLU A 218 -5.84 8.65 -16.68
CA GLU A 218 -5.11 8.50 -17.93
C GLU A 218 -3.58 8.56 -17.79
N CYS A 219 -3.08 9.27 -16.79
CA CYS A 219 -1.65 9.30 -16.53
C CYS A 219 -1.23 8.27 -15.49
N ASN A 220 -2.17 7.43 -15.02
CA ASN A 220 -1.85 6.25 -14.23
C ASN A 220 -1.83 4.97 -15.05
N VAL A 221 -2.64 4.89 -16.12
CA VAL A 221 -2.78 3.70 -16.94
C VAL A 221 -1.67 3.63 -17.98
N ALA A 222 -1.21 2.42 -18.29
CA ALA A 222 -0.12 2.21 -19.24
C ALA A 222 -0.53 1.43 -20.49
N ALA A 223 -1.43 0.48 -20.38
CA ALA A 223 -1.90 -0.25 -21.56
C ALA A 223 -3.14 -1.06 -21.18
N PHE A 224 -3.51 -1.99 -22.06
CA PHE A 224 -4.65 -2.89 -21.88
C PHE A 224 -4.33 -4.15 -22.66
N ILE A 225 -4.71 -5.30 -22.08
CA ILE A 225 -4.51 -6.58 -22.73
C ILE A 225 -5.88 -7.14 -23.03
N ALA A 226 -5.93 -8.11 -23.92
CA ALA A 226 -7.17 -8.86 -24.12
C ALA A 226 -7.01 -9.94 -25.17
N GLU A 227 -7.81 -10.99 -25.08
CA GLU A 227 -7.75 -12.15 -25.96
C GLU A 227 -8.63 -11.90 -27.17
N PRO A 228 -8.12 -12.11 -28.40
CA PRO A 228 -8.97 -11.89 -29.57
C PRO A 228 -10.33 -12.58 -29.46
N ILE A 229 -10.37 -13.82 -28.98
CA ILE A 229 -11.60 -14.44 -28.53
C ILE A 229 -11.27 -15.33 -27.33
N GLN A 230 -11.93 -15.07 -26.20
CA GLN A 230 -11.55 -15.66 -24.92
C GLN A 230 -11.80 -17.17 -24.94
N GLY A 231 -10.97 -17.92 -25.65
CA GLY A 231 -11.11 -19.36 -25.67
C GLY A 231 -11.13 -19.95 -24.28
N ALA A 232 -10.51 -19.27 -23.31
CA ALA A 232 -10.51 -19.74 -21.94
C ALA A 232 -11.86 -19.49 -21.26
N GLY A 233 -12.50 -18.38 -21.58
CA GLY A 233 -13.78 -18.06 -20.96
C GLY A 233 -14.94 -18.76 -21.65
N GLY A 234 -14.71 -19.98 -22.11
CA GLY A 234 -15.58 -20.62 -23.07
C GLY A 234 -15.15 -20.22 -24.46
N VAL A 235 -15.97 -19.41 -25.12
CA VAL A 235 -15.58 -18.72 -26.36
C VAL A 235 -16.44 -17.46 -26.43
N ILE A 236 -15.80 -16.31 -26.57
CA ILE A 236 -16.46 -15.05 -26.27
C ILE A 236 -16.25 -14.06 -27.41
N ILE A 237 -16.74 -14.41 -28.59
CA ILE A 237 -16.50 -13.52 -29.73
C ILE A 237 -17.10 -12.15 -29.41
N PRO A 238 -16.34 -11.07 -29.46
CA PRO A 238 -16.93 -9.76 -29.25
C PRO A 238 -17.89 -9.41 -30.41
N PRO A 239 -18.95 -8.65 -30.12
CA PRO A 239 -19.73 -8.09 -31.23
C PRO A 239 -18.81 -7.34 -32.20
N ASP A 240 -19.23 -7.30 -33.46
CA ASP A 240 -18.43 -6.65 -34.49
C ASP A 240 -18.03 -5.22 -34.09
N SER A 241 -18.84 -4.56 -33.26
CA SER A 241 -18.57 -3.18 -32.87
C SER A 241 -17.65 -3.07 -31.65
N TYR A 242 -17.38 -4.17 -30.95
CA TYR A 242 -16.48 -4.13 -29.79
C TYR A 242 -15.13 -3.56 -30.19
N TRP A 243 -14.25 -4.42 -30.70
CA TRP A 243 -12.87 -4.01 -30.94
C TRP A 243 -12.76 -2.72 -31.73
N PRO A 244 -13.55 -2.50 -32.79
CA PRO A 244 -13.42 -1.23 -33.53
C PRO A 244 -13.49 -0.01 -32.63
N GLU A 245 -14.17 -0.09 -31.48
CA GLU A 245 -14.16 1.01 -30.54
C GLU A 245 -12.96 0.97 -29.61
N ILE A 246 -12.50 -0.22 -29.23
CA ILE A 246 -11.31 -0.33 -28.39
C ILE A 246 -10.12 0.29 -29.09
N LYS A 247 -10.08 0.17 -30.42
CA LYS A 247 -9.02 0.81 -31.19
C LYS A 247 -8.92 2.28 -30.84
N ARG A 248 -10.09 2.94 -30.73
CA ARG A 248 -10.11 4.38 -30.50
C ARG A 248 -9.57 4.73 -29.12
N ILE A 249 -9.95 3.97 -28.10
CA ILE A 249 -9.73 4.40 -26.73
C ILE A 249 -8.25 4.31 -26.35
N CYS A 250 -7.56 3.28 -26.83
CA CYS A 250 -6.13 3.16 -26.59
C CYS A 250 -5.37 4.32 -27.25
N ALA A 251 -6.10 5.15 -27.99
CA ALA A 251 -5.59 6.44 -28.47
C ALA A 251 -6.22 7.61 -27.74
N GLU A 252 -7.52 7.54 -27.46
CA GLU A 252 -8.20 8.62 -26.75
C GLU A 252 -7.48 8.97 -25.44
N ARG A 253 -6.98 7.95 -24.73
CA ARG A 253 -6.22 8.16 -23.52
C ARG A 253 -4.72 8.06 -23.75
N ASP A 254 -4.30 7.92 -25.00
CA ASP A 254 -2.91 7.71 -25.37
C ASP A 254 -2.22 6.72 -24.46
N ILE A 255 -2.18 5.47 -24.92
CA ILE A 255 -1.65 4.32 -24.17
C ILE A 255 -1.30 3.25 -25.19
N LEU A 256 -0.88 2.08 -24.71
CA LEU A 256 -0.45 0.97 -25.55
C LEU A 256 -1.59 -0.04 -25.71
N LEU A 257 -1.33 -1.06 -26.53
CA LEU A 257 -2.30 -2.14 -26.78
C LEU A 257 -1.51 -3.42 -27.01
N ILE A 258 -1.61 -4.35 -26.07
CA ILE A 258 -1.02 -5.67 -26.22
C ILE A 258 -2.14 -6.68 -26.36
N VAL A 259 -2.06 -7.52 -27.37
CA VAL A 259 -3.05 -8.58 -27.60
C VAL A 259 -2.39 -9.93 -27.34
N ASP A 260 -3.19 -10.89 -26.90
CA ASP A 260 -2.70 -12.22 -26.56
C ASP A 260 -3.09 -13.17 -27.68
N GLU A 261 -2.08 -13.76 -28.33
CA GLU A 261 -2.30 -14.66 -29.44
C GLU A 261 -1.89 -16.10 -29.12
N VAL A 262 -1.55 -16.40 -27.86
CA VAL A 262 -1.15 -17.76 -27.52
C VAL A 262 -2.15 -18.76 -28.10
N ILE A 263 -3.44 -18.57 -27.78
CA ILE A 263 -4.48 -19.44 -28.34
C ILE A 263 -4.75 -19.08 -29.79
N THR A 264 -5.18 -17.83 -30.00
CA THR A 264 -5.54 -17.32 -31.31
C THR A 264 -4.36 -17.23 -32.25
N GLY A 265 -3.14 -17.37 -31.75
CA GLY A 265 -1.99 -17.20 -32.60
C GLY A 265 -1.74 -18.40 -33.48
N PHE A 266 -1.20 -18.12 -34.67
CA PHE A 266 -1.00 -19.18 -35.65
C PHE A 266 -2.36 -19.76 -36.02
N GLY A 267 -2.89 -19.35 -37.15
CA GLY A 267 -4.22 -19.78 -37.53
C GLY A 267 -5.16 -19.69 -36.34
N ARG A 268 -5.88 -20.77 -36.06
CA ARG A 268 -6.93 -20.79 -35.04
C ARG A 268 -8.09 -19.91 -35.50
N LEU A 269 -7.79 -18.77 -36.12
CA LEU A 269 -8.77 -17.98 -36.85
C LEU A 269 -8.51 -18.12 -38.34
N GLY A 270 -9.36 -17.50 -39.15
CA GLY A 270 -9.21 -17.61 -40.59
C GLY A 270 -7.86 -17.17 -41.11
N THR A 271 -7.26 -16.20 -40.44
CA THR A 271 -5.97 -15.67 -40.83
C THR A 271 -4.91 -16.36 -39.98
N TRP A 272 -3.68 -15.84 -40.04
CA TRP A 272 -2.63 -16.26 -39.12
C TRP A 272 -3.03 -16.00 -37.68
N PHE A 273 -2.74 -14.79 -37.20
CA PHE A 273 -3.13 -14.41 -35.85
C PHE A 273 -4.61 -14.01 -35.84
N GLY A 274 -5.05 -13.45 -34.71
CA GLY A 274 -6.36 -12.86 -34.56
C GLY A 274 -6.33 -11.35 -34.68
N SER A 275 -5.15 -10.74 -34.50
CA SER A 275 -5.00 -9.35 -34.89
C SER A 275 -5.45 -9.17 -36.33
N GLN A 276 -4.81 -9.89 -37.25
CA GLN A 276 -5.09 -9.69 -38.67
C GLN A 276 -6.56 -9.85 -39.00
N TYR A 277 -7.27 -10.74 -38.28
CA TYR A 277 -8.69 -10.94 -38.58
C TYR A 277 -9.49 -9.69 -38.22
N TYR A 278 -9.40 -9.26 -36.97
CA TYR A 278 -10.15 -8.13 -36.43
C TYR A 278 -9.59 -6.77 -36.84
N ASP A 279 -8.50 -6.72 -37.60
CA ASP A 279 -7.91 -5.47 -38.05
C ASP A 279 -7.50 -4.55 -36.91
N LEU A 280 -6.28 -4.68 -36.43
CA LEU A 280 -5.76 -3.80 -35.38
C LEU A 280 -4.24 -3.78 -35.43
N GLN A 281 -3.63 -3.00 -34.54
CA GLN A 281 -2.19 -2.75 -34.56
C GLN A 281 -1.67 -2.73 -33.12
N PRO A 282 -1.39 -3.89 -32.53
CA PRO A 282 -0.95 -3.92 -31.14
C PRO A 282 0.53 -3.60 -30.99
N ASP A 283 0.87 -3.05 -29.82
CA ASP A 283 2.26 -2.69 -29.56
C ASP A 283 3.13 -3.90 -29.26
N LEU A 284 2.54 -4.92 -28.62
CA LEU A 284 3.22 -6.18 -28.37
C LEU A 284 2.17 -7.27 -28.37
N MET A 285 2.62 -8.51 -28.57
CA MET A 285 1.74 -9.66 -28.38
C MET A 285 2.61 -10.81 -27.92
N PRO A 286 2.04 -11.75 -27.18
CA PRO A 286 2.81 -12.94 -26.82
C PRO A 286 2.15 -14.19 -27.37
N ILE A 287 2.98 -15.18 -27.67
CA ILE A 287 2.53 -16.45 -28.24
C ILE A 287 3.26 -17.57 -27.53
N ALA A 288 2.71 -18.78 -27.68
CA ALA A 288 3.27 -19.97 -27.05
C ALA A 288 2.45 -21.15 -27.52
N LYS A 289 2.96 -22.35 -27.25
CA LYS A 289 2.30 -23.59 -27.65
C LYS A 289 1.98 -23.59 -29.14
N GLY A 290 0.97 -22.82 -29.55
CA GLY A 290 0.61 -22.69 -30.95
C GLY A 290 1.81 -22.47 -31.84
N LEU A 291 2.88 -21.91 -31.26
CA LEU A 291 4.12 -21.75 -32.01
C LEU A 291 4.72 -23.10 -32.37
N SER A 292 4.90 -23.97 -31.37
CA SER A 292 5.40 -25.32 -31.60
C SER A 292 4.29 -26.32 -31.85
N SER A 293 3.06 -25.84 -32.08
CA SER A 293 1.91 -26.71 -32.30
C SER A 293 1.86 -27.84 -31.28
N GLY A 294 2.20 -27.51 -30.03
CA GLY A 294 2.16 -28.44 -28.93
C GLY A 294 3.40 -29.30 -28.79
N TYR A 295 4.38 -29.13 -29.66
CA TYR A 295 5.51 -30.05 -29.72
C TYR A 295 6.66 -29.64 -28.84
N MET A 296 6.79 -28.35 -28.55
CA MET A 296 7.89 -27.90 -27.71
C MET A 296 7.39 -26.84 -26.75
N PRO A 297 7.92 -26.81 -25.53
CA PRO A 297 7.67 -25.66 -24.65
C PRO A 297 8.47 -24.49 -25.18
N ILE A 298 7.81 -23.34 -25.31
CA ILE A 298 8.45 -22.15 -25.85
C ILE A 298 7.41 -21.03 -25.82
N GLY A 299 7.86 -19.83 -25.45
CA GLY A 299 6.98 -18.68 -25.39
C GLY A 299 7.53 -17.51 -26.14
N GLY A 300 6.72 -16.87 -26.96
CA GLY A 300 7.14 -15.73 -27.75
C GLY A 300 6.38 -14.49 -27.34
N VAL A 301 7.07 -13.36 -27.31
CA VAL A 301 6.48 -12.07 -26.98
C VAL A 301 6.93 -11.08 -28.05
N MET A 302 6.10 -10.89 -29.07
CA MET A 302 6.44 -10.02 -30.17
C MET A 302 6.20 -8.56 -29.81
N VAL A 303 6.86 -7.68 -30.56
CA VAL A 303 6.90 -6.26 -30.26
C VAL A 303 6.71 -5.46 -31.54
N SER A 304 6.16 -4.26 -31.38
CA SER A 304 5.97 -3.36 -32.50
C SER A 304 7.25 -2.58 -32.78
N ASP A 305 7.37 -2.06 -34.01
CA ASP A 305 8.48 -1.18 -34.31
C ASP A 305 8.39 0.13 -33.55
N ARG A 306 7.26 0.41 -32.91
CA ARG A 306 7.16 1.53 -31.98
C ARG A 306 7.94 1.22 -30.70
N VAL A 307 7.38 0.32 -29.88
CA VAL A 307 7.95 -0.03 -28.58
C VAL A 307 9.44 -0.33 -28.69
N ALA A 308 9.86 -0.92 -29.81
CA ALA A 308 11.25 -1.32 -29.98
C ALA A 308 12.18 -0.11 -29.94
N LYS A 309 12.01 0.80 -30.91
CA LYS A 309 12.91 1.95 -31.08
C LYS A 309 13.24 2.59 -29.75
N VAL A 310 12.28 2.56 -28.82
CA VAL A 310 12.48 3.14 -27.49
C VAL A 310 13.41 2.27 -26.66
N VAL A 311 13.13 0.97 -26.56
CA VAL A 311 13.93 0.13 -25.68
C VAL A 311 15.39 0.15 -26.12
N ILE A 312 15.64 0.23 -27.42
CA ILE A 312 17.02 0.25 -27.90
C ILE A 312 17.58 1.68 -27.83
N GLU A 313 16.77 2.67 -28.23
CA GLU A 313 17.11 4.05 -27.90
C GLU A 313 17.44 4.04 -26.40
N GLU A 314 18.71 3.78 -26.04
CA GLU A 314 19.07 3.65 -24.63
C GLU A 314 18.53 2.33 -24.09
N GLY A 315 19.12 1.21 -24.50
CA GLY A 315 18.77 -0.09 -23.98
C GLY A 315 19.52 -0.43 -22.72
N GLY A 316 19.71 -1.72 -22.49
CA GLY A 316 20.47 -2.17 -21.33
C GLY A 316 19.86 -3.34 -20.58
N GLU A 317 18.53 -3.32 -20.42
CA GLU A 317 17.82 -4.39 -19.73
C GLU A 317 17.16 -5.37 -20.68
N PHE A 318 16.80 -4.92 -21.88
CA PHE A 318 16.20 -5.76 -22.90
C PHE A 318 17.00 -5.69 -24.19
N PHE A 319 18.19 -5.10 -24.16
CA PHE A 319 19.22 -5.33 -25.15
C PHE A 319 19.87 -6.70 -24.97
N HIS A 320 19.39 -7.50 -24.01
CA HIS A 320 19.96 -8.81 -23.72
C HIS A 320 19.29 -9.92 -24.52
N GLY A 321 17.96 -9.96 -24.55
CA GLY A 321 17.26 -11.05 -25.20
C GLY A 321 17.21 -10.96 -26.71
N TYR A 322 16.76 -9.81 -27.24
CA TYR A 322 16.75 -9.62 -28.68
C TYR A 322 18.06 -10.08 -29.30
N THR A 323 19.18 -9.71 -28.67
CA THR A 323 20.48 -10.22 -29.10
C THR A 323 20.65 -11.69 -28.76
N TYR A 324 20.01 -12.16 -27.68
CA TYR A 324 20.11 -13.57 -27.29
C TYR A 324 19.20 -13.95 -26.13
N SER A 325 18.15 -14.72 -26.41
CA SER A 325 17.32 -15.36 -25.38
C SER A 325 16.37 -16.32 -26.07
N GLY A 326 15.73 -17.18 -25.27
CA GLY A 326 14.95 -18.30 -25.80
C GLY A 326 15.65 -19.63 -25.57
N HIS A 327 15.51 -20.58 -26.48
CA HIS A 327 16.14 -21.89 -26.35
C HIS A 327 16.36 -22.55 -27.71
N PRO A 328 17.54 -23.16 -27.96
CA PRO A 328 17.78 -23.74 -29.30
C PRO A 328 16.73 -24.77 -29.69
N VAL A 329 16.66 -25.86 -28.94
CA VAL A 329 15.81 -26.99 -29.32
C VAL A 329 14.38 -26.53 -29.48
N ALA A 331 14.01 -25.41 -28.87
CA ALA A 331 12.68 -24.85 -29.12
C ALA A 331 12.55 -24.28 -30.53
N ALA A 332 13.68 -24.09 -31.23
CA ALA A 332 13.60 -23.73 -32.64
C ALA A 332 12.84 -24.77 -33.45
N VAL A 333 12.56 -25.93 -32.87
CA VAL A 333 11.59 -26.85 -33.47
C VAL A 333 10.52 -26.09 -34.23
N ALA A 334 9.81 -25.20 -33.53
CA ALA A 334 8.77 -24.42 -34.20
C ALA A 334 9.36 -23.64 -35.36
N ALA A 335 10.68 -23.37 -35.35
CA ALA A 335 11.32 -22.80 -36.53
C ALA A 335 11.02 -23.62 -37.78
N GLU A 336 10.64 -24.90 -37.62
CA GLU A 336 10.10 -25.66 -38.73
C GLU A 336 8.60 -25.89 -38.63
N ASN A 337 8.00 -25.64 -37.46
CA ASN A 337 6.55 -25.74 -37.35
C ASN A 337 5.84 -24.70 -38.20
N ILE A 338 6.46 -23.53 -38.36
CA ILE A 338 5.85 -22.46 -39.16
C ILE A 338 6.19 -22.63 -40.64
N ARG A 339 7.46 -22.88 -40.94
CA ARG A 339 7.88 -23.09 -42.32
C ARG A 339 7.07 -24.21 -43.00
N ILE A 340 6.94 -25.35 -42.32
CA ILE A 340 6.08 -26.43 -42.80
C ILE A 340 4.61 -26.11 -42.62
N MET A 341 4.29 -25.01 -41.95
CA MET A 341 2.93 -24.48 -42.02
C MET A 341 2.77 -23.46 -43.13
N ARG A 342 3.86 -22.93 -43.67
CA ARG A 342 3.79 -21.93 -44.72
C ARG A 342 3.60 -22.57 -46.08
N ASP A 343 4.62 -23.33 -46.51
CA ASP A 343 4.69 -23.89 -47.86
C ASP A 343 3.40 -24.65 -48.22
N GLU A 344 3.10 -25.71 -47.46
CA GLU A 344 1.92 -26.51 -47.74
C GLU A 344 0.64 -25.68 -47.78
N GLY A 345 0.70 -24.44 -47.31
CA GLY A 345 -0.44 -23.55 -47.36
C GLY A 345 -1.59 -24.02 -46.51
N ILE A 346 -1.32 -24.31 -45.25
CA ILE A 346 -2.36 -24.87 -44.38
C ILE A 346 -3.30 -23.77 -43.90
N ILE A 347 -2.76 -22.74 -43.25
CA ILE A 347 -3.59 -21.60 -42.87
C ILE A 347 -4.35 -21.10 -44.08
N GLU A 348 -3.76 -21.23 -45.27
CA GLU A 348 -4.40 -20.88 -46.53
C GLU A 348 -5.70 -21.65 -46.69
N ARG A 349 -5.60 -22.92 -47.10
CA ARG A 349 -6.80 -23.75 -47.19
C ARG A 349 -7.62 -23.65 -45.90
N ALA A 350 -6.95 -23.65 -44.76
CA ALA A 350 -7.67 -23.54 -43.49
C ALA A 350 -8.62 -22.35 -43.51
N GLY A 351 -8.09 -21.18 -43.82
CA GLY A 351 -8.86 -19.96 -43.71
C GLY A 351 -9.96 -19.80 -44.74
N ALA A 352 -9.59 -19.83 -46.01
CA ALA A 352 -10.54 -19.51 -47.07
C ALA A 352 -11.38 -20.71 -47.47
N GLU A 353 -10.78 -21.89 -47.53
CA GLU A 353 -11.49 -23.08 -48.01
C GLU A 353 -12.39 -23.68 -46.93
N ILE A 354 -11.78 -24.21 -45.86
CA ILE A 354 -12.47 -25.14 -44.98
C ILE A 354 -13.26 -24.44 -43.90
N ALA A 355 -12.76 -23.31 -43.39
CA ALA A 355 -13.45 -22.62 -42.32
C ALA A 355 -14.89 -22.25 -42.69
N PRO A 356 -15.12 -21.46 -43.75
CA PRO A 356 -16.53 -21.11 -44.07
C PRO A 356 -17.45 -22.31 -44.11
N TYR A 357 -16.99 -23.42 -44.70
CA TYR A 357 -17.73 -24.67 -44.63
C TYR A 357 -18.10 -24.99 -43.18
N LEU A 358 -17.10 -25.02 -42.30
CA LEU A 358 -17.34 -25.42 -40.90
C LEU A 358 -18.38 -24.50 -40.26
N GLN A 359 -18.16 -23.19 -40.33
CA GLN A 359 -19.01 -22.25 -39.59
C GLN A 359 -20.49 -22.43 -39.89
N ALA A 360 -20.92 -22.16 -41.12
CA ALA A 360 -22.32 -22.30 -41.46
C ALA A 360 -22.87 -23.65 -41.04
N ARG A 361 -22.01 -24.67 -40.97
CA ARG A 361 -22.45 -26.02 -40.60
C ARG A 361 -22.49 -26.22 -39.09
N TRP A 362 -21.40 -25.91 -38.38
CA TRP A 362 -21.45 -25.98 -36.91
C TRP A 362 -22.55 -25.07 -36.39
N ARG A 363 -22.70 -23.89 -37.00
CA ARG A 363 -23.78 -22.95 -36.70
C ARG A 363 -25.09 -23.59 -37.17
N GLU A 364 -25.56 -24.56 -36.39
CA GLU A 364 -26.76 -25.30 -36.73
C GLU A 364 -27.34 -25.90 -35.45
N LEU A 365 -27.67 -25.04 -34.47
CA LEU A 365 -28.48 -25.48 -33.33
C LEU A 365 -29.82 -26.00 -33.81
N GLY A 366 -30.18 -25.70 -35.06
CA GLY A 366 -31.29 -26.32 -35.75
C GLY A 366 -32.55 -26.48 -34.93
N GLU A 367 -32.67 -27.62 -34.27
CA GLU A 367 -33.85 -27.93 -33.48
C GLU A 367 -33.43 -28.66 -32.21
N HIS A 368 -32.42 -28.12 -31.53
CA HIS A 368 -31.80 -28.78 -30.40
C HIS A 368 -32.05 -28.00 -29.12
N PRO A 369 -33.09 -28.35 -28.36
CA PRO A 369 -33.39 -27.60 -27.13
C PRO A 369 -32.19 -27.43 -26.21
N LEU A 370 -31.10 -28.14 -26.47
CA LEU A 370 -29.88 -27.91 -25.72
C LEU A 370 -29.10 -26.72 -26.23
N VAL A 371 -29.23 -26.37 -27.51
CA VAL A 371 -28.44 -25.31 -28.10
C VAL A 371 -29.37 -24.17 -28.51
N GLY A 372 -29.01 -22.95 -28.13
CA GLY A 372 -29.76 -21.76 -28.47
C GLY A 372 -28.85 -20.63 -28.92
N GLU A 373 -27.59 -20.69 -28.48
CA GLU A 373 -26.51 -19.87 -28.99
C GLU A 373 -25.67 -20.73 -29.93
N ALA A 374 -25.10 -20.10 -30.95
CA ALA A 374 -24.26 -20.84 -31.90
C ALA A 374 -23.27 -19.86 -32.55
N ARG A 375 -22.06 -19.81 -32.01
CA ARG A 375 -21.04 -18.87 -32.46
C ARG A 375 -19.80 -19.62 -32.95
N GLY A 376 -19.19 -19.10 -34.01
CA GLY A 376 -17.96 -19.67 -34.55
C GLY A 376 -17.21 -18.69 -35.41
N VAL A 377 -15.88 -18.84 -35.45
CA VAL A 377 -15.00 -17.93 -36.16
C VAL A 377 -13.77 -18.68 -36.62
N GLY A 378 -13.29 -18.36 -37.82
CA GLY A 378 -12.04 -18.91 -38.33
C GLY A 378 -11.95 -20.42 -38.17
N MET A 379 -11.09 -20.87 -37.27
CA MET A 379 -10.97 -22.28 -36.89
C MET A 379 -11.20 -22.37 -35.38
N VAL A 380 -12.46 -22.22 -34.96
CA VAL A 380 -12.81 -22.23 -33.54
C VAL A 380 -14.27 -21.82 -33.38
N ALA A 381 -15.02 -22.55 -32.56
CA ALA A 381 -16.44 -22.27 -32.37
C ALA A 381 -16.88 -22.89 -31.05
N ALA A 382 -18.16 -22.70 -30.73
CA ALA A 382 -18.74 -23.29 -29.54
C ALA A 382 -20.25 -23.21 -29.65
N LEU A 383 -20.94 -23.57 -28.56
CA LEU A 383 -22.39 -23.39 -28.45
C LEU A 383 -22.80 -23.67 -27.01
N GLU A 384 -23.62 -22.80 -26.44
CA GLU A 384 -24.04 -22.94 -25.05
C GLU A 384 -25.17 -23.95 -24.93
N LEU A 385 -25.15 -24.71 -23.85
CA LEU A 385 -26.19 -25.68 -23.55
C LEU A 385 -27.26 -25.03 -22.67
N VAL A 386 -28.52 -25.42 -22.89
CA VAL A 386 -29.63 -24.77 -22.20
C VAL A 386 -30.71 -25.79 -21.85
N LYS A 387 -31.34 -25.60 -20.69
CA LYS A 387 -32.48 -26.40 -20.28
C LYS A 387 -33.65 -26.23 -21.23
N SER A 388 -34.18 -25.01 -21.32
CA SER A 388 -35.31 -24.68 -22.17
C SER A 388 -34.92 -23.45 -22.98
N LYS A 389 -35.02 -23.55 -24.30
CA LYS A 389 -34.63 -22.43 -25.15
C LYS A 389 -35.80 -21.62 -25.68
N GLN A 390 -37.02 -22.16 -25.69
CA GLN A 390 -38.19 -21.34 -25.98
C GLN A 390 -38.15 -20.14 -25.03
N PRO A 391 -38.16 -20.35 -23.70
CA PRO A 391 -37.65 -19.32 -22.80
C PRO A 391 -36.19 -19.57 -22.48
N LEU A 392 -35.30 -18.72 -23.01
CA LEU A 392 -33.88 -18.87 -22.76
C LEU A 392 -33.60 -19.23 -21.32
N GLU A 393 -32.91 -20.34 -21.10
CA GLU A 393 -32.69 -20.80 -19.74
C GLU A 393 -31.36 -21.51 -19.64
N ARG A 394 -30.86 -21.61 -18.41
CA ARG A 394 -29.75 -22.47 -18.05
C ARG A 394 -30.21 -23.39 -16.94
N PHE A 395 -29.36 -24.33 -16.56
CA PHE A 395 -29.77 -25.23 -15.50
C PHE A 395 -29.64 -24.54 -14.14
N GLU A 396 -30.20 -25.17 -13.12
CA GLU A 396 -30.06 -24.67 -11.76
C GLU A 396 -28.61 -24.71 -11.30
N GLU A 397 -27.78 -25.53 -11.94
CA GLU A 397 -26.33 -25.50 -11.72
C GLU A 397 -25.65 -25.78 -13.05
N PRO A 398 -25.38 -24.73 -13.82
CA PRO A 398 -24.48 -24.87 -14.98
C PRO A 398 -23.11 -25.40 -14.57
N GLY A 399 -22.87 -26.68 -14.80
CA GLY A 399 -21.65 -27.31 -14.35
C GLY A 399 -21.90 -28.71 -13.84
N LYS A 400 -22.99 -28.88 -13.11
CA LYS A 400 -23.48 -30.21 -12.75
C LYS A 400 -23.96 -30.98 -13.96
N VAL A 401 -24.17 -30.32 -15.11
CA VAL A 401 -24.76 -30.95 -16.28
C VAL A 401 -23.86 -30.83 -17.51
N GLY A 402 -23.15 -29.70 -17.66
CA GLY A 402 -22.28 -29.55 -18.80
C GLY A 402 -21.19 -30.61 -18.87
N SER A 403 -20.45 -30.76 -17.76
CA SER A 403 -19.43 -31.79 -17.67
C SER A 403 -20.01 -33.19 -17.79
N LEU A 404 -21.33 -33.34 -17.65
CA LEU A 404 -21.98 -34.61 -17.88
C LEU A 404 -22.20 -34.87 -19.38
N CYS A 405 -21.54 -34.08 -20.26
CA CYS A 405 -21.61 -34.29 -21.71
C CYS A 405 -20.26 -34.39 -22.39
N ARG A 406 -19.27 -33.57 -22.00
CA ARG A 406 -17.90 -33.78 -22.44
C ARG A 406 -17.57 -35.27 -22.38
N ASP A 407 -17.70 -35.85 -21.19
CA ASP A 407 -17.67 -37.31 -21.07
C ASP A 407 -18.55 -37.94 -22.14
N LEU A 408 -19.82 -37.51 -22.21
CA LEU A 408 -20.71 -38.04 -23.23
C LEU A 408 -20.27 -37.65 -24.63
N SER A 409 -19.13 -36.98 -24.74
CA SER A 409 -18.46 -36.77 -26.02
C SER A 409 -17.34 -37.78 -26.22
N VAL A 410 -16.36 -37.81 -25.31
CA VAL A 410 -15.25 -38.75 -25.44
C VAL A 410 -15.77 -40.18 -25.34
N LYS A 411 -16.54 -40.49 -24.31
CA LYS A 411 -17.13 -41.82 -24.19
C LYS A 411 -18.02 -42.13 -25.39
N ASN A 412 -18.61 -41.09 -25.99
CA ASN A 412 -19.38 -41.24 -27.23
C ASN A 412 -18.51 -41.14 -28.46
N GLY A 413 -17.36 -40.48 -28.36
CA GLY A 413 -16.42 -40.42 -29.46
C GLY A 413 -16.13 -39.04 -30.03
N LEU A 414 -16.05 -38.01 -29.18
CA LEU A 414 -15.55 -36.73 -29.67
C LEU A 414 -14.91 -35.98 -28.51
N VAL A 415 -13.84 -35.26 -28.82
CA VAL A 415 -13.06 -34.56 -27.81
C VAL A 415 -13.56 -33.12 -27.77
N MET A 416 -14.43 -32.84 -26.81
CA MET A 416 -14.88 -31.52 -26.45
C MET A 416 -14.54 -31.29 -24.98
N ARG A 417 -14.51 -30.02 -24.59
CA ARG A 417 -14.43 -29.59 -23.20
C ARG A 417 -15.66 -28.73 -22.97
N ALA A 418 -15.95 -28.46 -21.71
CA ALA A 418 -17.12 -27.67 -21.35
C ALA A 418 -16.77 -26.79 -20.16
N VAL A 419 -16.71 -25.47 -20.35
CA VAL A 419 -16.37 -24.59 -19.25
C VAL A 419 -17.39 -24.71 -18.13
N GLY A 420 -18.54 -25.32 -18.39
CA GLY A 420 -19.56 -25.56 -17.37
C GLY A 420 -20.88 -25.92 -18.01
N GLY A 421 -21.16 -25.29 -19.16
CA GLY A 421 -22.32 -25.60 -19.97
C GLY A 421 -22.07 -25.19 -21.41
N THR A 422 -20.92 -24.59 -21.67
CA THR A 422 -20.58 -24.06 -23.00
C THR A 422 -19.62 -25.05 -23.65
N MET A 423 -20.15 -25.89 -24.55
CA MET A 423 -19.33 -26.88 -25.22
C MET A 423 -18.41 -26.20 -26.24
N ILE A 424 -17.18 -26.71 -26.35
CA ILE A 424 -16.13 -26.04 -27.10
C ILE A 424 -15.48 -27.01 -28.08
N ILE A 425 -14.88 -26.45 -29.12
CA ILE A 425 -14.08 -27.22 -30.05
C ILE A 425 -12.99 -26.33 -30.63
N SER A 426 -11.77 -26.89 -30.71
CA SER A 426 -10.65 -26.23 -31.37
C SER A 426 -9.84 -27.31 -32.08
N PRO A 427 -10.13 -27.57 -33.35
CA PRO A 427 -9.42 -28.65 -34.05
C PRO A 427 -8.17 -28.13 -34.73
N PRO A 428 -7.14 -28.97 -34.92
CA PRO A 428 -6.00 -28.56 -35.73
C PRO A 428 -6.44 -28.16 -37.13
N LEU A 429 -5.53 -27.51 -37.83
CA LEU A 429 -5.84 -26.75 -39.03
C LEU A 429 -5.79 -27.61 -40.28
N VAL A 430 -5.21 -28.80 -40.20
CA VAL A 430 -5.17 -29.73 -41.32
C VAL A 430 -6.53 -30.35 -41.62
N LEU A 431 -7.53 -30.08 -40.78
CA LEU A 431 -8.81 -30.76 -40.90
C LEU A 431 -9.36 -30.62 -42.32
N SER A 432 -10.11 -31.64 -42.74
CA SER A 432 -10.62 -31.72 -44.09
C SER A 432 -12.13 -31.51 -44.09
N ARG A 433 -12.67 -31.39 -45.30
CA ARG A 433 -14.10 -31.33 -45.51
C ARG A 433 -14.81 -32.55 -44.95
N GLU A 434 -14.55 -33.72 -45.53
CA GLU A 434 -15.24 -34.92 -45.08
C GLU A 434 -15.08 -35.10 -43.56
N GLN A 435 -13.93 -34.73 -43.02
CA GLN A 435 -13.72 -34.77 -41.59
C GLN A 435 -14.54 -33.72 -40.85
N VAL A 436 -15.20 -32.81 -41.56
CA VAL A 436 -16.06 -31.84 -40.89
C VAL A 436 -17.35 -32.52 -40.43
N ASP A 437 -18.08 -33.12 -41.37
CA ASP A 437 -19.35 -33.77 -41.03
C ASP A 437 -19.18 -34.83 -39.95
N GLU A 438 -17.99 -35.40 -39.79
CA GLU A 438 -17.83 -36.55 -38.90
C GLU A 438 -18.07 -36.17 -37.45
N LEU A 439 -17.41 -35.11 -36.97
CA LEU A 439 -17.65 -34.66 -35.59
C LEU A 439 -19.09 -34.20 -35.40
N ILE A 440 -19.73 -33.74 -36.48
CA ILE A 440 -21.02 -33.05 -36.41
C ILE A 440 -22.13 -33.99 -35.97
N ASP A 441 -22.50 -34.92 -36.85
CA ASP A 441 -23.45 -35.96 -36.46
C ASP A 441 -23.03 -36.60 -35.14
N LYS A 442 -21.74 -36.89 -35.00
CA LYS A 442 -21.21 -37.45 -33.77
C LYS A 442 -21.58 -36.60 -32.56
N ALA A 443 -21.31 -35.28 -32.65
CA ALA A 443 -21.73 -34.38 -31.57
C ALA A 443 -23.26 -34.33 -31.51
N ARG A 444 -23.91 -34.17 -32.66
CA ARG A 444 -25.36 -34.32 -32.70
C ARG A 444 -25.77 -35.61 -32.01
N ARG A 445 -25.11 -36.72 -32.38
CA ARG A 445 -25.33 -37.98 -31.69
C ARG A 445 -25.10 -37.83 -30.19
N THR A 446 -24.24 -36.90 -29.79
CA THR A 446 -24.09 -36.54 -28.38
C THR A 446 -25.09 -35.47 -27.95
N LEU A 447 -25.71 -34.76 -28.88
CA LEU A 447 -26.74 -33.79 -28.53
C LEU A 447 -28.07 -34.49 -28.23
N ASP A 448 -28.58 -35.26 -29.20
CA ASP A 448 -29.86 -35.94 -29.03
C ASP A 448 -29.84 -36.81 -27.77
N GLU A 449 -28.71 -37.47 -27.51
CA GLU A 449 -28.52 -38.28 -26.32
C GLU A 449 -28.57 -37.41 -25.07
N THR A 450 -27.59 -36.52 -24.90
CA THR A 450 -27.58 -35.66 -23.72
C THR A 450 -28.85 -34.83 -23.64
N HIS A 451 -29.48 -34.52 -24.78
CA HIS A 451 -30.73 -33.78 -24.76
C HIS A 451 -31.83 -34.51 -24.03
N LYS A 452 -31.82 -35.84 -24.07
CA LYS A 452 -32.92 -36.63 -23.51
C LYS A 452 -32.56 -37.38 -22.24
N ALA A 453 -31.27 -37.63 -22.00
CA ALA A 453 -30.87 -38.35 -20.78
C ALA A 453 -31.30 -37.57 -19.54
N ILE A 454 -31.03 -36.26 -19.53
CA ILE A 454 -31.49 -35.39 -18.45
C ILE A 454 -32.92 -34.92 -18.67
N GLY A 455 -33.52 -35.23 -19.82
CA GLY A 455 -34.92 -34.95 -20.03
C GLY A 455 -35.84 -35.78 -19.17
N GLY A 456 -35.31 -36.81 -18.52
CA GLY A 456 -36.12 -37.66 -17.67
C GLY A 456 -35.87 -37.48 -16.19
N ALA A 457 -34.85 -36.71 -15.84
CA ALA A 457 -34.49 -36.53 -14.45
C ALA A 457 -35.38 -35.46 -13.80
N LEU A 458 -35.07 -35.13 -12.55
CA LEU A 458 -35.66 -33.99 -11.87
C LEU A 458 -34.85 -32.71 -12.11
N GLU A 459 -33.89 -32.74 -13.04
CA GLU A 459 -33.11 -31.58 -13.43
C GLU A 459 -33.83 -30.79 -14.52
N GLU B 71 27.79 -23.98 -18.92
CA GLU B 71 27.98 -25.19 -18.12
C GLU B 71 27.40 -25.04 -16.72
N LEU B 72 26.58 -24.01 -16.51
CA LEU B 72 25.92 -23.78 -15.22
C LEU B 72 24.59 -24.53 -15.19
N ALA B 73 23.61 -24.06 -15.95
CA ALA B 73 22.30 -24.69 -16.04
C ALA B 73 22.45 -26.21 -16.19
N GLU B 74 23.01 -26.65 -17.32
CA GLU B 74 23.34 -28.05 -17.51
C GLU B 74 24.27 -28.53 -16.41
N VAL B 75 24.33 -29.85 -16.23
CA VAL B 75 25.01 -30.43 -15.08
C VAL B 75 25.96 -31.58 -15.42
N ALA B 76 25.50 -32.54 -16.23
CA ALA B 76 26.30 -33.71 -16.55
C ALA B 76 26.16 -34.09 -18.02
N TYR B 77 27.25 -34.58 -18.60
CA TYR B 77 27.32 -35.03 -20.00
C TYR B 77 27.58 -33.87 -20.96
N ARG B 78 28.86 -33.57 -21.21
CA ARG B 78 29.21 -32.35 -21.93
C ARG B 78 28.40 -32.17 -23.20
N GLN B 79 28.12 -33.27 -23.94
CA GLN B 79 27.38 -33.23 -25.19
C GLN B 79 27.37 -34.64 -25.80
N MET B 80 26.75 -34.79 -26.97
CA MET B 80 26.82 -36.03 -27.75
C MET B 80 26.14 -37.24 -27.13
N GLN B 81 25.67 -37.14 -25.89
CA GLN B 81 24.86 -38.21 -25.30
C GLN B 81 23.44 -38.13 -25.84
N GLU B 82 22.94 -39.24 -26.40
CA GLU B 82 21.60 -39.27 -26.96
C GLU B 82 20.59 -39.78 -25.92
N LEU B 83 19.33 -39.43 -26.13
CA LEU B 83 18.28 -39.56 -25.12
C LEU B 83 16.98 -39.98 -25.77
N PRO B 84 15.98 -40.44 -24.98
CA PRO B 84 14.73 -40.90 -25.61
C PRO B 84 13.94 -39.75 -26.20
N TYR B 85 14.58 -39.01 -27.10
CA TYR B 85 13.89 -37.99 -27.89
C TYR B 85 12.77 -38.69 -28.65
N TYR B 86 12.07 -37.95 -29.51
CA TYR B 86 10.89 -38.46 -30.18
C TYR B 86 10.11 -39.44 -29.30
N ASN B 87 10.03 -39.15 -27.99
CA ASN B 87 9.25 -39.99 -27.07
C ASN B 87 7.78 -39.89 -27.44
N ASN B 88 7.44 -40.34 -28.64
CA ASN B 88 6.19 -39.95 -29.26
C ASN B 88 6.07 -38.44 -29.22
N PHE B 89 4.90 -37.94 -29.58
CA PHE B 89 4.65 -36.55 -29.90
C PHE B 89 3.24 -36.27 -29.43
N PHE B 90 3.14 -35.59 -28.29
CA PHE B 90 1.89 -35.52 -27.56
C PHE B 90 1.91 -34.28 -26.68
N GLN B 91 0.85 -34.13 -25.89
CA GLN B 91 0.65 -32.97 -25.03
C GLN B 91 -0.56 -33.28 -24.18
N CYS B 92 -0.43 -34.29 -23.31
CA CYS B 92 -1.60 -34.83 -22.62
C CYS B 92 -1.82 -34.16 -21.28
N SER B 93 -2.97 -34.46 -20.69
CA SER B 93 -3.41 -33.87 -19.44
C SER B 93 -4.56 -34.72 -18.89
N HIS B 94 -5.79 -34.25 -19.08
CA HIS B 94 -6.95 -34.99 -18.57
C HIS B 94 -7.13 -36.34 -19.24
N PRO B 95 -7.19 -36.43 -20.56
CA PRO B 95 -7.48 -37.73 -21.20
C PRO B 95 -6.32 -38.68 -21.04
N PRO B 96 -6.51 -39.96 -21.36
CA PRO B 96 -5.43 -40.93 -21.22
C PRO B 96 -4.09 -40.45 -21.74
N ALA B 97 -3.05 -41.20 -21.42
CA ALA B 97 -1.70 -40.82 -21.80
C ALA B 97 -0.98 -42.04 -22.33
N ILE B 98 0.18 -41.78 -22.90
CA ILE B 98 1.08 -42.83 -23.35
C ILE B 98 2.18 -42.95 -22.32
N GLU B 99 2.83 -44.11 -22.31
CA GLU B 99 4.04 -44.34 -21.50
C GLU B 99 4.01 -43.58 -20.19
N LEU B 100 2.83 -43.41 -19.60
CA LEU B 100 2.67 -42.71 -18.34
C LEU B 100 2.97 -41.22 -18.50
N SER B 101 4.21 -40.90 -18.92
CA SER B 101 4.69 -39.54 -19.18
C SER B 101 5.63 -39.08 -18.08
N ARG B 102 5.10 -38.35 -17.09
CA ARG B 102 5.90 -37.60 -16.12
C ARG B 102 5.94 -38.36 -14.81
N LEU B 103 6.24 -39.66 -14.90
CA LEU B 103 6.30 -40.55 -13.75
C LEU B 103 7.79 -40.72 -13.46
N LEU B 104 8.36 -39.68 -12.87
CA LEU B 104 9.78 -39.59 -12.63
C LEU B 104 10.09 -40.22 -11.27
N SER B 105 11.23 -39.86 -10.69
CA SER B 105 11.77 -40.59 -9.56
C SER B 105 11.96 -39.68 -8.36
N GLU B 106 12.50 -40.29 -7.29
CA GLU B 106 12.71 -39.64 -6.00
C GLU B 106 14.09 -40.12 -5.54
N VAL B 107 15.11 -39.32 -5.83
CA VAL B 107 16.50 -39.72 -5.64
C VAL B 107 17.09 -38.77 -4.59
N THR B 108 17.02 -39.19 -3.35
CA THR B 108 17.65 -38.54 -2.21
C THR B 108 17.10 -37.15 -1.87
N PRO B 109 15.80 -36.86 -2.11
CA PRO B 109 15.23 -35.65 -1.51
C PRO B 109 14.84 -35.91 -0.07
N LYS B 110 14.41 -37.15 0.19
CA LYS B 110 14.24 -37.73 1.53
C LYS B 110 12.83 -37.49 2.06
N HIS B 111 12.58 -36.42 2.81
CA HIS B 111 11.23 -36.17 3.28
C HIS B 111 10.34 -35.57 2.20
N MET B 112 10.82 -35.54 0.95
CA MET B 112 10.05 -35.02 -0.18
C MET B 112 9.58 -36.17 -1.06
N ASN B 113 8.27 -36.25 -1.27
CA ASN B 113 7.69 -37.34 -2.06
C ASN B 113 6.63 -36.80 -3.01
N HIS B 114 6.73 -35.52 -3.37
CA HIS B 114 5.85 -34.91 -4.37
C HIS B 114 6.66 -33.95 -5.23
N VAL B 115 5.97 -33.31 -6.19
CA VAL B 115 6.63 -32.38 -7.11
C VAL B 115 5.62 -31.79 -8.08
N PHE B 116 5.81 -30.51 -8.44
CA PHE B 116 4.95 -29.80 -9.38
C PHE B 116 5.81 -29.36 -10.55
N PHE B 117 5.53 -29.93 -11.73
CA PHE B 117 6.36 -29.71 -12.91
C PHE B 117 6.06 -28.36 -13.54
N THR B 118 7.10 -27.74 -14.09
CA THR B 118 7.05 -26.32 -14.46
C THR B 118 7.84 -26.09 -15.74
N GLY B 119 7.66 -24.90 -16.31
CA GLY B 119 8.35 -24.56 -17.54
C GLY B 119 9.81 -24.22 -17.37
N SER B 120 10.10 -23.19 -16.60
CA SER B 120 11.46 -22.74 -16.33
C SER B 120 11.63 -22.52 -14.84
N GLY B 121 12.89 -22.42 -14.41
CA GLY B 121 13.18 -22.04 -13.04
C GLY B 121 12.58 -20.71 -12.65
N SER B 122 12.24 -19.88 -13.63
CA SER B 122 11.51 -18.64 -13.36
C SER B 122 10.08 -18.95 -12.95
N ASP B 123 9.35 -19.64 -13.83
CA ASP B 123 7.98 -20.06 -13.56
C ASP B 123 7.91 -21.14 -12.49
N SER B 124 9.06 -21.69 -12.07
CA SER B 124 9.09 -22.66 -10.97
C SER B 124 9.02 -21.96 -9.62
N ASN B 125 9.95 -21.04 -9.38
CA ASN B 125 10.02 -20.22 -8.17
C ASN B 125 8.81 -19.31 -8.03
N ASP B 126 7.95 -19.22 -9.05
CA ASP B 126 6.77 -18.39 -8.98
C ASP B 126 5.56 -19.13 -8.42
N THR B 127 5.46 -20.44 -8.66
CA THR B 127 4.38 -21.26 -8.14
C THR B 127 4.68 -21.78 -6.74
N ILE B 128 5.92 -21.61 -6.26
CA ILE B 128 6.25 -21.90 -4.87
C ILE B 128 5.81 -20.79 -3.94
N LEU B 129 5.13 -19.76 -4.45
CA LEU B 129 4.74 -18.61 -3.65
C LEU B 129 3.24 -18.57 -3.38
N ARG B 130 2.41 -18.65 -4.43
CA ARG B 130 0.99 -18.88 -4.20
C ARG B 130 0.79 -20.06 -3.26
N MET B 131 1.52 -21.15 -3.50
CA MET B 131 1.46 -22.31 -2.62
C MET B 131 1.91 -21.94 -1.22
N VAL B 132 3.09 -21.32 -1.09
CA VAL B 132 3.58 -20.85 0.20
C VAL B 132 2.43 -20.18 0.94
N ARG B 133 1.87 -19.12 0.37
CA ARG B 133 0.80 -18.42 1.08
C ARG B 133 -0.47 -19.26 1.12
N TYR B 134 -0.80 -19.95 0.02
CA TYR B 134 -1.97 -20.81 0.05
C TYR B 134 -1.91 -21.78 1.21
N TYR B 135 -0.70 -22.10 1.68
CA TYR B 135 -0.51 -22.94 2.87
C TYR B 135 -1.05 -22.24 4.09
N TRP B 136 -0.34 -21.21 4.57
CA TRP B 136 -0.76 -20.52 5.77
C TRP B 136 -2.22 -20.09 5.71
N LYS B 137 -2.73 -19.77 4.51
CA LYS B 137 -4.15 -19.48 4.36
C LYS B 137 -4.99 -20.62 4.94
N LEU B 138 -4.81 -21.82 4.41
CA LEU B 138 -5.58 -23.00 4.81
C LEU B 138 -5.20 -23.52 6.19
N LEU B 139 -4.23 -22.91 6.85
CA LEU B 139 -4.06 -23.07 8.29
C LEU B 139 -4.85 -22.04 9.09
N GLY B 140 -5.26 -20.94 8.46
CA GLY B 140 -6.03 -19.91 9.12
C GLY B 140 -5.28 -18.62 9.37
N LYS B 141 -4.11 -18.44 8.76
CA LYS B 141 -3.31 -17.22 8.94
C LYS B 141 -3.21 -16.45 7.63
N PRO B 142 -4.27 -15.74 7.22
CA PRO B 142 -4.21 -15.02 5.93
C PRO B 142 -3.17 -13.90 5.89
N TYR B 143 -2.51 -13.64 7.02
CA TYR B 143 -1.55 -12.55 7.10
C TYR B 143 -0.10 -13.01 7.03
N LYS B 144 0.16 -14.31 7.23
CA LYS B 144 1.50 -14.87 7.09
C LYS B 144 1.86 -14.87 5.62
N LYS B 145 2.03 -13.70 5.02
CA LYS B 145 2.19 -13.57 3.59
C LYS B 145 3.64 -13.44 3.15
N VAL B 146 4.53 -13.11 4.05
CA VAL B 146 5.84 -12.56 3.72
C VAL B 146 6.85 -13.66 3.51
N VAL B 147 7.85 -13.38 2.67
CA VAL B 147 8.98 -14.28 2.45
C VAL B 147 10.27 -13.47 2.42
N ILE B 148 11.32 -13.99 3.03
CA ILE B 148 12.59 -13.29 3.22
C ILE B 148 13.65 -13.96 2.35
N SER B 149 14.35 -13.17 1.53
CA SER B 149 15.37 -13.69 0.63
C SER B 149 16.76 -13.25 1.13
N ARG B 150 17.70 -13.10 0.20
CA ARG B 150 19.04 -12.62 0.51
C ARG B 150 19.56 -11.82 -0.67
N GLU B 151 20.23 -10.71 -0.39
CA GLU B 151 20.67 -9.79 -1.42
C GLU B 151 21.77 -10.42 -2.29
N ASN B 152 21.74 -10.05 -3.57
CA ASN B 152 22.66 -10.57 -4.59
C ASN B 152 22.38 -12.03 -4.93
N ALA B 153 21.14 -12.48 -4.76
CA ALA B 153 20.76 -13.86 -5.03
C ALA B 153 19.80 -13.93 -6.21
N TYR B 154 20.02 -14.92 -7.08
CA TYR B 154 19.26 -15.08 -8.32
C TYR B 154 18.18 -16.12 -8.11
N HIS B 155 16.95 -15.66 -7.85
CA HIS B 155 15.81 -16.53 -7.63
C HIS B 155 14.77 -16.41 -8.73
N GLY B 156 15.21 -16.21 -9.97
CA GLY B 156 14.33 -16.20 -11.11
C GLY B 156 14.20 -14.82 -11.74
N SER B 157 13.58 -14.81 -12.92
CA SER B 157 13.30 -13.61 -13.69
C SER B 157 11.82 -13.26 -13.71
N THR B 158 10.95 -14.23 -13.49
CA THR B 158 9.52 -13.98 -13.30
C THR B 158 9.32 -12.96 -12.18
N VAL B 159 8.41 -12.01 -12.42
CA VAL B 159 8.23 -10.86 -11.53
C VAL B 159 8.22 -11.33 -10.08
N ALA B 160 7.88 -12.60 -9.85
CA ALA B 160 8.12 -13.20 -8.54
C ALA B 160 9.61 -13.52 -8.37
N GLY B 161 10.19 -14.23 -9.34
CA GLY B 161 11.60 -14.56 -9.25
C GLY B 161 12.48 -13.31 -9.19
N ALA B 162 12.16 -12.32 -10.00
CA ALA B 162 12.95 -11.08 -10.01
C ALA B 162 12.72 -10.28 -8.73
N SER B 163 11.51 -10.28 -8.18
CA SER B 163 11.30 -9.61 -6.91
C SER B 163 11.94 -10.38 -5.76
N LEU B 164 11.64 -11.69 -5.67
CA LEU B 164 12.26 -12.53 -4.65
C LEU B 164 13.77 -12.45 -4.72
N SER B 165 14.34 -12.41 -5.94
CA SER B 165 15.78 -12.34 -6.10
C SER B 165 16.34 -11.06 -5.46
N GLY B 166 17.44 -11.22 -4.71
CA GLY B 166 18.04 -10.11 -4.00
C GLY B 166 19.06 -9.36 -4.83
N MET B 167 18.98 -9.52 -6.15
CA MET B 167 19.90 -8.89 -7.09
C MET B 167 19.26 -7.59 -7.60
N LYS B 168 19.79 -6.45 -7.15
CA LYS B 168 19.35 -5.17 -7.71
C LYS B 168 19.73 -5.11 -9.20
N ALA B 169 18.99 -4.28 -9.93
CA ALA B 169 19.06 -4.13 -11.39
C ALA B 169 17.92 -4.94 -12.03
N MET B 170 17.35 -5.87 -11.28
CA MET B 170 16.17 -6.62 -11.70
C MET B 170 14.87 -5.99 -11.19
N HIS B 171 14.94 -5.15 -10.14
CA HIS B 171 13.74 -4.63 -9.49
C HIS B 171 13.17 -3.37 -10.13
N ALA B 172 14.01 -2.41 -10.48
CA ALA B 172 13.64 -1.21 -11.22
C ALA B 172 12.91 -0.14 -10.41
N GLN B 173 12.89 -0.22 -9.09
CA GLN B 173 12.48 0.82 -8.16
C GLN B 173 10.98 1.04 -8.08
N GLY B 174 10.20 0.55 -9.02
CA GLY B 174 8.78 0.82 -9.03
C GLY B 174 7.90 -0.41 -9.17
N ASP B 175 7.89 -1.02 -10.35
CA ASP B 175 7.12 -2.23 -10.56
C ASP B 175 7.62 -3.39 -9.70
N LEU B 176 8.84 -3.31 -9.16
CA LEU B 176 9.35 -4.31 -8.21
C LEU B 176 10.18 -3.57 -7.18
N PRO B 177 10.25 -4.06 -5.93
CA PRO B 177 9.64 -5.30 -5.42
C PRO B 177 8.14 -5.20 -5.16
N ILE B 178 7.40 -6.18 -5.67
CA ILE B 178 5.95 -6.30 -5.47
C ILE B 178 5.71 -6.13 -3.97
N PRO B 179 4.52 -5.73 -3.51
CA PRO B 179 4.33 -5.63 -2.06
C PRO B 179 4.59 -6.98 -1.42
N GLY B 180 5.11 -6.95 -0.21
CA GLY B 180 5.28 -8.16 0.56
C GLY B 180 6.60 -8.88 0.38
N ILE B 181 7.65 -8.18 -0.04
CA ILE B 181 8.98 -8.78 -0.12
C ILE B 181 10.02 -7.78 0.33
N GLU B 182 10.85 -8.18 1.30
CA GLU B 182 12.03 -7.42 1.67
C GLU B 182 13.25 -8.34 1.59
N HIS B 183 14.40 -7.85 2.03
CA HIS B 183 15.64 -8.58 1.87
C HIS B 183 16.45 -8.48 3.14
N ILE B 184 17.54 -9.22 3.16
CA ILE B 184 18.48 -9.18 4.28
C ILE B 184 19.88 -9.11 3.71
N GLU B 185 20.86 -9.45 4.54
CA GLU B 185 22.23 -9.50 4.11
C GLU B 185 22.54 -10.89 3.57
N GLN B 186 23.51 -10.91 2.65
CA GLN B 186 24.15 -12.09 2.07
C GLN B 186 25.45 -12.40 2.78
N PRO B 187 25.72 -13.71 3.05
CA PRO B 187 26.97 -14.06 3.76
C PRO B 187 28.25 -13.91 2.93
N TYR B 188 28.40 -12.75 2.30
CA TYR B 188 29.55 -12.46 1.44
C TYR B 188 30.78 -12.18 2.29
N HIS B 189 31.44 -13.26 2.73
CA HIS B 189 32.52 -13.08 3.70
C HIS B 189 33.69 -12.26 3.18
N PHE B 190 33.91 -12.18 1.86
CA PHE B 190 35.04 -11.41 1.37
C PHE B 190 34.66 -10.17 0.58
N GLY B 191 33.39 -10.02 0.19
CA GLY B 191 32.92 -8.73 -0.27
C GLY B 191 32.55 -7.79 0.84
N ARG B 192 32.47 -8.32 2.05
CA ARG B 192 32.24 -7.57 3.27
C ARG B 192 32.51 -8.50 4.46
N ALA B 193 33.34 -8.04 5.41
CA ALA B 193 33.75 -8.79 6.59
C ALA B 193 34.75 -9.88 6.25
N PRO B 194 35.88 -9.54 5.63
CA PRO B 194 36.93 -10.54 5.37
C PRO B 194 37.80 -10.79 6.58
N ASP B 195 37.74 -9.93 7.59
CA ASP B 195 38.59 -9.97 8.76
C ASP B 195 37.95 -10.68 9.94
N MET B 196 36.63 -10.58 10.13
CA MET B 196 35.98 -11.24 11.26
C MET B 196 36.10 -12.76 11.15
N ASP B 197 36.25 -13.43 12.29
CA ASP B 197 36.44 -14.88 12.27
C ASP B 197 35.23 -15.54 11.60
N PRO B 198 35.44 -16.48 10.67
CA PRO B 198 34.29 -16.99 9.90
C PRO B 198 33.16 -17.49 10.77
N ALA B 199 33.51 -18.11 11.90
CA ALA B 199 32.49 -18.67 12.78
C ALA B 199 31.48 -17.62 13.21
N GLU B 200 31.90 -16.36 13.37
CA GLU B 200 31.01 -15.31 13.84
C GLU B 200 30.24 -14.67 12.69
N PHE B 201 30.90 -14.45 11.54
CA PHE B 201 30.22 -13.90 10.37
C PHE B 201 29.09 -14.81 9.89
N GLY B 202 29.21 -16.11 10.15
CA GLY B 202 28.09 -17.00 9.90
C GLY B 202 26.96 -16.80 10.89
N ARG B 203 27.32 -16.57 12.16
CA ARG B 203 26.31 -16.32 13.19
C ARG B 203 25.51 -15.07 12.84
N GLN B 204 26.20 -13.93 12.75
CA GLN B 204 25.53 -12.67 12.42
C GLN B 204 24.76 -12.80 11.10
N ALA B 205 25.42 -13.32 10.07
CA ALA B 205 24.77 -13.50 8.77
C ALA B 205 23.51 -14.35 8.89
N ALA B 206 23.48 -15.27 9.85
CA ALA B 206 22.27 -16.03 10.11
C ALA B 206 21.27 -15.21 10.93
N GLN B 207 21.68 -14.81 12.15
CA GLN B 207 20.82 -13.97 12.98
C GLN B 207 20.23 -12.80 12.18
N ALA B 208 20.94 -12.35 11.15
CA ALA B 208 20.37 -11.33 10.26
C ALA B 208 18.94 -11.63 9.86
N LEU B 209 18.54 -12.89 9.91
CA LEU B 209 17.16 -13.25 9.57
C LEU B 209 16.21 -12.94 10.72
N GLU B 210 16.60 -13.24 11.95
CA GLU B 210 15.75 -12.96 13.10
C GLU B 210 15.51 -11.46 13.24
N ARG B 211 16.55 -10.66 13.02
CA ARG B 211 16.44 -9.22 13.21
C ARG B 211 15.43 -8.59 12.26
N LYS B 212 15.07 -9.28 11.17
CA LYS B 212 14.04 -8.80 10.27
C LYS B 212 12.68 -9.44 10.52
N ILE B 213 12.66 -10.56 11.23
CA ILE B 213 11.39 -11.17 11.64
C ILE B 213 10.88 -10.55 12.94
N ASP B 214 11.79 -10.16 13.84
CA ASP B 214 11.43 -9.30 14.97
C ASP B 214 11.12 -7.88 14.53
N GLU B 215 11.22 -7.60 13.22
CA GLU B 215 10.94 -6.30 12.63
C GLU B 215 9.68 -6.30 11.79
N ILE B 216 9.23 -7.49 11.37
CA ILE B 216 8.09 -7.65 10.48
C ILE B 216 6.87 -8.19 11.24
N GLY B 217 7.02 -9.33 11.83
CA GLY B 217 5.93 -10.04 12.46
C GLY B 217 6.19 -11.52 12.29
N GLU B 218 6.70 -12.15 13.35
CA GLU B 218 6.89 -13.59 13.35
C GLU B 218 5.68 -14.30 12.76
N CYS B 219 4.51 -13.67 12.84
CA CYS B 219 3.30 -14.20 12.23
C CYS B 219 2.90 -13.42 10.97
N ASN B 220 3.64 -12.36 10.63
CA ASN B 220 3.56 -11.82 9.27
C ASN B 220 4.41 -12.64 8.31
N VAL B 221 5.65 -12.91 8.71
CA VAL B 221 6.56 -13.68 7.89
C VAL B 221 5.97 -15.06 7.61
N ALA B 222 6.41 -15.67 6.49
CA ALA B 222 5.92 -16.97 6.08
C ALA B 222 6.99 -17.89 5.54
N ALA B 223 8.20 -17.43 5.25
CA ALA B 223 9.23 -18.32 4.72
C ALA B 223 10.56 -17.57 4.55
N PHE B 224 11.65 -18.35 4.43
CA PHE B 224 12.97 -17.83 4.11
C PHE B 224 13.53 -18.59 2.91
N ILE B 225 13.93 -17.84 1.88
CA ILE B 225 14.37 -18.39 0.61
C ILE B 225 15.85 -18.12 0.44
N ALA B 226 16.63 -19.18 0.29
CA ALA B 226 18.08 -19.05 0.19
C ALA B 226 18.63 -20.22 -0.59
N GLU B 227 19.26 -19.93 -1.72
CA GLU B 227 20.06 -20.98 -2.35
C GLU B 227 20.99 -21.53 -1.27
N PRO B 228 21.35 -22.81 -1.35
CA PRO B 228 22.51 -23.27 -0.55
C PRO B 228 23.67 -22.29 -0.69
N ILE B 229 24.04 -21.95 -1.92
CA ILE B 229 25.05 -20.93 -2.19
C ILE B 229 24.59 -20.11 -3.39
N GLN B 230 25.06 -18.87 -3.45
CA GLN B 230 24.63 -17.93 -4.49
C GLN B 230 25.59 -18.09 -5.66
N GLY B 231 25.18 -18.90 -6.63
CA GLY B 231 26.01 -19.11 -7.80
C GLY B 231 25.98 -17.93 -8.74
N ALA B 232 24.79 -17.45 -9.09
CA ALA B 232 24.68 -16.23 -9.88
C ALA B 232 25.48 -15.09 -9.28
N GLY B 233 25.70 -15.11 -7.97
CA GLY B 233 26.51 -14.11 -7.32
C GLY B 233 27.90 -14.64 -7.05
N GLY B 234 28.46 -15.34 -8.04
CA GLY B 234 29.72 -16.02 -7.82
C GLY B 234 29.47 -17.35 -7.16
N VAL B 235 29.97 -17.51 -5.93
CA VAL B 235 29.81 -18.76 -5.20
C VAL B 235 29.88 -18.50 -3.71
N ILE B 236 29.58 -17.27 -3.30
CA ILE B 236 29.71 -16.85 -1.91
C ILE B 236 29.26 -17.97 -0.97
N ILE B 237 30.12 -18.98 -0.81
CA ILE B 237 29.74 -20.10 0.04
C ILE B 237 29.51 -19.58 1.46
N PRO B 238 28.36 -19.83 2.08
CA PRO B 238 28.23 -19.50 3.50
C PRO B 238 29.25 -20.28 4.29
N PRO B 239 29.89 -19.65 5.27
CA PRO B 239 30.81 -20.41 6.14
C PRO B 239 30.12 -21.58 6.79
N ASP B 240 30.79 -22.21 7.74
CA ASP B 240 30.27 -23.44 8.33
C ASP B 240 29.07 -23.15 9.24
N SER B 241 29.20 -22.17 10.14
CA SER B 241 28.16 -21.95 11.14
C SER B 241 26.87 -21.39 10.54
N TYR B 242 26.90 -20.86 9.32
CA TYR B 242 25.70 -20.39 8.64
C TYR B 242 24.99 -21.58 8.02
N TRP B 243 23.72 -21.77 8.41
CA TRP B 243 22.79 -22.82 8.01
C TRP B 243 22.39 -23.66 9.22
N PRO B 244 23.33 -23.93 10.13
CA PRO B 244 22.93 -24.46 11.45
C PRO B 244 21.96 -23.52 12.16
N GLU B 245 22.38 -22.27 12.40
CA GLU B 245 21.46 -21.30 13.00
C GLU B 245 20.20 -21.16 12.17
N ILE B 246 20.34 -21.05 10.85
CA ILE B 246 19.19 -20.87 9.98
C ILE B 246 18.11 -21.92 10.29
N LYS B 247 18.51 -23.16 10.56
CA LYS B 247 17.53 -24.20 10.88
C LYS B 247 17.02 -24.04 12.31
N ARG B 248 17.90 -23.75 13.27
CA ARG B 248 17.45 -23.35 14.60
C ARG B 248 16.39 -22.26 14.49
N ILE B 249 16.75 -21.16 13.85
CA ILE B 249 15.83 -20.03 13.70
C ILE B 249 14.58 -20.47 12.96
N CYS B 250 14.72 -21.10 11.80
CA CYS B 250 13.57 -21.57 11.04
C CYS B 250 12.69 -22.52 11.85
N ALA B 251 13.22 -23.14 12.90
CA ALA B 251 12.42 -23.99 13.77
C ALA B 251 11.83 -23.21 14.94
N GLU B 252 12.39 -22.05 15.25
CA GLU B 252 11.85 -21.21 16.32
C GLU B 252 10.60 -20.48 15.87
N ARG B 253 10.76 -19.50 14.99
CA ARG B 253 9.72 -18.51 14.72
C ARG B 253 8.52 -19.06 13.93
N ASP B 254 8.47 -20.36 13.62
CA ASP B 254 7.33 -20.95 12.93
C ASP B 254 7.18 -20.37 11.52
N ILE B 255 8.09 -20.80 10.65
CA ILE B 255 8.11 -20.45 9.25
C ILE B 255 8.59 -21.67 8.49
N LEU B 256 8.43 -21.64 7.17
CA LEU B 256 8.85 -22.76 6.34
C LEU B 256 10.27 -22.54 5.82
N LEU B 257 10.79 -23.54 5.09
CA LEU B 257 12.11 -23.46 4.49
C LEU B 257 12.03 -23.85 3.03
N ILE B 258 12.56 -22.99 2.17
CA ILE B 258 12.54 -23.15 0.71
C ILE B 258 13.94 -22.81 0.21
N VAL B 259 14.57 -23.76 -0.46
CA VAL B 259 15.93 -23.62 -0.96
C VAL B 259 15.91 -23.86 -2.47
N ASP B 260 16.60 -23.00 -3.20
CA ASP B 260 16.64 -23.11 -4.66
C ASP B 260 17.74 -24.10 -5.03
N GLU B 261 17.36 -25.36 -5.24
CA GLU B 261 18.32 -26.35 -5.71
C GLU B 261 18.45 -26.37 -7.23
N VAL B 262 17.85 -25.39 -7.92
CA VAL B 262 17.98 -25.25 -9.36
C VAL B 262 19.45 -25.35 -9.74
N ILE B 263 20.23 -24.32 -9.42
CA ILE B 263 21.64 -24.29 -9.77
C ILE B 263 22.40 -25.28 -8.90
N THR B 264 22.52 -24.97 -7.61
CA THR B 264 23.41 -25.72 -6.73
C THR B 264 23.14 -27.20 -6.80
N GLY B 265 21.94 -27.60 -6.38
CA GLY B 265 21.68 -28.99 -6.15
C GLY B 265 21.56 -29.81 -7.42
N PHE B 266 20.45 -30.53 -7.51
CA PHE B 266 20.28 -31.60 -8.46
C PHE B 266 21.50 -32.48 -8.60
N GLY B 267 22.56 -32.01 -9.26
CA GLY B 267 23.73 -32.86 -9.43
C GLY B 267 25.06 -32.14 -9.47
N ARG B 268 25.45 -31.53 -8.36
CA ARG B 268 26.76 -30.91 -8.25
C ARG B 268 27.31 -31.22 -6.86
N LEU B 269 28.08 -30.31 -6.28
CA LEU B 269 28.48 -30.39 -4.89
C LEU B 269 28.98 -31.80 -4.56
N GLY B 270 28.94 -32.18 -3.28
CA GLY B 270 29.38 -33.49 -2.86
C GLY B 270 28.31 -34.56 -2.90
N THR B 271 27.06 -34.15 -3.11
CA THR B 271 25.94 -35.07 -3.19
C THR B 271 25.03 -34.62 -4.34
N TRP B 272 23.96 -35.38 -4.55
CA TRP B 272 22.92 -34.99 -5.49
C TRP B 272 22.60 -33.51 -5.37
N PHE B 273 21.73 -33.19 -4.42
CA PHE B 273 21.43 -31.80 -4.08
C PHE B 273 22.32 -31.38 -2.90
N GLY B 274 22.59 -30.08 -2.82
CA GLY B 274 23.35 -29.57 -1.70
C GLY B 274 22.65 -29.70 -0.37
N SER B 275 21.32 -29.86 -0.37
CA SER B 275 20.61 -30.00 0.88
C SER B 275 21.13 -31.17 1.72
N GLN B 276 21.73 -32.16 1.08
CA GLN B 276 22.29 -33.32 1.78
C GLN B 276 23.70 -33.05 2.28
N TYR B 277 24.36 -32.00 1.77
CA TYR B 277 25.70 -31.64 2.21
C TYR B 277 25.65 -30.78 3.47
N TYR B 278 24.84 -29.72 3.46
CA TYR B 278 24.65 -28.88 4.63
C TYR B 278 23.68 -29.48 5.64
N ASP B 279 22.92 -30.51 5.26
CA ASP B 279 22.10 -31.26 6.21
C ASP B 279 20.98 -30.41 6.77
N LEU B 280 20.06 -29.98 5.92
CA LEU B 280 18.86 -29.29 6.35
C LEU B 280 17.64 -29.92 5.71
N GLN B 281 16.48 -29.58 6.26
CA GLN B 281 15.23 -30.30 6.04
C GLN B 281 14.27 -29.31 5.39
N PRO B 282 14.38 -29.12 4.07
CA PRO B 282 13.62 -28.03 3.43
C PRO B 282 12.14 -28.39 3.35
N ASP B 283 11.29 -27.44 3.71
CA ASP B 283 9.86 -27.64 3.53
C ASP B 283 9.43 -27.39 2.10
N LEU B 284 10.28 -26.82 1.27
CA LEU B 284 9.93 -26.56 -0.13
C LEU B 284 11.20 -26.38 -0.94
N MET B 285 11.11 -26.68 -2.23
CA MET B 285 12.29 -26.75 -3.08
C MET B 285 11.93 -26.56 -4.55
N PRO B 286 12.49 -25.56 -5.22
CA PRO B 286 12.40 -25.51 -6.68
C PRO B 286 13.60 -26.19 -7.33
N ILE B 287 13.32 -26.75 -8.51
CA ILE B 287 14.33 -27.33 -9.39
C ILE B 287 13.99 -26.84 -10.78
N ALA B 288 14.98 -26.89 -11.67
CA ALA B 288 14.77 -26.55 -13.07
C ALA B 288 16.12 -26.63 -13.77
N LYS B 289 16.07 -26.63 -15.11
CA LYS B 289 17.27 -26.52 -15.92
C LYS B 289 18.09 -27.81 -15.81
N GLY B 290 19.01 -27.87 -14.86
CA GLY B 290 19.86 -29.04 -14.70
C GLY B 290 19.13 -30.36 -14.55
N LEU B 291 17.80 -30.32 -14.46
CA LEU B 291 17.05 -31.58 -14.49
C LEU B 291 17.23 -32.30 -15.82
N SER B 292 17.25 -31.54 -16.92
CA SER B 292 17.51 -32.10 -18.24
C SER B 292 18.98 -31.95 -18.65
N SER B 293 19.86 -31.69 -17.68
CA SER B 293 21.23 -31.27 -17.96
C SER B 293 21.24 -30.30 -19.14
N GLY B 294 20.32 -29.34 -19.08
CA GLY B 294 20.15 -28.35 -20.14
C GLY B 294 19.27 -28.80 -21.29
N TYR B 295 19.30 -30.10 -21.59
CA TYR B 295 18.83 -30.61 -22.88
C TYR B 295 17.35 -30.28 -23.16
N MET B 296 16.58 -29.75 -22.21
CA MET B 296 15.20 -29.38 -22.45
C MET B 296 14.80 -28.27 -21.50
N PRO B 297 13.69 -27.53 -21.80
CA PRO B 297 13.15 -26.58 -20.81
C PRO B 297 12.23 -27.26 -19.81
N ILE B 298 12.49 -27.08 -18.52
CA ILE B 298 11.77 -27.82 -17.49
C ILE B 298 11.88 -27.02 -16.21
N GLY B 299 10.85 -27.13 -15.37
CA GLY B 299 10.85 -26.48 -14.09
C GLY B 299 10.15 -27.36 -13.08
N GLY B 300 10.64 -27.39 -11.86
CA GLY B 300 10.11 -28.33 -10.89
C GLY B 300 10.04 -27.75 -9.50
N VAL B 301 8.98 -28.12 -8.77
CA VAL B 301 8.67 -27.55 -7.46
C VAL B 301 8.48 -28.73 -6.52
N MET B 302 9.54 -29.13 -5.82
CA MET B 302 9.48 -30.30 -4.93
C MET B 302 8.96 -29.85 -3.57
N VAL B 303 8.12 -30.71 -2.98
CA VAL B 303 7.28 -30.34 -1.84
C VAL B 303 7.52 -31.29 -0.66
N SER B 304 7.21 -30.78 0.53
CA SER B 304 7.38 -31.52 1.77
C SER B 304 6.03 -32.06 2.26
N ASP B 305 6.03 -33.34 2.65
CA ASP B 305 4.83 -34.02 3.16
C ASP B 305 4.09 -33.13 4.15
N ARG B 306 4.85 -32.37 4.94
CA ARG B 306 4.29 -31.30 5.77
C ARG B 306 3.47 -30.34 4.92
N VAL B 307 4.12 -29.58 4.05
CA VAL B 307 3.43 -28.71 3.11
C VAL B 307 2.39 -29.51 2.34
N ALA B 308 2.56 -30.83 2.29
CA ALA B 308 1.75 -31.69 1.42
C ALA B 308 0.40 -32.02 2.04
N LYS B 309 0.41 -32.69 3.21
CA LYS B 309 -0.82 -33.07 3.89
C LYS B 309 -1.82 -31.93 3.94
N VAL B 310 -1.36 -30.72 3.65
CA VAL B 310 -2.16 -29.51 3.82
C VAL B 310 -2.76 -29.00 2.52
N VAL B 311 -1.92 -28.77 1.51
CA VAL B 311 -2.41 -28.05 0.33
C VAL B 311 -3.52 -28.83 -0.38
N ILE B 312 -3.35 -30.16 -0.48
CA ILE B 312 -4.28 -30.95 -1.28
C ILE B 312 -5.56 -31.28 -0.52
N GLU B 313 -5.56 -31.24 0.80
CA GLU B 313 -6.76 -31.59 1.57
C GLU B 313 -7.96 -30.82 1.05
N GLU B 314 -7.85 -29.49 0.95
CA GLU B 314 -8.81 -28.70 0.18
C GLU B 314 -8.42 -28.69 -1.29
N GLY B 315 -7.17 -28.33 -1.58
CA GLY B 315 -6.67 -28.33 -2.95
C GLY B 315 -6.88 -26.98 -3.62
N GLY B 316 -8.02 -26.80 -4.27
CA GLY B 316 -8.28 -25.55 -4.96
C GLY B 316 -7.37 -25.37 -6.16
N GLU B 317 -6.30 -24.60 -5.99
CA GLU B 317 -5.36 -24.37 -7.08
C GLU B 317 -4.23 -25.40 -7.14
N PHE B 318 -4.28 -26.45 -6.32
CA PHE B 318 -3.28 -27.51 -6.41
C PHE B 318 -3.86 -28.87 -6.10
N PHE B 319 -5.16 -29.07 -6.25
CA PHE B 319 -5.81 -30.31 -5.85
C PHE B 319 -5.46 -31.46 -6.77
N HIS B 320 -5.26 -31.18 -8.06
CA HIS B 320 -5.07 -32.21 -9.07
C HIS B 320 -3.79 -32.09 -9.87
N GLY B 321 -3.14 -30.91 -9.87
CA GLY B 321 -1.98 -30.68 -10.71
C GLY B 321 -1.02 -31.86 -10.76
N TYR B 322 -0.92 -32.58 -9.65
CA TYR B 322 -0.07 -33.76 -9.59
C TYR B 322 -0.68 -34.97 -10.28
N THR B 323 -1.93 -34.87 -10.74
CA THR B 323 -2.52 -35.89 -11.59
C THR B 323 -2.09 -35.71 -13.05
N TYR B 324 -1.68 -34.50 -13.43
CA TYR B 324 -1.02 -34.27 -14.72
C TYR B 324 -0.58 -32.82 -14.91
N SER B 325 0.68 -32.64 -15.34
CA SER B 325 1.23 -31.32 -15.64
C SER B 325 2.53 -31.46 -16.44
N GLY B 326 3.42 -30.48 -16.31
CA GLY B 326 4.69 -30.52 -17.02
C GLY B 326 4.50 -30.66 -18.51
N HIS B 327 5.43 -31.38 -19.15
CA HIS B 327 5.33 -31.64 -20.57
C HIS B 327 5.88 -33.02 -20.88
N PRO B 328 5.11 -33.89 -21.56
CA PRO B 328 5.59 -35.27 -21.77
C PRO B 328 6.99 -35.34 -22.33
N VAL B 329 7.38 -34.40 -23.17
CA VAL B 329 8.62 -34.52 -23.91
C VAL B 329 9.81 -34.01 -23.12
N ALA B 330 9.65 -32.93 -22.38
CA ALA B 330 10.72 -32.45 -21.51
C ALA B 330 10.86 -33.31 -20.26
N ALA B 331 9.86 -34.14 -19.96
CA ALA B 331 9.98 -35.14 -18.90
C ALA B 331 10.60 -36.44 -19.42
N ALA B 332 10.18 -36.90 -20.60
CA ALA B 332 10.76 -38.12 -21.16
C ALA B 332 12.27 -37.98 -21.29
N VAL B 333 12.75 -36.78 -21.65
CA VAL B 333 14.17 -36.54 -21.82
C VAL B 333 14.87 -36.65 -20.47
N ALA B 334 14.61 -35.70 -19.57
CA ALA B 334 15.31 -35.68 -18.29
C ALA B 334 15.24 -37.03 -17.58
N ALA B 335 14.08 -37.70 -17.64
CA ALA B 335 13.95 -39.04 -17.07
C ALA B 335 15.19 -39.88 -17.34
N GLU B 336 15.55 -40.01 -18.62
CA GLU B 336 16.82 -40.64 -18.95
C GLU B 336 17.97 -39.94 -18.24
N ASN B 337 18.00 -38.60 -18.25
CA ASN B 337 19.11 -37.88 -17.63
C ASN B 337 19.29 -38.28 -16.17
N ILE B 338 18.24 -38.76 -15.50
CA ILE B 338 18.36 -39.23 -14.13
C ILE B 338 18.57 -40.74 -14.07
N ARG B 339 17.89 -41.48 -14.94
CA ARG B 339 18.08 -42.92 -14.98
C ARG B 339 19.48 -43.29 -15.46
N ILE B 340 20.16 -42.36 -16.12
CA ILE B 340 21.48 -42.61 -16.67
C ILE B 340 22.55 -41.98 -15.78
N MET B 341 22.22 -40.86 -15.13
CA MET B 341 23.17 -40.29 -14.18
C MET B 341 23.34 -41.18 -12.95
N ARG B 342 22.36 -42.03 -12.68
CA ARG B 342 22.48 -43.06 -11.66
C ARG B 342 23.37 -44.22 -12.13
N ASP B 343 22.83 -45.01 -13.06
CA ASP B 343 23.45 -46.28 -13.43
C ASP B 343 24.91 -46.11 -13.84
N GLU B 344 25.22 -45.03 -14.54
CA GLU B 344 26.62 -44.76 -14.88
C GLU B 344 27.40 -44.22 -13.69
N GLY B 345 26.73 -43.98 -12.56
CA GLY B 345 27.41 -43.56 -11.35
C GLY B 345 28.20 -42.29 -11.52
N ILE B 346 27.56 -41.27 -12.10
CA ILE B 346 28.22 -39.99 -12.29
C ILE B 346 28.38 -39.28 -10.96
N ILE B 347 27.26 -39.08 -10.27
CA ILE B 347 27.27 -38.46 -8.95
C ILE B 347 28.24 -39.16 -8.03
N GLU B 348 28.19 -40.49 -7.99
CA GLU B 348 29.05 -41.24 -7.09
C GLU B 348 30.51 -40.86 -7.31
N ARG B 349 31.02 -41.08 -8.53
CA ARG B 349 32.35 -40.61 -8.89
C ARG B 349 32.46 -39.10 -8.72
N ALA B 350 31.36 -38.37 -8.96
CA ALA B 350 31.43 -36.92 -8.95
C ALA B 350 31.84 -36.38 -7.58
N GLY B 351 31.16 -36.82 -6.53
CA GLY B 351 31.38 -36.28 -5.21
C GLY B 351 32.39 -37.04 -4.38
N ALA B 352 32.62 -38.30 -4.74
CA ALA B 352 33.54 -39.15 -3.98
C ALA B 352 34.96 -39.06 -4.54
N GLU B 353 35.13 -39.35 -5.83
CA GLU B 353 36.46 -39.47 -6.41
C GLU B 353 36.90 -38.20 -7.15
N ILE B 354 36.19 -37.81 -8.21
CA ILE B 354 36.68 -36.72 -9.04
C ILE B 354 36.56 -35.35 -8.40
N ALA B 355 35.86 -35.24 -7.28
CA ALA B 355 35.69 -33.91 -6.69
C ALA B 355 36.89 -33.51 -5.85
N PRO B 356 37.19 -34.20 -4.74
CA PRO B 356 38.22 -33.68 -3.82
C PRO B 356 39.56 -33.35 -4.48
N TYR B 357 39.88 -33.95 -5.63
CA TYR B 357 41.10 -33.58 -6.32
C TYR B 357 40.99 -32.15 -6.87
N LEU B 358 39.82 -31.80 -7.40
CA LEU B 358 39.60 -30.46 -7.94
C LEU B 358 39.71 -29.42 -6.84
N GLN B 359 38.91 -29.56 -5.76
CA GLN B 359 39.00 -28.59 -4.67
C GLN B 359 40.43 -28.43 -4.18
N ALA B 360 41.11 -29.56 -3.96
CA ALA B 360 42.50 -29.51 -3.53
C ALA B 360 43.34 -28.63 -4.45
N ARG B 361 42.99 -28.56 -5.73
CA ARG B 361 43.81 -27.84 -6.71
C ARG B 361 43.34 -26.41 -6.96
N TRP B 362 42.02 -26.14 -6.98
CA TRP B 362 41.55 -24.77 -7.16
C TRP B 362 41.91 -23.88 -5.97
N ARG B 363 42.02 -24.49 -4.79
CA ARG B 363 42.38 -23.77 -3.56
C ARG B 363 43.75 -23.12 -3.68
N GLU B 364 44.44 -23.35 -4.81
CA GLU B 364 45.84 -22.93 -4.96
C GLU B 364 45.95 -21.53 -5.58
N LEU B 365 45.47 -20.54 -4.82
CA LEU B 365 45.77 -19.16 -5.20
C LEU B 365 47.24 -18.85 -4.93
N GLY B 366 47.90 -19.66 -4.13
CA GLY B 366 49.32 -19.58 -3.88
C GLY B 366 49.86 -18.18 -3.72
N GLU B 367 50.49 -17.68 -4.77
CA GLU B 367 51.17 -16.40 -4.75
C GLU B 367 50.83 -15.62 -6.01
N HIS B 368 49.53 -15.54 -6.30
CA HIS B 368 49.01 -14.78 -7.42
C HIS B 368 48.51 -13.43 -6.92
N PRO B 369 49.25 -12.34 -7.11
CA PRO B 369 48.81 -11.03 -6.58
C PRO B 369 47.38 -10.64 -6.95
N LEU B 370 46.85 -11.30 -7.99
CA LEU B 370 45.50 -10.99 -8.44
C LEU B 370 44.45 -11.63 -7.54
N VAL B 371 44.68 -12.86 -7.11
CA VAL B 371 43.72 -13.59 -6.29
C VAL B 371 44.08 -13.39 -4.81
N GLY B 372 43.06 -13.36 -3.96
CA GLY B 372 43.26 -13.15 -2.54
C GLY B 372 42.60 -14.22 -1.68
N GLU B 373 41.66 -14.95 -2.27
CA GLU B 373 41.04 -16.10 -1.65
C GLU B 373 40.73 -17.09 -2.75
N ALA B 374 40.70 -18.38 -2.41
CA ALA B 374 40.30 -19.43 -3.33
C ALA B 374 39.32 -20.32 -2.58
N ARG B 375 38.04 -20.20 -2.91
CA ARG B 375 36.98 -20.92 -2.24
C ARG B 375 36.24 -21.79 -3.26
N GLY B 376 35.56 -22.83 -2.75
CA GLY B 376 34.80 -23.74 -3.57
C GLY B 376 34.35 -24.90 -2.72
N VAL B 377 33.40 -25.63 -3.26
CA VAL B 377 32.88 -26.80 -2.56
C VAL B 377 32.18 -27.80 -3.48
N GLY B 378 32.55 -29.09 -3.37
CA GLY B 378 31.94 -30.14 -4.18
C GLY B 378 32.30 -30.04 -5.65
N MET B 379 31.29 -29.83 -6.49
CA MET B 379 31.50 -29.52 -7.91
C MET B 379 31.03 -28.09 -8.18
N VAL B 380 31.91 -27.13 -7.91
CA VAL B 380 31.73 -25.72 -8.27
C VAL B 380 32.74 -24.91 -7.46
N ALA B 381 33.33 -23.88 -8.08
CA ALA B 381 34.26 -23.02 -7.35
C ALA B 381 34.38 -21.68 -8.07
N ALA B 382 35.12 -20.77 -7.45
CA ALA B 382 35.39 -19.44 -7.97
C ALA B 382 36.51 -18.84 -7.13
N LEU B 383 36.88 -17.61 -7.44
CA LEU B 383 37.92 -16.94 -6.66
C LEU B 383 37.89 -15.46 -6.98
N GLU B 384 38.44 -14.68 -6.07
CA GLU B 384 38.36 -13.23 -6.14
C GLU B 384 39.63 -12.66 -6.77
N LEU B 385 39.44 -11.70 -7.67
CA LEU B 385 40.54 -10.94 -8.24
C LEU B 385 40.74 -9.67 -7.43
N VAL B 386 41.99 -9.22 -7.33
CA VAL B 386 42.27 -7.97 -6.63
C VAL B 386 43.43 -7.25 -7.30
N LYS B 387 44.10 -6.37 -6.54
CA LYS B 387 45.22 -5.56 -6.99
C LYS B 387 46.42 -5.68 -6.08
N SER B 388 46.23 -6.20 -4.88
CA SER B 388 47.24 -6.54 -3.89
C SER B 388 46.56 -7.57 -3.00
N LYS B 389 47.36 -8.40 -2.32
CA LYS B 389 46.83 -9.50 -1.54
C LYS B 389 47.03 -9.31 -0.04
N GLN B 390 48.27 -9.40 0.44
CA GLN B 390 48.61 -9.11 1.83
C GLN B 390 47.72 -7.95 2.25
N PRO B 391 47.77 -6.82 1.54
CA PRO B 391 46.61 -5.91 1.51
C PRO B 391 45.61 -6.36 0.46
N LEU B 392 44.47 -6.86 0.92
CA LEU B 392 43.43 -7.44 0.07
C LEU B 392 42.79 -6.51 -0.94
N GLU B 393 43.47 -5.44 -1.32
CA GLU B 393 42.82 -4.32 -1.96
C GLU B 393 42.21 -4.69 -3.31
N ARG B 394 40.92 -4.41 -3.46
CA ARG B 394 40.18 -4.63 -4.70
C ARG B 394 40.22 -3.39 -5.59
N PHE B 395 39.96 -3.59 -6.87
CA PHE B 395 40.15 -2.53 -7.85
C PHE B 395 39.14 -1.40 -7.64
N GLU B 396 39.38 -0.29 -8.33
CA GLU B 396 38.53 0.90 -8.18
C GLU B 396 37.17 0.72 -8.85
N GLU B 397 37.00 -0.29 -9.70
CA GLU B 397 35.74 -0.57 -10.38
C GLU B 397 35.83 -1.97 -10.97
N PRO B 398 35.80 -3.02 -10.15
CA PRO B 398 35.90 -4.39 -10.68
C PRO B 398 34.78 -4.64 -11.70
N GLY B 399 35.15 -5.27 -12.82
CA GLY B 399 34.33 -5.35 -14.00
C GLY B 399 34.88 -4.57 -15.16
N LYS B 400 35.58 -3.47 -14.88
CA LYS B 400 36.53 -2.88 -15.80
C LYS B 400 37.78 -3.72 -15.93
N VAL B 401 37.80 -4.90 -15.29
CA VAL B 401 39.02 -5.70 -15.14
C VAL B 401 38.66 -7.16 -14.93
N GLY B 402 37.50 -7.42 -14.34
CA GLY B 402 37.04 -8.79 -14.17
C GLY B 402 36.63 -9.41 -15.49
N SER B 403 35.63 -8.82 -16.14
CA SER B 403 35.25 -9.26 -17.49
C SER B 403 36.47 -9.29 -18.41
N LEU B 404 37.36 -8.30 -18.30
CA LEU B 404 38.56 -8.26 -19.14
C LEU B 404 39.44 -9.49 -18.95
N CYS B 405 39.14 -10.36 -17.99
CA CYS B 405 39.83 -11.62 -17.81
C CYS B 405 38.97 -12.81 -18.24
N ARG B 406 37.73 -12.55 -18.67
CA ARG B 406 36.84 -13.60 -19.14
C ARG B 406 37.17 -14.01 -20.57
N ASP B 407 37.41 -13.06 -21.48
CA ASP B 407 37.86 -13.45 -22.81
C ASP B 407 39.27 -14.03 -22.76
N LEU B 408 40.08 -13.60 -21.79
CA LEU B 408 41.42 -14.16 -21.64
C LEU B 408 41.41 -15.63 -21.20
N SER B 409 40.24 -16.25 -21.05
CA SER B 409 40.14 -17.69 -20.90
C SER B 409 39.49 -18.37 -22.10
N VAL B 410 38.60 -17.67 -22.82
CA VAL B 410 38.09 -18.23 -24.06
C VAL B 410 39.14 -18.12 -25.17
N LYS B 411 39.92 -17.04 -25.18
CA LYS B 411 40.99 -16.91 -26.15
C LYS B 411 42.27 -17.63 -25.69
N ASN B 412 42.21 -18.43 -24.63
CA ASN B 412 43.23 -19.41 -24.29
C ASN B 412 42.73 -20.85 -24.30
N GLY B 413 41.48 -21.12 -23.91
CA GLY B 413 40.90 -22.44 -24.06
C GLY B 413 40.14 -23.00 -22.88
N LEU B 414 39.62 -22.16 -21.99
CA LEU B 414 38.88 -22.62 -20.82
C LEU B 414 37.69 -21.70 -20.56
N VAL B 415 36.68 -22.26 -19.89
CA VAL B 415 35.38 -21.59 -19.71
C VAL B 415 35.25 -21.12 -18.26
N MET B 416 35.07 -19.82 -18.10
CA MET B 416 34.89 -19.16 -16.81
C MET B 416 33.92 -18.01 -16.99
N ARG B 417 33.12 -17.73 -15.97
CA ARG B 417 32.36 -16.49 -15.89
C ARG B 417 32.96 -15.63 -14.78
N ALA B 418 32.70 -14.33 -14.86
CA ALA B 418 33.21 -13.36 -13.89
C ALA B 418 32.04 -12.47 -13.48
N VAL B 419 31.59 -12.61 -12.23
CA VAL B 419 30.45 -11.83 -11.79
C VAL B 419 30.80 -10.35 -11.72
N GLY B 420 32.09 -10.01 -11.69
CA GLY B 420 32.53 -8.63 -11.70
C GLY B 420 34.00 -8.54 -11.40
N GLY B 421 34.44 -9.40 -10.50
CA GLY B 421 35.85 -9.59 -10.22
C GLY B 421 36.12 -10.96 -9.65
N THR B 422 35.13 -11.85 -9.74
CA THR B 422 35.24 -13.20 -9.21
C THR B 422 35.08 -14.20 -10.34
N MET B 423 36.12 -14.97 -10.59
CA MET B 423 36.07 -15.98 -11.65
C MET B 423 35.40 -17.24 -11.12
N ILE B 424 34.23 -17.55 -11.65
CA ILE B 424 33.45 -18.75 -11.31
C ILE B 424 33.80 -19.85 -12.30
N ILE B 425 33.78 -21.08 -11.80
CA ILE B 425 34.03 -22.27 -12.61
C ILE B 425 32.90 -23.25 -12.31
N SER B 426 32.22 -23.71 -13.35
CA SER B 426 31.03 -24.54 -13.20
C SER B 426 31.09 -25.71 -14.18
N PRO B 427 32.00 -26.66 -13.95
CA PRO B 427 32.18 -27.76 -14.90
C PRO B 427 31.20 -28.89 -14.63
N PRO B 428 31.10 -29.87 -15.54
CA PRO B 428 30.19 -30.99 -15.29
C PRO B 428 30.81 -32.10 -14.46
N LEU B 429 30.02 -33.13 -14.24
CA LEU B 429 30.32 -34.18 -13.27
C LEU B 429 31.21 -35.26 -13.88
N VAL B 430 31.12 -35.44 -15.20
CA VAL B 430 31.90 -36.43 -15.93
C VAL B 430 33.32 -35.97 -16.12
N LEU B 431 33.77 -35.03 -15.29
CA LEU B 431 35.12 -34.52 -15.44
C LEU B 431 36.12 -35.59 -14.99
N SER B 432 37.31 -35.55 -15.58
CA SER B 432 38.35 -36.53 -15.27
C SER B 432 39.59 -35.85 -14.71
N ARG B 433 40.43 -36.67 -14.08
CA ARG B 433 41.64 -36.17 -13.44
C ARG B 433 42.53 -35.44 -14.43
N GLU B 434 43.01 -36.13 -15.47
CA GLU B 434 43.80 -35.44 -16.48
C GLU B 434 43.10 -34.16 -16.93
N GLN B 435 41.77 -34.19 -17.00
CA GLN B 435 41.03 -32.96 -17.30
C GLN B 435 41.12 -31.95 -16.15
N VAL B 436 40.96 -32.41 -14.90
CA VAL B 436 41.22 -31.51 -13.77
C VAL B 436 42.56 -30.81 -13.97
N ASP B 437 43.64 -31.58 -13.97
CA ASP B 437 44.97 -31.02 -14.16
C ASP B 437 45.02 -30.08 -15.35
N GLU B 438 44.23 -30.35 -16.40
CA GLU B 438 44.24 -29.47 -17.56
C GLU B 438 43.76 -28.07 -17.17
N LEU B 439 42.54 -27.95 -16.63
CA LEU B 439 41.99 -26.63 -16.38
C LEU B 439 42.87 -25.81 -15.43
N ILE B 440 43.75 -26.46 -14.67
CA ILE B 440 44.60 -25.76 -13.69
C ILE B 440 45.67 -24.98 -14.41
N ASP B 441 46.68 -25.66 -14.96
CA ASP B 441 47.77 -24.95 -15.62
C ASP B 441 47.24 -23.97 -16.68
N LYS B 442 46.10 -24.29 -17.31
CA LYS B 442 45.50 -23.38 -18.28
C LYS B 442 44.87 -22.17 -17.59
N ALA B 443 44.30 -22.33 -16.39
CA ALA B 443 43.84 -21.18 -15.63
C ALA B 443 45.01 -20.32 -15.17
N ARG B 444 46.06 -20.96 -14.63
CA ARG B 444 47.23 -20.22 -14.19
C ARG B 444 47.85 -19.43 -15.35
N ARG B 445 47.90 -20.03 -16.55
CA ARG B 445 48.36 -19.30 -17.73
C ARG B 445 47.57 -17.99 -17.88
N THR B 446 46.26 -18.04 -17.61
CA THR B 446 45.44 -16.84 -17.67
C THR B 446 45.81 -15.85 -16.56
N LEU B 447 45.66 -16.29 -15.31
CA LEU B 447 46.03 -15.44 -14.17
C LEU B 447 47.42 -14.86 -14.34
N ASP B 448 48.39 -15.71 -14.69
CA ASP B 448 49.72 -15.20 -15.02
C ASP B 448 49.70 -14.38 -16.29
N GLU B 449 48.71 -14.59 -17.16
CA GLU B 449 48.49 -13.65 -18.26
C GLU B 449 47.76 -12.41 -17.78
N THR B 450 46.75 -12.57 -16.93
CA THR B 450 45.96 -11.42 -16.50
C THR B 450 46.77 -10.49 -15.59
N HIS B 451 47.86 -10.97 -15.01
CA HIS B 451 48.60 -10.16 -14.04
C HIS B 451 49.49 -9.13 -14.72
N LYS B 452 50.11 -9.48 -15.84
CA LYS B 452 51.02 -8.56 -16.50
C LYS B 452 50.29 -7.36 -17.10
N ALA B 453 48.97 -7.47 -17.29
CA ALA B 453 48.22 -6.49 -18.07
C ALA B 453 47.92 -5.20 -17.33
N ILE B 454 48.17 -5.11 -16.03
CA ILE B 454 48.01 -3.88 -15.28
C ILE B 454 49.32 -3.45 -14.63
N GLY B 455 50.04 -4.39 -14.01
CA GLY B 455 51.33 -4.13 -13.40
C GLY B 455 51.49 -2.76 -12.78
N GLY B 456 50.39 -2.22 -12.27
CA GLY B 456 50.38 -0.84 -11.86
C GLY B 456 50.03 0.07 -13.02
N ALA B 457 48.77 -0.02 -13.47
CA ALA B 457 48.21 1.01 -14.35
C ALA B 457 47.94 2.23 -13.45
N LEU B 458 47.20 3.19 -13.97
CA LEU B 458 46.69 4.23 -13.09
C LEU B 458 45.50 3.72 -12.27
N GLU B 459 45.08 2.47 -12.50
CA GLU B 459 43.92 1.89 -11.83
C GLU B 459 44.15 1.87 -10.32
N ARG C 69 5.89 28.07 20.84
CA ARG C 69 5.10 29.04 20.09
C ARG C 69 4.76 30.25 21.00
N LYS C 70 5.67 30.54 21.94
CA LYS C 70 5.54 31.71 22.81
C LYS C 70 5.93 32.98 22.06
N GLU C 71 5.08 34.00 22.16
CA GLU C 71 5.23 35.30 21.50
C GLU C 71 5.10 35.19 19.98
N LEU C 72 4.73 34.02 19.45
CA LEU C 72 4.52 33.79 18.03
C LEU C 72 3.08 33.40 17.74
N ALA C 73 2.42 32.71 18.67
CA ALA C 73 0.96 32.55 18.62
C ALA C 73 0.29 33.85 19.05
N GLU C 74 0.83 34.51 20.07
CA GLU C 74 0.46 35.88 20.38
C GLU C 74 0.95 36.78 19.24
N VAL C 75 0.01 37.47 18.58
CA VAL C 75 0.27 38.13 17.32
C VAL C 75 -0.16 39.59 17.37
N ALA C 76 -0.53 40.07 18.57
CA ALA C 76 -0.85 41.48 18.72
C ALA C 76 -0.21 42.06 19.97
N TYR C 77 -0.89 41.99 21.11
CA TYR C 77 -0.50 42.73 22.31
C TYR C 77 0.22 41.87 23.32
N ARG C 78 1.08 42.51 24.12
CA ARG C 78 1.73 41.79 25.20
C ARG C 78 0.69 41.27 26.18
N GLN C 79 0.19 42.14 27.06
CA GLN C 79 -0.75 41.75 28.09
C GLN C 79 -1.74 42.90 28.31
N MET C 80 -2.56 42.77 29.34
CA MET C 80 -3.28 43.88 29.95
C MET C 80 -4.21 44.60 28.96
N GLN C 81 -4.65 43.91 27.91
CA GLN C 81 -5.73 44.37 27.03
C GLN C 81 -6.96 43.50 27.29
N GLU C 82 -8.12 44.14 27.45
CA GLU C 82 -9.35 43.49 27.91
C GLU C 82 -10.35 43.35 26.77
N LEU C 83 -11.23 42.35 26.89
CA LEU C 83 -11.92 41.77 25.76
C LEU C 83 -13.32 41.34 26.17
N PRO C 84 -14.24 41.11 25.18
CA PRO C 84 -15.63 40.74 25.55
C PRO C 84 -15.72 39.36 26.17
N TYR C 85 -15.02 39.17 27.28
CA TYR C 85 -14.93 37.89 27.94
C TYR C 85 -16.33 37.35 28.27
N TYR C 86 -16.36 36.08 28.65
CA TYR C 86 -17.58 35.31 28.90
C TYR C 86 -18.80 35.84 28.16
N ASN C 87 -18.96 35.39 26.91
CA ASN C 87 -20.22 35.58 26.20
C ASN C 87 -21.41 35.05 27.01
N ASN C 88 -21.21 33.92 27.70
CA ASN C 88 -22.24 33.21 28.45
C ASN C 88 -23.25 32.52 27.54
N PHE C 89 -23.07 32.59 26.22
CA PHE C 89 -23.81 31.76 25.25
C PHE C 89 -22.75 30.93 24.52
N PHE C 90 -22.53 29.68 24.96
CA PHE C 90 -21.36 28.90 24.55
C PHE C 90 -21.66 27.69 23.69
N GLN C 91 -22.76 26.97 23.90
CA GLN C 91 -23.11 25.91 22.97
C GLN C 91 -23.53 26.55 21.64
N CYS C 92 -23.91 25.71 20.67
CA CYS C 92 -23.93 26.14 19.29
C CYS C 92 -25.20 25.65 18.60
N SER C 93 -25.47 26.22 17.43
CA SER C 93 -26.53 25.74 16.56
C SER C 93 -27.91 25.90 17.16
N HIS C 94 -28.91 25.25 16.55
CA HIS C 94 -30.27 25.14 17.06
C HIS C 94 -31.09 26.40 16.84
N PRO C 95 -32.40 26.28 16.96
CA PRO C 95 -33.30 27.44 16.72
C PRO C 95 -32.96 28.62 17.60
N PRO C 96 -33.90 29.59 17.77
CA PRO C 96 -33.49 30.92 18.28
C PRO C 96 -32.73 30.97 19.60
N ALA C 97 -32.64 32.19 20.12
CA ALA C 97 -31.95 32.49 21.37
C ALA C 97 -30.44 32.29 21.23
N ILE C 98 -29.77 33.28 20.67
CA ILE C 98 -28.31 33.31 20.61
C ILE C 98 -27.92 34.79 20.61
N GLU C 99 -26.68 35.07 20.22
CA GLU C 99 -26.26 36.42 19.92
C GLU C 99 -25.36 36.49 18.70
N LEU C 100 -24.98 35.35 18.12
CA LEU C 100 -24.18 35.33 16.91
C LEU C 100 -22.76 35.75 17.18
N SER C 101 -21.92 34.78 17.57
CA SER C 101 -20.54 35.04 17.93
C SER C 101 -19.59 34.75 16.78
N ARG C 102 -20.10 34.30 15.62
CA ARG C 102 -19.26 33.80 14.55
C ARG C 102 -19.52 34.52 13.23
N LEU C 103 -19.92 35.78 13.27
CA LEU C 103 -20.24 36.53 12.06
C LEU C 103 -19.07 37.49 11.82
N LEU C 104 -17.96 36.94 11.34
CA LEU C 104 -16.72 37.67 11.22
C LEU C 104 -16.43 38.10 9.79
N SER C 105 -15.43 38.97 9.71
CA SER C 105 -15.31 39.91 8.62
C SER C 105 -14.42 39.32 7.51
N GLU C 106 -13.89 40.18 6.65
CA GLU C 106 -13.05 39.74 5.55
C GLU C 106 -12.09 40.89 5.22
N VAL C 107 -11.05 41.00 6.06
CA VAL C 107 -9.83 41.75 5.74
C VAL C 107 -8.92 40.77 5.00
N THR C 108 -9.55 39.91 4.22
CA THR C 108 -8.98 38.72 3.59
C THR C 108 -8.28 39.07 2.29
N PRO C 109 -7.39 38.21 1.81
CA PRO C 109 -6.81 38.43 0.47
C PRO C 109 -7.89 38.45 -0.59
N LYS C 110 -7.76 39.38 -1.53
CA LYS C 110 -8.86 39.78 -2.41
C LYS C 110 -9.23 38.65 -3.35
N HIS C 111 -10.27 37.89 -2.96
CA HIS C 111 -10.98 36.90 -3.77
C HIS C 111 -11.42 35.78 -2.81
N MET C 112 -11.10 35.89 -1.52
CA MET C 112 -11.48 34.91 -0.51
C MET C 112 -12.61 35.46 0.35
N ASN C 113 -13.76 34.77 0.36
CA ASN C 113 -14.89 35.30 1.12
C ASN C 113 -15.72 34.20 1.79
N HIS C 114 -15.11 33.04 2.06
CA HIS C 114 -15.67 32.04 2.98
C HIS C 114 -14.53 31.44 3.79
N VAL C 115 -14.89 30.65 4.82
CA VAL C 115 -13.92 30.16 5.82
C VAL C 115 -14.55 29.07 6.69
N PHE C 116 -13.71 28.34 7.44
CA PHE C 116 -14.12 27.15 8.19
C PHE C 116 -13.36 27.07 9.50
N PHE C 117 -14.10 26.89 10.60
CA PHE C 117 -13.54 26.98 11.95
C PHE C 117 -13.19 25.60 12.51
N THR C 118 -12.18 25.57 13.39
CA THR C 118 -11.75 24.32 14.01
C THR C 118 -11.02 24.62 15.33
N GLY C 119 -10.48 23.56 15.93
CA GLY C 119 -9.83 23.63 17.22
C GLY C 119 -8.40 24.11 17.22
N SER C 120 -7.75 24.18 16.06
CA SER C 120 -6.37 24.68 16.01
C SER C 120 -5.86 24.63 14.58
N GLY C 121 -4.71 25.27 14.36
CA GLY C 121 -3.98 25.02 13.14
C GLY C 121 -3.63 23.56 12.99
N SER C 122 -3.55 22.84 14.10
CA SER C 122 -3.41 21.39 14.07
C SER C 122 -4.74 20.71 13.78
N ASP C 123 -5.83 21.13 14.45
CA ASP C 123 -7.16 20.71 14.04
C ASP C 123 -7.63 21.43 12.78
N SER C 124 -6.77 22.26 12.18
CA SER C 124 -7.09 22.89 10.88
C SER C 124 -6.61 21.98 9.76
N ASN C 125 -5.28 21.87 9.63
CA ASN C 125 -4.68 21.07 8.58
C ASN C 125 -5.34 19.71 8.40
N ASP C 126 -6.02 19.20 9.43
CA ASP C 126 -6.62 17.88 9.27
C ASP C 126 -7.77 17.94 8.26
N THR C 127 -8.48 19.08 8.19
CA THR C 127 -9.68 19.16 7.37
C THR C 127 -9.41 19.68 5.95
N ILE C 128 -8.31 20.40 5.76
CA ILE C 128 -7.92 20.82 4.42
C ILE C 128 -7.80 19.60 3.50
N LEU C 129 -7.33 18.47 4.03
CA LEU C 129 -7.07 17.33 3.17
C LEU C 129 -8.37 16.67 2.72
N ARG C 130 -9.34 16.53 3.61
CA ARG C 130 -10.66 16.07 3.16
C ARG C 130 -11.29 17.10 2.24
N MET C 131 -10.93 18.37 2.40
CA MET C 131 -11.37 19.43 1.50
C MET C 131 -10.74 19.24 0.13
N VAL C 132 -9.42 19.49 0.01
CA VAL C 132 -8.80 19.48 -1.31
C VAL C 132 -9.20 18.22 -2.10
N ARG C 133 -9.55 17.15 -1.40
CA ARG C 133 -9.81 15.87 -2.05
C ARG C 133 -11.27 15.68 -2.39
N TYR C 134 -12.17 15.99 -1.47
CA TYR C 134 -13.58 16.09 -1.85
C TYR C 134 -13.73 16.95 -3.10
N TYR C 135 -13.02 18.10 -3.14
CA TYR C 135 -13.02 18.97 -4.32
C TYR C 135 -12.75 18.11 -5.55
N TRP C 136 -11.50 17.69 -5.73
CA TRP C 136 -11.17 16.99 -6.96
C TRP C 136 -12.01 15.74 -7.18
N LYS C 137 -12.59 15.17 -6.12
CA LYS C 137 -13.40 13.97 -6.32
C LYS C 137 -14.71 14.31 -7.02
N LEU C 138 -15.32 15.45 -6.67
CA LEU C 138 -16.59 15.85 -7.27
C LEU C 138 -16.41 16.49 -8.64
N LEU C 139 -15.18 16.72 -9.08
CA LEU C 139 -14.92 17.16 -10.45
C LEU C 139 -14.63 15.99 -11.39
N GLY C 140 -14.47 14.78 -10.87
CA GLY C 140 -14.28 13.58 -11.68
C GLY C 140 -12.94 12.91 -11.54
N LYS C 141 -12.06 13.41 -10.68
CA LYS C 141 -10.70 12.89 -10.54
C LYS C 141 -10.48 12.38 -9.13
N PRO C 142 -11.12 11.27 -8.73
CA PRO C 142 -10.77 10.67 -7.44
C PRO C 142 -9.31 10.22 -7.35
N TYR C 143 -8.39 11.01 -7.95
CA TYR C 143 -6.99 10.63 -8.05
C TYR C 143 -6.05 11.81 -7.84
N LYS C 144 -6.30 12.91 -8.55
CA LYS C 144 -5.76 14.19 -8.09
C LYS C 144 -6.04 14.20 -6.60
N LYS C 145 -5.15 13.58 -5.82
CA LYS C 145 -5.40 13.27 -4.42
C LYS C 145 -4.21 13.53 -3.53
N VAL C 146 -2.98 13.49 -4.03
CA VAL C 146 -1.79 13.76 -3.24
C VAL C 146 -1.65 15.26 -3.05
N VAL C 147 -0.78 15.67 -2.12
CA VAL C 147 -0.40 17.06 -1.94
C VAL C 147 1.10 17.10 -1.67
N ILE C 148 1.72 18.23 -1.98
CA ILE C 148 3.18 18.37 -1.93
C ILE C 148 3.55 19.38 -0.85
N SER C 149 4.62 19.09 -0.11
CA SER C 149 5.09 19.95 0.97
C SER C 149 6.61 20.07 0.83
N ARG C 150 7.29 20.34 1.95
CA ARG C 150 8.73 20.60 1.93
C ARG C 150 9.38 19.99 3.16
N GLU C 151 10.71 19.83 3.11
CA GLU C 151 11.44 19.21 4.21
C GLU C 151 11.80 20.26 5.24
N ASN C 152 11.84 19.85 6.51
CA ASN C 152 12.11 20.75 7.64
C ASN C 152 11.05 21.85 7.76
N ALA C 153 9.82 21.56 7.38
CA ALA C 153 8.73 22.53 7.43
C ALA C 153 7.65 22.05 8.40
N TYR C 154 7.28 22.90 9.35
CA TYR C 154 6.21 22.60 10.30
C TYR C 154 4.86 22.81 9.64
N HIS C 155 3.96 21.86 9.84
CA HIS C 155 2.65 21.92 9.18
C HIS C 155 1.57 21.32 10.08
N GLY C 156 1.66 21.58 11.39
CA GLY C 156 0.67 21.07 12.32
C GLY C 156 1.08 19.75 12.93
N SER C 157 0.50 19.47 14.11
CA SER C 157 0.84 18.28 14.88
C SER C 157 -0.16 17.15 14.70
N THR C 158 -1.40 17.45 14.31
CA THR C 158 -2.37 16.44 13.94
C THR C 158 -1.76 15.49 12.92
N VAL C 159 -1.99 14.18 13.12
CA VAL C 159 -1.33 13.15 12.32
C VAL C 159 -1.33 13.55 10.85
N ALA C 160 -2.38 14.25 10.40
CA ALA C 160 -2.33 14.93 9.12
C ALA C 160 -1.18 15.94 9.12
N GLY C 161 -1.26 16.95 9.98
CA GLY C 161 -0.19 17.91 10.14
C GLY C 161 1.16 17.24 10.17
N ALA C 162 1.25 16.11 10.87
CA ALA C 162 2.50 15.35 10.92
C ALA C 162 2.88 14.84 9.52
N SER C 163 1.92 14.21 8.83
CA SER C 163 2.21 13.76 7.48
C SER C 163 2.58 14.93 6.59
N LEU C 164 1.93 16.08 6.79
CA LEU C 164 2.16 17.24 5.94
C LEU C 164 3.56 17.81 6.13
N SER C 165 4.11 17.74 7.35
CA SER C 165 5.39 18.37 7.64
C SER C 165 6.54 17.39 7.49
N GLY C 166 7.65 17.90 6.94
CA GLY C 166 8.81 17.08 6.63
C GLY C 166 9.81 16.99 7.76
N MET C 167 9.37 17.32 8.97
CA MET C 167 10.20 17.17 10.16
C MET C 167 10.49 15.68 10.37
N LYS C 168 11.68 15.38 10.90
CA LYS C 168 12.11 14.00 11.06
C LYS C 168 11.50 13.30 12.27
N ALA C 169 11.01 14.04 13.27
CA ALA C 169 10.49 13.41 14.48
C ALA C 169 9.01 13.03 14.38
N MET C 170 8.27 13.61 13.43
CA MET C 170 6.90 13.17 13.20
C MET C 170 6.88 11.81 12.51
N HIS C 171 7.48 11.72 11.31
CA HIS C 171 7.46 10.46 10.58
C HIS C 171 8.17 9.34 11.36
N ALA C 172 9.47 9.49 11.57
CA ALA C 172 10.29 8.47 12.24
C ALA C 172 10.27 7.14 11.49
N GLN C 173 10.62 7.20 10.20
CA GLN C 173 10.63 6.05 9.31
C GLN C 173 9.23 5.60 8.90
N GLY C 174 8.59 4.82 9.75
CA GLY C 174 7.27 4.30 9.48
C GLY C 174 6.17 5.27 9.88
N ASP C 175 4.96 4.74 10.01
CA ASP C 175 3.78 5.54 10.37
C ASP C 175 3.49 6.61 9.33
N LEU C 176 4.39 7.57 9.15
CA LEU C 176 4.24 8.68 8.22
C LEU C 176 5.49 8.76 7.36
N PRO C 177 5.44 9.48 6.22
CA PRO C 177 4.31 10.08 5.50
C PRO C 177 3.25 9.05 5.18
N ILE C 178 2.07 9.17 5.78
CA ILE C 178 0.97 8.24 5.52
C ILE C 178 0.81 8.17 4.01
N PRO C 179 0.06 7.20 3.46
CA PRO C 179 -0.24 7.26 2.01
C PRO C 179 -0.54 8.69 1.63
N GLY C 180 0.01 9.16 0.52
CA GLY C 180 -0.35 10.47 0.01
C GLY C 180 0.49 11.64 0.46
N ILE C 181 1.73 11.43 0.84
CA ILE C 181 2.62 12.55 1.14
C ILE C 181 4.06 12.18 0.80
N GLU C 182 4.79 13.16 0.30
CA GLU C 182 6.24 13.11 0.13
C GLU C 182 6.72 14.55 0.15
N HIS C 183 8.02 14.74 0.25
CA HIS C 183 8.55 16.06 0.58
C HIS C 183 9.66 16.49 -0.37
N ILE C 184 9.65 17.76 -0.71
CA ILE C 184 10.59 18.33 -1.67
C ILE C 184 11.57 19.23 -0.92
N GLU C 185 12.71 19.44 -1.56
CA GLU C 185 13.71 20.40 -1.09
C GLU C 185 13.05 21.69 -0.61
N GLN C 186 13.52 22.18 0.51
CA GLN C 186 13.12 23.42 1.14
C GLN C 186 14.16 24.50 0.91
N PRO C 187 13.77 25.74 0.56
CA PRO C 187 14.79 26.75 0.17
C PRO C 187 15.55 27.36 1.33
N TYR C 188 16.40 26.57 1.97
CA TYR C 188 17.30 26.99 3.05
C TYR C 188 18.65 27.33 2.41
N HIS C 189 18.95 28.63 2.27
CA HIS C 189 20.10 29.01 1.46
C HIS C 189 21.42 28.85 2.20
N PHE C 190 21.51 29.32 3.44
CA PHE C 190 22.79 29.30 4.14
C PHE C 190 23.38 27.90 4.27
N GLY C 191 22.57 26.86 4.10
CA GLY C 191 23.03 25.50 4.32
C GLY C 191 22.57 24.45 3.33
N ARG C 192 22.04 24.90 2.19
CA ARG C 192 21.75 24.02 1.06
C ARG C 192 22.09 24.73 -0.25
N ALA C 193 22.78 25.88 -0.18
CA ALA C 193 23.13 26.66 -1.37
C ALA C 193 24.49 27.31 -1.10
N PRO C 194 25.59 26.72 -1.59
CA PRO C 194 26.92 27.25 -1.22
C PRO C 194 27.09 28.73 -1.48
N ASP C 195 27.43 29.12 -2.71
CA ASP C 195 27.62 30.51 -3.09
C ASP C 195 26.64 30.99 -4.14
N MET C 196 25.78 30.11 -4.66
CA MET C 196 24.79 30.51 -5.65
C MET C 196 24.13 31.82 -5.23
N ASP C 197 23.87 32.71 -6.20
CA ASP C 197 23.14 33.92 -5.90
C ASP C 197 21.71 33.56 -5.50
N PRO C 198 20.97 34.49 -4.89
CA PRO C 198 19.65 34.11 -4.36
C PRO C 198 18.58 33.92 -5.43
N ALA C 199 18.66 34.68 -6.53
CA ALA C 199 17.58 34.68 -7.50
C ALA C 199 17.35 33.32 -8.13
N GLU C 200 18.32 32.39 -8.06
CA GLU C 200 18.19 31.10 -8.73
C GLU C 200 17.85 29.97 -7.75
N PHE C 201 18.57 29.85 -6.63
CA PHE C 201 18.28 28.81 -5.64
C PHE C 201 16.88 28.98 -5.07
N GLY C 202 16.16 30.01 -5.51
CA GLY C 202 14.73 30.09 -5.33
C GLY C 202 14.02 29.58 -6.56
N ARG C 203 14.63 29.79 -7.73
CA ARG C 203 14.14 29.14 -8.94
C ARG C 203 14.35 27.63 -8.87
N GLN C 204 15.61 27.20 -8.78
CA GLN C 204 15.93 25.79 -8.54
C GLN C 204 14.93 25.15 -7.59
N ALA C 205 14.91 25.66 -6.35
CA ALA C 205 13.99 25.16 -5.34
C ALA C 205 12.55 25.18 -5.86
N ALA C 206 12.18 26.27 -6.55
CA ALA C 206 10.83 26.35 -7.09
C ALA C 206 10.59 25.29 -8.14
N GLN C 207 11.57 25.05 -9.02
CA GLN C 207 11.40 24.02 -10.03
C GLN C 207 11.53 22.62 -9.46
N ALA C 208 12.36 22.45 -8.42
CA ALA C 208 12.38 21.19 -7.67
C ALA C 208 10.94 20.74 -7.50
N LEU C 209 10.02 21.69 -7.32
CA LEU C 209 8.60 21.41 -7.39
C LEU C 209 8.26 20.64 -8.65
N GLU C 210 8.25 21.35 -9.79
CA GLU C 210 7.80 20.75 -11.04
C GLU C 210 8.40 19.37 -11.26
N ARG C 211 9.66 19.19 -10.84
CA ARG C 211 10.25 17.87 -10.92
C ARG C 211 9.37 16.84 -10.21
N LYS C 212 8.98 17.11 -8.96
CA LYS C 212 8.20 16.15 -8.20
C LYS C 212 6.84 15.87 -8.83
N ILE C 213 6.29 16.81 -9.62
CA ILE C 213 4.98 16.57 -10.22
C ILE C 213 5.10 15.72 -11.47
N ASP C 214 5.93 16.13 -12.43
CA ASP C 214 6.27 15.23 -13.54
C ASP C 214 6.89 13.94 -13.04
N GLU C 215 7.27 13.88 -11.76
CA GLU C 215 7.71 12.68 -11.09
C GLU C 215 6.59 12.05 -10.26
N ILE C 216 5.33 12.39 -10.53
CA ILE C 216 4.22 11.82 -9.78
C ILE C 216 3.02 11.58 -10.67
N GLY C 217 2.49 12.65 -11.22
CA GLY C 217 1.27 12.58 -11.97
C GLY C 217 0.42 13.79 -11.68
N GLU C 218 0.43 14.75 -12.60
CA GLU C 218 -0.51 15.85 -12.48
C GLU C 218 -1.91 15.34 -12.18
N CYS C 219 -2.40 14.38 -12.98
CA CYS C 219 -3.70 13.80 -12.66
C CYS C 219 -3.67 13.00 -11.37
N ASN C 220 -2.48 12.82 -10.77
CA ASN C 220 -2.37 12.36 -9.39
C ASN C 220 -2.39 13.54 -8.41
N VAL C 221 -1.79 14.68 -8.79
CA VAL C 221 -1.49 15.75 -7.86
C VAL C 221 -2.69 16.67 -7.68
N ALA C 222 -2.77 17.31 -6.51
CA ALA C 222 -3.95 18.06 -6.13
C ALA C 222 -3.69 19.46 -5.58
N ALA C 223 -2.55 19.69 -4.92
CA ALA C 223 -2.24 21.01 -4.40
C ALA C 223 -0.83 21.03 -3.84
N PHE C 224 -0.38 22.23 -3.45
CA PHE C 224 0.93 22.45 -2.88
C PHE C 224 0.83 23.37 -1.68
N ILE C 225 1.37 22.93 -0.54
CA ILE C 225 1.33 23.70 0.70
C ILE C 225 2.65 24.45 0.86
N ALA C 226 2.60 25.54 1.62
CA ALA C 226 3.83 26.22 2.02
C ALA C 226 3.56 27.47 2.83
N GLU C 227 4.14 27.55 4.03
CA GLU C 227 4.15 28.80 4.75
C GLU C 227 4.90 29.84 3.93
N PRO C 228 4.48 31.10 3.96
CA PRO C 228 5.24 32.12 3.20
C PRO C 228 6.68 32.24 3.69
N ILE C 229 6.92 32.10 4.98
CA ILE C 229 8.27 31.84 5.47
C ILE C 229 8.21 30.77 6.55
N GLN C 230 9.09 29.77 6.42
CA GLN C 230 9.10 28.59 7.29
C GLN C 230 9.51 29.02 8.70
N GLY C 231 8.52 29.26 9.55
CA GLY C 231 8.75 29.47 10.97
C GLY C 231 8.43 28.20 11.72
N ALA C 232 9.28 27.88 12.69
CA ALA C 232 9.22 26.66 13.50
C ALA C 232 10.43 25.77 13.19
N GLY C 233 11.19 26.14 12.15
CA GLY C 233 12.37 25.39 11.78
C GLY C 233 13.56 26.31 11.55
N GLY C 234 13.46 27.52 12.06
CA GLY C 234 14.43 28.56 11.74
C GLY C 234 13.96 29.25 10.49
N VAL C 235 13.89 30.58 10.52
CA VAL C 235 13.33 31.32 9.40
C VAL C 235 13.99 30.90 8.10
N ILE C 236 13.17 30.41 7.17
CA ILE C 236 13.59 30.15 5.80
C ILE C 236 12.90 31.18 4.90
N ILE C 237 13.20 32.46 5.09
CA ILE C 237 12.76 33.48 4.15
C ILE C 237 13.16 32.97 2.77
N PRO C 238 12.26 32.97 1.80
CA PRO C 238 12.62 32.47 0.47
C PRO C 238 13.34 33.56 -0.33
N PRO C 239 14.38 33.20 -1.09
CA PRO C 239 14.91 34.15 -2.07
C PRO C 239 13.77 34.71 -2.92
N ASP C 240 13.87 35.99 -3.24
CA ASP C 240 12.72 36.73 -3.74
C ASP C 240 12.05 36.08 -4.94
N SER C 241 12.78 35.28 -5.70
CA SER C 241 12.26 34.72 -6.94
C SER C 241 11.62 33.34 -6.78
N TYR C 242 11.58 32.80 -5.55
CA TYR C 242 10.92 31.52 -5.28
C TYR C 242 9.43 31.65 -5.56
N TRP C 243 8.72 32.42 -4.73
CA TRP C 243 7.28 32.58 -4.91
C TRP C 243 6.87 32.95 -6.34
N PRO C 244 7.58 33.84 -7.04
CA PRO C 244 7.15 34.17 -8.42
C PRO C 244 7.09 32.95 -9.33
N GLU C 245 8.14 32.14 -9.35
CA GLU C 245 8.09 30.89 -10.12
C GLU C 245 6.91 30.04 -9.69
N ILE C 246 6.87 29.67 -8.40
CA ILE C 246 5.80 28.83 -7.87
C ILE C 246 4.46 29.28 -8.43
N LYS C 247 4.34 30.57 -8.74
CA LYS C 247 3.09 31.10 -9.26
C LYS C 247 2.74 30.51 -10.62
N ARG C 248 3.72 30.46 -11.53
CA ARG C 248 3.48 29.86 -12.83
C ARG C 248 3.12 28.39 -12.69
N ILE C 249 3.96 27.61 -12.02
CA ILE C 249 3.83 26.16 -12.06
C ILE C 249 2.45 25.72 -11.56
N CYS C 250 1.86 26.44 -10.61
CA CYS C 250 0.48 26.16 -10.20
C CYS C 250 -0.50 26.48 -11.33
N ALA C 251 -0.10 27.28 -12.32
CA ALA C 251 -0.95 27.62 -13.45
C ALA C 251 -0.64 26.79 -14.68
N GLU C 252 0.62 26.45 -14.90
CA GLU C 252 0.98 25.60 -16.03
C GLU C 252 0.40 24.20 -15.87
N ARG C 253 0.58 23.59 -14.69
CA ARG C 253 0.02 22.27 -14.44
C ARG C 253 -1.42 22.33 -13.97
N ASP C 254 -1.85 23.45 -13.37
CA ASP C 254 -3.23 23.64 -12.94
C ASP C 254 -3.58 22.70 -11.79
N ILE C 255 -3.25 23.13 -10.58
CA ILE C 255 -3.62 22.42 -9.35
C ILE C 255 -4.06 23.49 -8.35
N LEU C 256 -4.10 23.14 -7.06
CA LEU C 256 -4.53 24.07 -6.04
C LEU C 256 -3.37 24.59 -5.22
N LEU C 257 -3.67 25.60 -4.40
CA LEU C 257 -2.66 26.30 -3.64
C LEU C 257 -3.23 26.68 -2.28
N ILE C 258 -2.59 26.18 -1.24
CA ILE C 258 -2.95 26.46 0.14
C ILE C 258 -1.69 26.97 0.84
N VAL C 259 -1.86 28.01 1.66
CA VAL C 259 -0.76 28.62 2.39
C VAL C 259 -1.09 28.48 3.87
N ASP C 260 -0.05 28.36 4.70
CA ASP C 260 -0.25 28.16 6.13
C ASP C 260 -0.03 29.50 6.83
N GLU C 261 -1.13 30.10 7.26
CA GLU C 261 -1.10 31.35 8.02
C GLU C 261 -1.27 31.09 9.53
N VAL C 262 -1.06 29.85 9.98
CA VAL C 262 -1.06 29.58 11.42
C VAL C 262 -0.06 30.51 12.09
N ILE C 263 1.21 30.44 11.68
CA ILE C 263 2.21 31.45 12.02
C ILE C 263 1.84 32.68 11.19
N THR C 264 2.82 33.53 10.85
CA THR C 264 2.54 34.78 10.15
C THR C 264 1.15 35.31 10.50
N GLY C 265 0.13 34.77 9.82
CA GLY C 265 -1.23 34.97 10.25
C GLY C 265 -1.77 36.35 9.93
N PHE C 266 -2.10 37.10 10.96
CA PHE C 266 -2.85 38.34 10.80
C PHE C 266 -1.98 39.57 10.63
N GLY C 267 -0.67 39.44 10.72
CA GLY C 267 0.15 40.62 10.52
C GLY C 267 1.61 40.28 10.41
N ARG C 268 2.22 39.95 11.55
CA ARG C 268 3.62 39.54 11.67
C ARG C 268 4.60 40.02 10.61
N LEU C 269 4.18 40.90 9.72
CA LEU C 269 5.07 41.32 8.64
C LEU C 269 4.47 42.52 7.93
N GLY C 270 5.13 42.94 6.83
CA GLY C 270 4.70 44.05 6.02
C GLY C 270 3.21 44.33 5.99
N THR C 271 2.43 43.38 5.51
CA THR C 271 0.99 43.54 5.43
C THR C 271 0.29 42.59 6.41
N TRP C 272 -1.02 42.41 6.20
CA TRP C 272 -1.77 41.41 6.94
C TRP C 272 -1.15 40.04 6.76
N PHE C 273 -1.69 39.27 5.83
CA PHE C 273 -1.26 37.90 5.58
C PHE C 273 0.03 37.92 4.75
N GLY C 274 0.68 36.77 4.68
CA GLY C 274 1.78 36.61 3.76
C GLY C 274 1.37 36.62 2.31
N SER C 275 0.08 36.53 2.03
CA SER C 275 -0.39 36.51 0.65
C SER C 275 -0.08 37.83 -0.05
N GLN C 276 -0.55 38.95 0.52
CA GLN C 276 -0.51 40.22 -0.19
C GLN C 276 0.92 40.76 -0.33
N TYR C 277 1.73 40.66 0.71
CA TYR C 277 3.17 40.96 0.63
C TYR C 277 3.75 40.25 -0.60
N TYR C 278 3.94 38.93 -0.52
CA TYR C 278 4.31 38.09 -1.67
C TYR C 278 3.10 37.86 -2.68
N ASP C 279 2.03 38.63 -2.53
CA ASP C 279 0.97 38.78 -3.53
C ASP C 279 0.13 37.54 -3.81
N LEU C 280 0.66 36.35 -3.51
CA LEU C 280 0.04 35.13 -4.00
C LEU C 280 -1.45 35.10 -3.66
N GLN C 281 -2.16 34.16 -4.29
CA GLN C 281 -3.62 34.20 -4.38
C GLN C 281 -4.18 32.83 -4.05
N PRO C 282 -4.00 32.39 -2.81
CA PRO C 282 -4.20 30.97 -2.49
C PRO C 282 -5.64 30.52 -2.73
N ASP C 283 -5.78 29.25 -3.08
CA ASP C 283 -7.10 28.65 -3.13
C ASP C 283 -7.66 28.48 -1.71
N LEU C 284 -6.79 28.25 -0.73
CA LEU C 284 -7.20 28.09 0.66
C LEU C 284 -6.06 28.54 1.57
N MET C 285 -6.37 28.66 2.88
CA MET C 285 -5.36 29.03 3.86
C MET C 285 -5.85 28.85 5.30
N PRO C 286 -5.09 28.19 6.16
CA PRO C 286 -5.42 28.18 7.59
C PRO C 286 -4.67 29.26 8.35
N ILE C 287 -5.26 29.67 9.48
CA ILE C 287 -4.88 30.89 10.17
C ILE C 287 -4.69 30.64 11.66
N ALA C 288 -5.60 29.86 12.25
CA ALA C 288 -5.55 29.46 13.65
C ALA C 288 -4.96 30.52 14.59
N LYS C 289 -3.73 30.31 15.06
CA LYS C 289 -3.17 31.22 16.04
C LYS C 289 -2.96 32.61 15.45
N GLY C 290 -2.86 33.60 16.33
CA GLY C 290 -2.85 34.99 15.92
C GLY C 290 -4.22 35.57 15.67
N LEU C 291 -5.21 34.73 15.37
CA LEU C 291 -6.59 35.18 15.31
C LEU C 291 -7.06 35.73 16.65
N SER C 292 -6.57 35.16 17.74
CA SER C 292 -6.81 35.67 19.09
C SER C 292 -5.52 36.17 19.74
N SER C 293 -4.44 36.30 18.99
CA SER C 293 -3.13 36.61 19.56
C SER C 293 -2.85 35.67 20.73
N GLY C 294 -2.95 34.38 20.43
CA GLY C 294 -2.73 33.35 21.44
C GLY C 294 -3.79 33.30 22.51
N TYR C 295 -4.59 34.36 22.63
CA TYR C 295 -5.54 34.43 23.74
C TYR C 295 -6.47 33.22 23.79
N MET C 296 -6.78 32.62 22.64
CA MET C 296 -7.75 31.54 22.61
C MET C 296 -7.34 30.47 21.62
N PRO C 297 -7.80 29.23 21.83
CA PRO C 297 -7.61 28.18 20.82
C PRO C 297 -8.72 28.20 19.77
N ILE C 298 -8.42 28.72 18.59
CA ILE C 298 -9.40 28.81 17.50
C ILE C 298 -8.70 28.41 16.21
N GLY C 299 -9.24 27.43 15.50
CA GLY C 299 -8.65 26.95 14.27
C GLY C 299 -9.44 27.44 13.07
N GLY C 300 -8.72 28.04 12.13
CA GLY C 300 -9.31 28.67 10.96
C GLY C 300 -8.91 28.00 9.66
N VAL C 301 -9.81 28.07 8.68
CA VAL C 301 -9.58 27.52 7.35
C VAL C 301 -10.28 28.38 6.30
N MET C 302 -9.62 29.39 5.75
CA MET C 302 -10.26 30.27 4.79
C MET C 302 -10.14 29.67 3.39
N VAL C 303 -11.22 29.75 2.62
CA VAL C 303 -11.32 29.12 1.32
C VAL C 303 -11.41 30.21 0.25
N SER C 304 -11.12 29.82 -0.98
CA SER C 304 -11.35 30.66 -2.15
C SER C 304 -12.67 30.28 -2.81
N ASP C 305 -13.16 31.17 -3.66
CA ASP C 305 -14.50 30.98 -4.19
C ASP C 305 -14.54 29.84 -5.20
N ARG C 306 -13.47 29.64 -5.97
CA ARG C 306 -13.39 28.47 -6.85
C ARG C 306 -13.59 27.18 -6.05
N VAL C 307 -12.64 26.90 -5.15
CA VAL C 307 -12.77 25.77 -4.23
C VAL C 307 -14.16 25.76 -3.61
N ALA C 308 -14.69 26.94 -3.29
CA ALA C 308 -15.99 27.02 -2.62
C ALA C 308 -17.13 26.71 -3.58
N LYS C 309 -17.09 27.25 -4.80
CA LYS C 309 -18.16 27.00 -5.76
C LYS C 309 -18.24 25.52 -6.15
N VAL C 310 -17.46 24.67 -5.49
CA VAL C 310 -17.45 23.24 -5.76
C VAL C 310 -17.91 22.42 -4.57
N VAL C 311 -17.41 22.73 -3.37
CA VAL C 311 -17.81 21.98 -2.19
C VAL C 311 -19.25 22.32 -1.80
N ILE C 312 -19.74 23.47 -2.24
CA ILE C 312 -21.00 24.02 -1.79
C ILE C 312 -22.08 23.95 -2.87
N GLU C 313 -21.74 24.31 -4.12
CA GLU C 313 -22.68 24.04 -5.21
C GLU C 313 -22.89 22.55 -5.40
N GLU C 314 -21.95 21.70 -4.95
CA GLU C 314 -22.17 20.27 -4.81
C GLU C 314 -21.58 19.82 -3.49
N GLY C 315 -22.47 19.48 -2.56
CA GLY C 315 -22.07 19.07 -1.23
C GLY C 315 -23.27 18.61 -0.44
N GLY C 316 -23.09 18.50 0.87
CA GLY C 316 -24.08 17.90 1.74
C GLY C 316 -23.38 17.26 2.92
N GLU C 317 -22.13 16.87 2.69
CA GLU C 317 -21.20 16.46 3.74
C GLU C 317 -20.37 17.63 4.26
N PHE C 318 -20.51 18.82 3.65
CA PHE C 318 -19.89 20.05 4.13
C PHE C 318 -20.88 21.21 4.14
N PHE C 319 -22.17 20.92 4.17
CA PHE C 319 -23.20 21.93 4.38
C PHE C 319 -23.52 22.11 5.87
N HIS C 320 -22.62 21.68 6.74
CA HIS C 320 -22.85 21.69 8.19
C HIS C 320 -21.91 22.63 8.93
N GLY C 321 -20.67 22.79 8.47
CA GLY C 321 -19.76 23.76 9.05
C GLY C 321 -20.24 25.16 8.76
N TYR C 322 -20.27 25.57 7.48
CA TYR C 322 -20.88 26.84 7.12
C TYR C 322 -22.31 26.97 7.66
N THR C 323 -22.89 25.90 8.18
CA THR C 323 -24.08 25.99 9.02
C THR C 323 -23.72 26.08 10.50
N TYR C 324 -22.76 25.29 10.98
CA TYR C 324 -22.17 25.60 12.28
C TYR C 324 -20.96 24.74 12.59
N SER C 325 -19.98 25.36 13.22
CA SER C 325 -18.68 24.79 13.58
C SER C 325 -18.07 25.72 14.63
N GLY C 326 -16.81 25.52 14.96
CA GLY C 326 -16.11 26.40 15.87
C GLY C 326 -16.84 26.62 17.19
N HIS C 327 -16.30 27.47 18.06
CA HIS C 327 -16.93 27.72 19.35
C HIS C 327 -17.26 29.20 19.51
N PRO C 328 -18.49 29.55 19.87
CA PRO C 328 -18.86 30.98 19.91
C PRO C 328 -17.93 31.81 20.77
N VAL C 329 -17.42 31.24 21.85
CA VAL C 329 -16.65 32.02 22.81
C VAL C 329 -15.28 32.36 22.25
N ALA C 330 -14.65 31.40 21.57
CA ALA C 330 -13.34 31.67 20.99
C ALA C 330 -13.44 32.64 19.81
N ALA C 331 -14.59 32.65 19.12
CA ALA C 331 -14.80 33.57 18.02
C ALA C 331 -15.10 34.99 18.52
N ALA C 332 -16.17 35.13 19.31
CA ALA C 332 -16.58 36.39 19.90
C ALA C 332 -15.37 37.20 20.35
N VAL C 333 -14.31 36.51 20.72
CA VAL C 333 -13.02 37.11 21.02
C VAL C 333 -12.39 37.68 19.76
N ALA C 334 -11.82 36.81 18.91
CA ALA C 334 -11.01 37.30 17.80
C ALA C 334 -11.69 38.41 17.03
N ALA C 335 -13.03 38.43 17.01
CA ALA C 335 -13.75 39.56 16.46
C ALA C 335 -13.17 40.86 16.99
N GLU C 336 -13.08 41.00 18.31
CA GLU C 336 -12.46 42.18 18.88
C GLU C 336 -10.96 42.23 18.56
N ASN C 337 -10.29 41.08 18.52
CA ASN C 337 -8.85 41.08 18.28
C ASN C 337 -8.54 41.67 16.92
N ILE C 338 -9.24 41.21 15.89
CA ILE C 338 -9.15 41.85 14.58
C ILE C 338 -9.81 43.22 14.62
N ARG C 339 -10.97 43.34 15.28
CA ARG C 339 -11.67 44.60 15.34
C ARG C 339 -10.90 45.65 16.14
N ILE C 340 -9.99 45.20 17.00
CA ILE C 340 -9.08 46.12 17.70
C ILE C 340 -7.71 46.13 17.03
N MET C 341 -7.35 45.08 16.27
CA MET C 341 -6.13 45.15 15.45
C MET C 341 -6.30 46.12 14.30
N ARG C 342 -7.55 46.36 13.87
CA ARG C 342 -7.83 47.32 12.81
C ARG C 342 -7.61 48.77 13.22
N ASP C 343 -8.67 49.38 13.75
CA ASP C 343 -8.75 50.81 14.02
C ASP C 343 -7.41 51.38 14.47
N GLU C 344 -6.99 51.04 15.71
CA GLU C 344 -5.74 51.55 16.23
C GLU C 344 -4.60 51.45 15.21
N GLY C 345 -4.69 50.49 14.28
CA GLY C 345 -3.81 50.48 13.13
C GLY C 345 -2.45 49.88 13.37
N ILE C 346 -2.30 49.02 14.37
CA ILE C 346 -1.03 48.33 14.56
C ILE C 346 -0.49 47.81 13.22
N ILE C 347 -1.39 47.23 12.43
CA ILE C 347 -1.10 46.71 11.10
C ILE C 347 -0.27 47.71 10.31
N GLU C 348 -0.49 49.00 10.56
CA GLU C 348 0.21 50.06 9.85
C GLU C 348 1.40 50.61 10.63
N ARG C 349 1.29 50.71 11.96
CA ARG C 349 2.48 50.98 12.74
C ARG C 349 3.45 49.81 12.67
N ALA C 350 2.96 48.60 12.39
CA ALA C 350 3.83 47.43 12.32
C ALA C 350 4.57 47.35 10.99
N GLY C 351 3.97 47.84 9.91
CA GLY C 351 4.53 47.66 8.58
C GLY C 351 5.13 48.88 7.91
N ALA C 352 4.47 50.02 8.05
CA ALA C 352 5.00 51.27 7.54
C ALA C 352 5.75 52.07 8.60
N GLU C 353 5.78 51.59 9.85
CA GLU C 353 6.40 52.37 10.91
C GLU C 353 7.42 51.62 11.76
N ILE C 354 7.03 50.53 12.42
CA ILE C 354 7.92 49.95 13.41
C ILE C 354 8.83 48.85 12.89
N ALA C 355 8.53 48.26 11.74
CA ALA C 355 9.33 47.13 11.29
C ALA C 355 10.64 47.51 10.60
N PRO C 356 10.67 48.52 9.74
CA PRO C 356 11.96 48.94 9.14
C PRO C 356 12.98 49.37 10.19
N TYR C 357 12.58 49.50 11.45
CA TYR C 357 13.45 49.73 12.58
C TYR C 357 13.98 48.39 13.14
N LEU C 358 13.16 47.32 13.13
CA LEU C 358 13.68 46.02 13.57
C LEU C 358 14.74 45.51 12.61
N GLN C 359 14.46 45.54 11.30
CA GLN C 359 15.39 44.94 10.35
C GLN C 359 16.67 45.77 10.22
N ALA C 360 16.58 47.10 10.19
CA ALA C 360 17.80 47.89 10.18
C ALA C 360 18.55 47.76 11.50
N ARG C 361 17.83 47.63 12.61
CA ARG C 361 18.49 47.32 13.88
C ARG C 361 18.91 45.84 13.95
N TRP C 362 18.09 44.90 13.47
CA TRP C 362 18.55 43.52 13.27
C TRP C 362 19.52 43.47 12.08
N ARG C 363 20.02 42.28 11.78
CA ARG C 363 20.94 41.99 10.68
C ARG C 363 22.29 42.65 10.86
N GLU C 364 22.58 43.17 12.05
CA GLU C 364 23.84 43.85 12.36
C GLU C 364 24.86 42.88 12.96
N LEU C 365 24.87 41.63 12.51
CA LEU C 365 25.88 40.65 12.88
C LEU C 365 27.29 41.25 12.82
N GLY C 366 27.42 42.33 12.04
CA GLY C 366 28.61 43.16 12.07
C GLY C 366 29.89 42.38 12.16
N GLU C 367 30.42 42.22 13.36
CA GLU C 367 31.65 41.48 13.60
C GLU C 367 31.43 40.47 14.72
N HIS C 368 30.44 39.60 14.54
CA HIS C 368 30.24 38.47 15.44
C HIS C 368 30.62 37.19 14.70
N PRO C 369 31.83 36.65 14.92
CA PRO C 369 32.26 35.48 14.12
C PRO C 369 31.28 34.34 14.16
N LEU C 370 30.66 34.11 15.31
CA LEU C 370 29.66 33.06 15.45
C LEU C 370 28.51 33.27 14.48
N VAL C 371 28.18 34.52 14.14
CA VAL C 371 27.12 34.81 13.19
C VAL C 371 27.73 34.95 11.80
N GLY C 372 27.27 34.14 10.86
CA GLY C 372 27.62 34.30 9.47
C GLY C 372 26.42 34.66 8.62
N GLU C 373 25.25 34.71 9.26
CA GLU C 373 23.99 35.02 8.60
C GLU C 373 23.14 35.85 9.55
N ALA C 374 22.38 36.80 9.02
CA ALA C 374 21.47 37.59 9.84
C ALA C 374 20.33 38.10 8.95
N ARG C 375 19.11 37.58 9.17
CA ARG C 375 18.00 37.76 8.24
C ARG C 375 16.74 38.18 8.99
N GLY C 376 15.71 38.48 8.22
CA GLY C 376 14.43 38.90 8.76
C GLY C 376 13.67 39.80 7.78
N VAL C 377 12.36 39.98 8.08
CA VAL C 377 11.49 40.88 7.33
C VAL C 377 10.38 41.25 8.31
N GLY C 378 9.63 42.31 8.00
CA GLY C 378 8.41 42.61 8.75
C GLY C 378 8.55 42.61 10.25
N MET C 379 8.07 41.54 10.92
CA MET C 379 8.07 41.50 12.37
C MET C 379 8.66 40.20 12.95
N VAL C 380 9.49 39.46 12.21
CA VAL C 380 10.18 38.29 12.72
C VAL C 380 11.60 38.33 12.20
N ALA C 381 12.49 37.58 12.84
CA ALA C 381 13.88 37.58 12.39
C ALA C 381 14.66 36.48 13.07
N ALA C 382 15.83 36.20 12.49
CA ALA C 382 16.66 35.07 12.89
C ALA C 382 18.10 35.32 12.42
N LEU C 383 18.98 34.38 12.74
CA LEU C 383 20.39 34.40 12.40
C LEU C 383 20.99 33.09 12.89
N GLU C 384 22.12 32.71 12.30
CA GLU C 384 22.65 31.36 12.43
C GLU C 384 24.00 31.36 13.16
N LEU C 385 24.18 30.42 14.08
CA LEU C 385 25.38 30.35 14.91
C LEU C 385 26.42 29.50 14.19
N VAL C 386 27.42 30.16 13.58
CA VAL C 386 28.49 29.42 12.90
C VAL C 386 29.70 29.30 13.82
N LYS C 387 30.76 28.62 13.35
CA LYS C 387 32.03 28.64 14.04
C LYS C 387 32.93 29.73 13.46
N SER C 388 32.86 29.92 12.15
CA SER C 388 33.69 30.87 11.43
C SER C 388 32.89 31.45 10.29
N LYS C 389 33.36 32.58 9.75
CA LYS C 389 32.66 33.23 8.66
C LYS C 389 33.43 33.25 7.35
N GLN C 390 34.72 32.96 7.36
CA GLN C 390 35.38 32.64 6.10
C GLN C 390 34.72 31.45 5.43
N PRO C 391 34.55 30.29 6.09
CA PRO C 391 33.98 29.12 5.42
C PRO C 391 32.50 28.87 5.67
N LEU C 392 31.75 29.85 6.20
CA LEU C 392 30.29 29.74 6.31
C LEU C 392 29.86 28.56 7.18
N GLU C 393 30.67 28.23 8.17
CA GLU C 393 30.63 26.93 8.81
C GLU C 393 29.40 26.79 9.73
N ARG C 394 29.21 25.57 10.22
CA ARG C 394 28.39 25.28 11.38
C ARG C 394 29.23 24.48 12.36
N PHE C 395 28.76 24.36 13.59
CA PHE C 395 29.41 23.47 14.53
C PHE C 395 29.27 22.02 14.08
N GLU C 396 30.13 21.16 14.61
CA GLU C 396 30.05 19.74 14.29
C GLU C 396 28.69 19.16 14.70
N GLU C 397 28.14 19.66 15.81
CA GLU C 397 26.82 19.27 16.32
C GLU C 397 26.01 20.57 16.32
N PRO C 398 25.46 20.99 15.16
CA PRO C 398 24.74 22.27 15.12
C PRO C 398 23.50 22.32 15.99
N GLY C 399 23.69 22.60 17.27
CA GLY C 399 22.61 22.53 18.23
C GLY C 399 23.07 22.65 19.67
N LYS C 400 24.33 22.32 19.92
CA LYS C 400 24.89 22.51 21.26
C LYS C 400 25.14 23.99 21.53
N VAL C 401 25.68 24.71 20.55
CA VAL C 401 25.93 26.14 20.68
C VAL C 401 24.65 26.95 20.53
N GLY C 402 23.64 26.41 19.87
CA GLY C 402 22.34 27.04 19.81
C GLY C 402 21.50 26.78 21.05
N SER C 403 21.36 25.50 21.44
CA SER C 403 20.56 25.18 22.61
C SER C 403 21.16 25.75 23.90
N LEU C 404 22.46 26.05 23.91
CA LEU C 404 23.11 26.66 25.06
C LEU C 404 23.21 28.18 24.91
N CYS C 405 22.62 28.76 23.85
CA CYS C 405 22.51 30.21 23.70
C CYS C 405 21.13 30.74 24.07
N ARG C 406 20.09 29.94 23.81
CA ARG C 406 18.74 30.25 24.28
C ARG C 406 18.74 30.61 25.77
N ASP C 407 19.16 29.65 26.61
CA ASP C 407 19.26 29.93 28.05
C ASP C 407 20.03 31.22 28.28
N LEU C 408 21.17 31.38 27.59
CA LEU C 408 21.93 32.62 27.66
C LEU C 408 21.17 33.79 27.04
N SER C 409 20.04 33.53 26.36
CA SER C 409 19.10 34.58 25.96
C SER C 409 17.97 34.78 26.95
N VAL C 410 17.42 33.70 27.50
CA VAL C 410 16.34 33.85 28.47
C VAL C 410 16.89 34.25 29.85
N LYS C 411 18.07 33.76 30.21
CA LYS C 411 18.68 34.10 31.49
C LYS C 411 19.31 35.51 31.50
N ASN C 412 19.25 36.28 30.40
CA ASN C 412 19.86 37.62 30.34
C ASN C 412 18.89 38.78 30.14
N GLY C 413 17.64 38.52 29.74
CA GLY C 413 16.66 39.58 29.67
C GLY C 413 15.94 39.69 28.35
N LEU C 414 15.72 38.55 27.70
CA LEU C 414 15.01 38.55 26.42
C LEU C 414 14.64 37.12 26.08
N VAL C 415 13.53 36.97 25.37
CA VAL C 415 13.02 35.65 24.99
C VAL C 415 13.39 35.41 23.53
N MET C 416 13.99 34.24 23.27
CA MET C 416 14.36 33.84 21.92
C MET C 416 14.41 32.32 21.86
N ARG C 417 14.29 31.79 20.65
CA ARG C 417 14.34 30.36 20.38
C ARG C 417 15.45 30.07 19.37
N ALA C 418 15.66 28.79 19.08
CA ALA C 418 16.68 28.40 18.10
C ALA C 418 16.51 26.93 17.70
N VAL C 419 16.01 26.68 16.48
CA VAL C 419 15.69 25.33 16.07
C VAL C 419 16.91 24.42 16.11
N GLY C 420 18.10 25.00 16.10
CA GLY C 420 19.33 24.24 16.24
C GLY C 420 20.48 25.16 16.56
N GLY C 421 21.08 25.75 15.53
CA GLY C 421 22.05 26.80 15.74
C GLY C 421 21.53 28.13 15.25
N THR C 422 20.21 28.25 15.14
CA THR C 422 19.55 29.39 14.53
C THR C 422 18.69 30.14 15.55
N MET C 423 19.30 31.06 16.30
CA MET C 423 18.53 31.89 17.22
C MET C 423 17.39 32.59 16.48
N ILE C 424 16.15 32.25 16.80
CA ILE C 424 14.96 32.77 16.13
C ILE C 424 14.21 33.68 17.09
N ILE C 425 13.87 34.89 16.61
CA ILE C 425 13.05 35.84 17.34
C ILE C 425 11.75 36.04 16.57
N SER C 426 10.68 36.30 17.31
CA SER C 426 9.35 36.53 16.76
C SER C 426 8.57 37.36 17.78
N PRO C 427 8.74 38.67 17.76
CA PRO C 427 8.11 39.53 18.80
C PRO C 427 6.79 40.11 18.32
N PRO C 428 5.90 40.48 19.26
CA PRO C 428 4.61 41.08 18.85
C PRO C 428 4.66 42.53 18.40
N LEU C 429 3.48 43.10 18.11
CA LEU C 429 3.37 44.18 17.13
C LEU C 429 3.18 45.58 17.71
N VAL C 430 2.75 45.73 18.97
CA VAL C 430 2.68 47.05 19.57
C VAL C 430 4.05 47.65 19.79
N LEU C 431 5.12 46.85 19.67
CA LEU C 431 6.47 47.27 20.02
C LEU C 431 6.74 48.68 19.51
N SER C 432 7.57 49.41 20.22
CA SER C 432 7.92 50.78 19.91
C SER C 432 9.38 50.84 19.47
N ARG C 433 9.90 52.03 19.31
CA ARG C 433 11.25 52.21 18.83
C ARG C 433 12.29 52.08 19.94
N GLU C 434 11.86 52.13 21.19
CA GLU C 434 12.73 52.15 22.34
C GLU C 434 12.87 50.78 22.98
N GLN C 435 11.79 49.98 22.99
CA GLN C 435 11.89 48.58 23.41
C GLN C 435 12.60 47.68 22.27
N VAL C 436 13.08 48.27 21.18
CA VAL C 436 13.79 47.56 20.12
C VAL C 436 15.26 47.47 20.48
N ASP C 437 15.91 48.63 20.59
CA ASP C 437 17.31 48.70 20.98
C ASP C 437 17.62 47.86 22.21
N GLU C 438 16.61 47.56 23.03
CA GLU C 438 16.82 46.73 24.21
C GLU C 438 17.16 45.31 23.83
N LEU C 439 16.28 44.65 23.06
CA LEU C 439 16.59 43.29 22.62
C LEU C 439 17.67 43.26 21.54
N ILE C 440 18.29 44.41 21.30
CA ILE C 440 19.53 44.47 20.52
C ILE C 440 20.75 44.30 21.43
N ASP C 441 20.88 45.14 22.46
CA ASP C 441 21.96 45.00 23.41
C ASP C 441 21.71 43.88 24.43
N LYS C 442 20.49 43.37 24.49
CA LYS C 442 20.24 42.17 25.27
C LYS C 442 20.82 40.94 24.59
N ALA C 443 20.60 40.82 23.28
CA ALA C 443 21.18 39.69 22.55
C ALA C 443 22.64 39.98 22.19
N ARG C 444 22.98 41.22 21.85
CA ARG C 444 24.38 41.55 21.65
C ARG C 444 25.19 41.23 22.90
N ARG C 445 24.55 41.30 24.08
CA ARG C 445 25.19 40.85 25.32
C ARG C 445 25.02 39.36 25.52
N THR C 446 24.07 38.72 24.82
CA THR C 446 23.98 37.27 24.76
C THR C 446 24.76 36.67 23.59
N LEU C 447 25.22 37.49 22.64
CA LEU C 447 25.97 37.00 21.49
C LEU C 447 27.48 37.18 21.64
N ASP C 448 27.93 38.36 22.06
CA ASP C 448 29.31 38.48 22.56
C ASP C 448 29.54 37.55 23.74
N GLU C 449 28.48 37.14 24.45
CA GLU C 449 28.63 36.27 25.61
C GLU C 449 28.88 34.82 25.17
N THR C 450 27.95 34.22 24.43
CA THR C 450 28.12 32.84 23.99
C THR C 450 29.34 32.69 23.09
N HIS C 451 30.09 33.77 22.90
CA HIS C 451 31.35 33.72 22.16
C HIS C 451 32.54 33.43 23.06
N LYS C 452 32.36 33.30 24.37
CA LYS C 452 33.41 32.87 25.27
C LYS C 452 33.14 31.53 25.94
N ALA C 453 31.89 31.11 26.06
CA ALA C 453 31.59 29.80 26.64
C ALA C 453 31.67 28.67 25.61
N ILE C 454 31.77 28.99 24.32
CA ILE C 454 31.99 27.98 23.30
C ILE C 454 33.44 27.94 22.82
N GLY C 455 34.21 29.02 23.02
CA GLY C 455 35.60 29.06 22.60
C GLY C 455 36.51 28.55 23.71
N GLY C 456 36.30 29.10 24.90
CA GLY C 456 36.83 28.48 26.10
C GLY C 456 36.48 27.01 26.09
N ALA C 457 35.19 26.69 25.99
CA ALA C 457 34.80 25.33 25.66
C ALA C 457 35.45 24.94 24.33
N LEU C 458 35.82 23.67 24.21
CA LEU C 458 36.51 23.19 23.01
C LEU C 458 35.47 22.67 22.03
N GLU C 459 35.03 23.54 21.13
CA GLU C 459 34.06 23.19 20.09
C GLU C 459 33.74 24.43 19.25
N GLU D 71 -26.89 20.31 25.26
CA GLU D 71 -26.87 19.66 26.56
C GLU D 71 -25.96 18.43 26.54
N LEU D 72 -25.24 18.27 25.44
CA LEU D 72 -24.37 17.11 25.25
C LEU D 72 -22.90 17.44 25.49
N ALA D 73 -22.35 18.38 24.72
CA ALA D 73 -21.00 18.84 25.01
C ALA D 73 -20.89 19.32 26.45
N GLU D 74 -21.92 19.99 26.96
CA GLU D 74 -21.96 20.43 28.35
C GLU D 74 -22.55 19.35 29.23
N VAL D 75 -22.23 19.44 30.52
CA VAL D 75 -22.75 18.54 31.55
C VAL D 75 -22.86 19.31 32.85
N ALA D 76 -24.02 19.22 33.49
CA ALA D 76 -24.23 19.63 34.88
C ALA D 76 -24.51 21.11 35.09
N TYR D 77 -24.17 21.97 34.15
CA TYR D 77 -24.30 23.41 34.40
C TYR D 77 -24.87 24.14 33.19
N ARG D 78 -26.20 24.28 33.16
CA ARG D 78 -26.82 24.96 32.03
C ARG D 78 -26.29 26.38 31.92
N GLN D 79 -26.38 27.15 32.99
CA GLN D 79 -25.98 28.56 32.95
C GLN D 79 -26.00 29.16 34.34
N MET D 80 -25.84 30.48 34.40
CA MET D 80 -25.87 31.34 35.59
C MET D 80 -24.68 31.13 36.51
N GLN D 81 -23.72 30.29 36.15
CA GLN D 81 -22.60 29.96 37.03
C GLN D 81 -21.34 30.71 36.63
N GLU D 82 -20.62 31.20 37.63
CA GLU D 82 -19.46 32.06 37.41
C GLU D 82 -18.17 31.28 37.63
N LEU D 83 -17.30 31.31 36.63
CA LEU D 83 -16.02 30.65 36.62
C LEU D 83 -14.91 31.70 36.62
N PRO D 84 -13.70 31.32 37.03
CA PRO D 84 -12.57 32.26 36.96
C PRO D 84 -12.30 32.71 35.53
N TYR D 85 -13.09 33.67 35.04
CA TYR D 85 -12.95 34.19 33.69
C TYR D 85 -11.71 35.05 33.55
N TYR D 86 -11.85 36.21 32.92
CA TYR D 86 -10.72 37.07 32.56
C TYR D 86 -9.54 36.94 33.54
N ASN D 87 -8.65 35.96 33.29
CA ASN D 87 -7.45 35.83 34.10
C ASN D 87 -6.32 36.74 33.63
N ASN D 88 -6.27 37.05 32.33
CA ASN D 88 -5.34 38.03 31.77
C ASN D 88 -3.87 37.66 31.98
N PHE D 89 -3.58 36.43 32.38
CA PHE D 89 -2.32 35.76 32.07
C PHE D 89 -2.70 34.50 31.29
N PHE D 90 -2.31 34.45 30.02
CA PHE D 90 -2.95 33.53 29.08
C PHE D 90 -1.97 32.68 28.28
N GLN D 91 -0.96 33.32 27.69
CA GLN D 91 -0.03 32.63 26.79
C GLN D 91 1.12 32.15 27.67
N CYS D 92 1.14 30.85 27.95
CA CYS D 92 2.26 30.19 28.60
C CYS D 92 2.40 28.82 27.98
N SER D 93 3.56 28.55 27.39
CA SER D 93 3.87 27.25 26.83
C SER D 93 4.92 26.56 27.69
N HIS D 94 6.10 27.12 27.79
CA HIS D 94 7.13 26.64 28.70
C HIS D 94 7.11 27.40 30.03
N PRO D 95 7.09 28.73 30.03
CA PRO D 95 7.32 29.48 31.28
C PRO D 95 6.21 29.23 32.29
N PRO D 96 6.40 29.68 33.54
CA PRO D 96 5.50 29.24 34.62
C PRO D 96 4.06 29.40 34.21
N ALA D 97 3.25 28.36 34.45
CA ALA D 97 1.82 28.44 34.16
C ALA D 97 1.16 29.47 35.07
N ILE D 98 1.80 30.65 35.18
CA ILE D 98 1.38 31.74 36.06
C ILE D 98 0.81 31.23 37.37
N GLU D 99 -0.43 30.74 37.29
CA GLU D 99 -1.18 30.17 38.38
C GLU D 99 -1.24 28.66 38.24
N LEU D 100 -0.32 28.11 37.45
CA LEU D 100 -0.12 26.67 37.29
C LEU D 100 -1.37 26.03 36.71
N SER D 101 -2.06 26.77 35.84
CA SER D 101 -3.42 26.36 35.44
C SER D 101 -3.47 24.95 34.89
N ARG D 102 -2.36 24.46 34.34
CA ARG D 102 -2.33 23.10 33.81
C ARG D 102 -2.31 22.03 34.91
N LEU D 103 -2.33 22.43 36.18
CA LEU D 103 -2.29 21.48 37.28
C LEU D 103 -3.71 21.13 37.69
N LEU D 104 -4.20 19.95 37.29
CA LEU D 104 -5.54 19.53 37.62
C LEU D 104 -5.46 18.35 38.59
N SER D 105 -6.47 17.49 38.54
CA SER D 105 -6.70 16.55 39.60
C SER D 105 -7.00 15.18 39.02
N GLU D 106 -6.27 14.19 39.50
CA GLU D 106 -6.61 12.79 39.26
C GLU D 106 -7.71 12.46 40.27
N VAL D 107 -8.95 12.71 39.87
CA VAL D 107 -10.12 12.45 40.71
C VAL D 107 -10.29 10.94 40.89
N THR D 108 -11.23 10.34 40.16
CA THR D 108 -11.37 8.89 40.16
C THR D 108 -10.92 8.28 38.82
N PRO D 109 -9.72 8.63 38.32
CA PRO D 109 -9.09 7.78 37.28
C PRO D 109 -8.41 6.53 37.83
N LYS D 110 -7.89 6.60 39.05
CA LYS D 110 -7.28 5.48 39.78
C LYS D 110 -5.87 5.12 39.29
N HIS D 111 -5.72 3.99 38.59
CA HIS D 111 -4.39 3.64 38.06
C HIS D 111 -4.01 4.57 36.90
N MET D 112 -4.70 5.71 36.79
CA MET D 112 -4.44 6.71 35.74
C MET D 112 -4.06 8.02 36.43
N ASN D 113 -2.76 8.33 36.48
CA ASN D 113 -2.28 9.45 37.29
C ASN D 113 -1.56 10.53 36.49
N HIS D 114 -1.47 10.40 35.18
CA HIS D 114 -0.90 11.41 34.29
C HIS D 114 -1.95 11.79 33.25
N VAL D 115 -1.74 12.92 32.57
CA VAL D 115 -2.80 13.52 31.75
C VAL D 115 -2.19 14.40 30.67
N PHE D 116 -2.80 14.36 29.49
CA PHE D 116 -2.28 15.02 28.29
C PHE D 116 -3.35 15.88 27.64
N PHE D 117 -3.00 17.11 27.28
CA PHE D 117 -3.97 18.10 26.82
C PHE D 117 -3.87 18.36 25.32
N THR D 118 -4.99 18.81 24.76
CA THR D 118 -5.13 19.15 23.35
C THR D 118 -6.06 20.37 23.25
N GLY D 119 -6.87 20.43 22.20
CA GLY D 119 -7.82 21.52 22.07
C GLY D 119 -9.26 21.06 21.95
N SER D 120 -9.43 19.80 21.57
CA SER D 120 -10.74 19.17 21.51
C SER D 120 -10.50 17.67 21.33
N GLY D 121 -11.57 16.90 21.44
CA GLY D 121 -11.45 15.46 21.28
C GLY D 121 -10.89 15.07 19.92
N SER D 122 -11.31 15.77 18.87
CA SER D 122 -10.79 15.48 17.53
C SER D 122 -9.28 15.52 17.53
N ASP D 123 -8.68 16.44 18.29
CA ASP D 123 -7.23 16.48 18.46
C ASP D 123 -6.74 15.46 19.48
N SER D 124 -7.60 15.00 20.38
CA SER D 124 -7.22 13.95 21.33
C SER D 124 -7.08 12.63 20.59
N ASN D 125 -8.19 12.09 20.08
CA ASN D 125 -8.14 10.82 19.36
C ASN D 125 -7.14 10.85 18.21
N ASP D 126 -6.84 12.05 17.71
CA ASP D 126 -5.74 12.20 16.76
C ASP D 126 -4.40 11.82 17.39
N THR D 127 -4.05 12.49 18.50
CA THR D 127 -2.76 12.26 19.14
C THR D 127 -2.71 10.92 19.86
N ILE D 128 -3.86 10.36 20.24
CA ILE D 128 -3.89 9.08 20.94
C ILE D 128 -3.39 7.93 20.08
N LEU D 129 -3.20 8.15 18.76
CA LEU D 129 -2.67 7.11 17.89
C LEU D 129 -1.15 7.17 17.76
N ARG D 130 -0.57 8.38 17.76
CA ARG D 130 0.89 8.50 17.72
C ARG D 130 1.53 7.91 18.97
N MET D 131 0.75 7.73 20.02
CA MET D 131 1.25 7.18 21.29
C MET D 131 1.37 5.67 21.22
N VAL D 132 0.25 4.98 20.98
CA VAL D 132 0.27 3.53 20.83
C VAL D 132 1.41 3.13 19.90
N ARG D 133 1.34 3.59 18.65
CA ARG D 133 2.35 3.27 17.66
C ARG D 133 3.75 3.68 18.12
N TYR D 134 3.85 4.62 19.07
CA TYR D 134 5.13 4.91 19.71
C TYR D 134 5.41 3.95 20.86
N TYR D 135 4.41 3.72 21.73
CA TYR D 135 4.57 2.78 22.84
C TYR D 135 5.17 1.47 22.32
N TRP D 136 4.39 0.72 21.54
CA TRP D 136 4.83 -0.60 21.11
C TRP D 136 6.24 -0.57 20.52
N LYS D 137 6.49 0.36 19.58
CA LYS D 137 7.75 0.32 18.85
C LYS D 137 8.96 0.30 19.79
N LEU D 138 8.81 0.93 20.97
CA LEU D 138 9.90 0.90 21.93
C LEU D 138 10.03 -0.46 22.60
N LEU D 139 9.01 -1.31 22.54
CA LEU D 139 9.10 -2.66 23.07
C LEU D 139 9.73 -3.61 22.06
N GLY D 140 9.73 -3.27 20.78
CA GLY D 140 10.34 -4.09 19.75
C GLY D 140 9.40 -4.50 18.64
N LYS D 141 8.17 -4.00 18.67
CA LYS D 141 7.11 -4.47 17.78
C LYS D 141 6.56 -3.36 16.90
N PRO D 142 7.41 -2.78 16.03
CA PRO D 142 6.90 -1.74 15.12
C PRO D 142 5.88 -2.26 14.13
N TYR D 143 5.56 -3.55 14.17
CA TYR D 143 4.53 -4.09 13.30
C TYR D 143 3.17 -4.15 13.99
N LYS D 144 3.11 -3.99 15.31
CA LYS D 144 1.84 -3.87 16.02
C LYS D 144 1.37 -2.43 15.86
N LYS D 145 0.48 -2.20 14.90
CA LYS D 145 0.06 -0.84 14.59
C LYS D 145 -1.44 -0.67 14.41
N VAL D 146 -2.11 -1.62 13.77
CA VAL D 146 -3.51 -1.40 13.41
C VAL D 146 -4.37 -1.31 14.66
N VAL D 147 -5.25 -0.31 14.70
CA VAL D 147 -6.24 -0.18 15.76
C VAL D 147 -7.60 -0.50 15.17
N ILE D 148 -8.56 -0.75 16.05
CA ILE D 148 -9.89 -1.22 15.66
C ILE D 148 -10.93 -0.40 16.42
N SER D 149 -12.06 -0.12 15.76
CA SER D 149 -13.15 0.63 16.38
C SER D 149 -14.47 -0.09 16.18
N ARG D 150 -15.58 0.63 16.10
CA ARG D 150 -16.90 0.02 16.05
C ARG D 150 -17.82 0.84 15.15
N GLU D 151 -18.73 0.13 14.49
CA GLU D 151 -19.58 0.70 13.45
C GLU D 151 -20.69 1.53 14.07
N ASN D 152 -20.82 2.78 13.62
CA ASN D 152 -21.79 3.74 14.14
C ASN D 152 -21.33 4.34 15.47
N ALA D 153 -20.03 4.22 15.78
CA ALA D 153 -19.43 4.79 16.98
C ALA D 153 -18.54 5.96 16.58
N TYR D 154 -18.81 7.14 17.15
CA TYR D 154 -18.07 8.37 16.88
C TYR D 154 -16.88 8.46 17.84
N HIS D 155 -15.73 8.86 17.30
CA HIS D 155 -14.54 9.12 18.09
C HIS D 155 -13.73 10.26 17.45
N GLY D 156 -14.40 11.40 17.16
CA GLY D 156 -13.75 12.60 16.66
C GLY D 156 -14.22 12.97 15.25
N SER D 157 -13.66 14.08 14.74
CA SER D 157 -13.86 14.47 13.34
C SER D 157 -12.58 14.85 12.61
N THR D 158 -11.42 14.70 13.22
CA THR D 158 -10.11 14.83 12.58
C THR D 158 -9.73 13.53 11.89
N VAL D 159 -8.76 13.61 10.97
CA VAL D 159 -8.44 12.48 10.09
C VAL D 159 -8.17 11.21 10.90
N ALA D 160 -7.60 11.33 12.08
CA ALA D 160 -7.51 10.22 13.02
C ALA D 160 -8.64 10.44 14.02
N GLY D 161 -9.76 9.75 13.80
CA GLY D 161 -11.02 10.09 14.44
C GLY D 161 -12.12 10.01 13.38
N ALA D 162 -11.89 10.65 12.23
CA ALA D 162 -12.75 10.41 11.08
C ALA D 162 -12.49 9.04 10.48
N SER D 163 -11.23 8.58 10.48
CA SER D 163 -10.97 7.20 10.11
C SER D 163 -11.32 6.24 11.23
N LEU D 164 -11.23 6.69 12.49
CA LEU D 164 -11.54 5.82 13.61
C LEU D 164 -13.04 5.66 13.82
N SER D 165 -13.82 6.69 13.51
CA SER D 165 -15.26 6.63 13.76
C SER D 165 -15.95 5.75 12.72
N GLY D 166 -17.06 5.13 13.12
CA GLY D 166 -17.81 4.27 12.23
C GLY D 166 -18.98 4.94 11.53
N MET D 167 -18.75 6.10 10.92
CA MET D 167 -19.76 6.82 10.16
C MET D 167 -19.38 6.81 8.68
N LYS D 168 -20.22 6.21 7.84
CA LYS D 168 -19.87 6.02 6.42
C LYS D 168 -19.98 7.30 5.60
N ALA D 169 -20.63 8.35 6.10
CA ALA D 169 -20.84 9.56 5.31
C ALA D 169 -19.64 10.51 5.36
N MET D 170 -18.51 10.08 5.93
CA MET D 170 -17.28 10.85 5.93
C MET D 170 -16.17 10.19 5.12
N HIS D 171 -16.13 8.86 5.04
CA HIS D 171 -15.12 8.12 4.28
C HIS D 171 -15.58 7.91 2.85
N ALA D 172 -14.75 8.33 1.87
CA ALA D 172 -15.21 8.40 0.48
C ALA D 172 -14.05 8.12 -0.49
N GLN D 173 -14.05 6.91 -1.03
CA GLN D 173 -13.22 6.51 -2.19
C GLN D 173 -11.73 6.45 -1.83
N GLY D 174 -11.41 5.84 -0.69
CA GLY D 174 -10.01 5.68 -0.31
C GLY D 174 -9.51 6.60 0.78
N ASP D 175 -9.76 7.91 0.67
CA ASP D 175 -9.10 8.87 1.56
C ASP D 175 -9.31 8.53 3.04
N LEU D 176 -10.46 7.99 3.40
CA LEU D 176 -10.66 7.38 4.70
C LEU D 176 -11.26 6.00 4.51
N PRO D 177 -10.93 5.03 5.38
CA PRO D 177 -10.03 5.12 6.55
C PRO D 177 -8.53 5.01 6.22
N ILE D 178 -7.69 5.73 6.96
CA ILE D 178 -6.23 5.72 6.84
C ILE D 178 -5.72 4.29 7.00
N PRO D 179 -4.45 3.97 6.68
CA PRO D 179 -3.96 2.63 6.98
C PRO D 179 -3.85 2.41 8.49
N GLY D 180 -4.07 1.16 8.89
CA GLY D 180 -4.12 0.84 10.29
C GLY D 180 -5.43 1.16 10.96
N ILE D 181 -6.56 0.90 10.30
CA ILE D 181 -7.89 1.15 10.84
C ILE D 181 -8.86 0.16 10.21
N GLU D 182 -9.73 -0.44 11.02
CA GLU D 182 -10.87 -1.20 10.50
C GLU D 182 -11.94 -1.31 11.58
N HIS D 183 -13.15 -1.71 11.17
CA HIS D 183 -14.33 -1.65 12.03
C HIS D 183 -14.96 -3.04 12.22
N ILE D 184 -15.79 -3.17 13.26
CA ILE D 184 -16.40 -4.45 13.65
C ILE D 184 -17.90 -4.28 13.91
N GLU D 185 -18.57 -5.42 14.06
CA GLU D 185 -20.01 -5.48 14.30
C GLU D 185 -20.38 -4.84 15.64
N GLN D 186 -21.16 -3.76 15.59
CA GLN D 186 -21.53 -2.88 16.71
C GLN D 186 -22.73 -3.44 17.48
N PRO D 187 -22.70 -3.47 18.83
CA PRO D 187 -23.84 -4.07 19.56
C PRO D 187 -25.10 -3.23 19.55
N TYR D 188 -25.81 -3.24 18.42
CA TYR D 188 -27.10 -2.55 18.25
C TYR D 188 -28.21 -3.60 18.25
N HIS D 189 -28.53 -4.11 19.44
CA HIS D 189 -29.49 -5.21 19.54
C HIS D 189 -30.83 -4.85 18.91
N PHE D 190 -31.23 -3.58 18.94
CA PHE D 190 -32.49 -3.19 18.35
C PHE D 190 -32.49 -3.44 16.84
N GLY D 191 -31.61 -2.74 16.11
CA GLY D 191 -31.58 -2.85 14.67
C GLY D 191 -30.76 -4.00 14.11
N ARG D 192 -29.97 -4.68 14.96
CA ARG D 192 -29.13 -5.78 14.50
C ARG D 192 -29.46 -7.13 15.12
N ALA D 193 -30.24 -7.18 16.20
CA ALA D 193 -30.49 -8.44 16.90
C ALA D 193 -31.98 -8.79 16.86
N PRO D 194 -32.36 -9.91 16.20
CA PRO D 194 -33.79 -10.24 16.10
C PRO D 194 -34.48 -10.45 17.44
N ASP D 195 -34.13 -11.55 18.10
CA ASP D 195 -34.75 -11.92 19.38
C ASP D 195 -33.77 -12.68 20.27
N MET D 196 -32.47 -12.67 19.96
CA MET D 196 -31.47 -13.43 20.70
C MET D 196 -31.22 -12.82 22.08
N ASP D 197 -31.00 -13.69 23.08
CA ASP D 197 -30.89 -13.24 24.45
C ASP D 197 -29.70 -12.30 24.61
N PRO D 198 -29.85 -11.19 25.34
CA PRO D 198 -28.76 -10.20 25.36
C PRO D 198 -27.42 -10.78 25.81
N ALA D 199 -27.44 -11.76 26.72
CA ALA D 199 -26.19 -12.41 27.10
C ALA D 199 -25.51 -13.04 25.89
N GLU D 200 -26.30 -13.45 24.89
CA GLU D 200 -25.76 -13.99 23.66
C GLU D 200 -25.24 -12.88 22.75
N PHE D 201 -26.12 -11.93 22.38
CA PHE D 201 -25.73 -10.87 21.47
C PHE D 201 -24.55 -10.07 21.99
N GLY D 202 -24.45 -9.89 23.31
CA GLY D 202 -23.28 -9.25 23.87
C GLY D 202 -22.00 -9.95 23.50
N ARG D 203 -22.04 -11.28 23.35
CA ARG D 203 -20.83 -12.04 23.08
C ARG D 203 -20.49 -12.01 21.59
N GLN D 204 -21.43 -12.44 20.74
CA GLN D 204 -21.15 -12.52 19.30
C GLN D 204 -20.67 -11.17 18.76
N ALA D 205 -21.22 -10.06 19.28
CA ALA D 205 -20.74 -8.75 18.88
C ALA D 205 -19.44 -8.38 19.59
N ALA D 206 -19.22 -8.93 20.78
CA ALA D 206 -17.88 -8.93 21.37
C ALA D 206 -16.96 -9.84 20.57
N GLN D 207 -17.29 -11.13 20.51
CA GLN D 207 -16.53 -12.08 19.72
C GLN D 207 -16.29 -11.58 18.30
N ALA D 208 -17.19 -10.74 17.78
CA ALA D 208 -16.97 -10.15 16.46
C ALA D 208 -15.64 -9.40 16.39
N LEU D 209 -15.07 -9.06 17.55
CA LEU D 209 -13.70 -8.54 17.59
C LEU D 209 -12.71 -9.65 17.31
N GLU D 210 -12.68 -10.68 18.17
CA GLU D 210 -11.70 -11.75 18.02
C GLU D 210 -11.69 -12.29 16.60
N ARG D 211 -12.86 -12.37 15.96
CA ARG D 211 -12.91 -12.77 14.56
C ARG D 211 -12.25 -11.75 13.63
N LYS D 212 -11.95 -10.54 14.12
CA LYS D 212 -11.26 -9.53 13.34
C LYS D 212 -9.77 -9.46 13.62
N ILE D 213 -9.31 -10.03 14.73
CA ILE D 213 -7.88 -10.04 15.06
C ILE D 213 -7.16 -11.23 14.44
N ASP D 214 -7.77 -12.42 14.50
CA ASP D 214 -7.17 -13.58 13.86
C ASP D 214 -7.03 -13.38 12.35
N GLU D 215 -7.94 -12.62 11.75
CA GLU D 215 -7.85 -12.25 10.34
C GLU D 215 -6.57 -11.48 10.04
N ILE D 216 -6.03 -10.76 11.03
CA ILE D 216 -4.90 -9.86 10.83
C ILE D 216 -3.66 -10.38 11.52
N GLY D 217 -3.80 -10.78 12.78
CA GLY D 217 -2.68 -11.34 13.52
C GLY D 217 -2.44 -10.61 14.82
N GLU D 218 -2.51 -11.34 15.93
CA GLU D 218 -2.22 -10.75 17.23
C GLU D 218 -0.91 -10.01 17.26
N CYS D 219 -0.01 -10.27 16.31
CA CYS D 219 1.22 -9.50 16.23
C CYS D 219 1.11 -8.31 15.27
N ASN D 220 -0.06 -8.08 14.67
CA ASN D 220 -0.28 -6.85 13.94
C ASN D 220 -1.19 -5.86 14.65
N VAL D 221 -2.02 -6.32 15.59
CA VAL D 221 -2.95 -5.42 16.28
C VAL D 221 -2.19 -4.58 17.30
N ALA D 222 -2.74 -3.38 17.57
CA ALA D 222 -2.12 -2.47 18.51
C ALA D 222 -3.08 -1.85 19.50
N ALA D 223 -4.38 -2.18 19.44
CA ALA D 223 -5.36 -1.84 20.47
C ALA D 223 -6.78 -1.92 19.92
N PHE D 224 -7.77 -1.65 20.77
CA PHE D 224 -9.17 -1.56 20.34
C PHE D 224 -9.81 -0.46 21.16
N ILE D 225 -10.51 0.45 20.48
CA ILE D 225 -11.14 1.58 21.12
C ILE D 225 -12.64 1.31 21.12
N ALA D 226 -13.37 2.16 21.83
CA ALA D 226 -14.81 2.06 21.84
C ALA D 226 -15.40 3.06 22.82
N GLU D 227 -16.42 3.78 22.40
CA GLU D 227 -17.23 4.49 23.37
C GLU D 227 -17.85 3.48 24.33
N PRO D 228 -17.85 3.76 25.64
CA PRO D 228 -18.57 2.87 26.57
C PRO D 228 -19.96 2.56 26.09
N ILE D 229 -20.66 3.58 25.62
CA ILE D 229 -21.93 3.43 24.91
C ILE D 229 -21.97 4.54 23.88
N GLN D 230 -22.50 4.24 22.71
CA GLN D 230 -22.27 5.07 21.53
C GLN D 230 -23.15 6.31 21.58
N GLY D 231 -22.58 7.39 22.09
CA GLY D 231 -23.22 8.70 22.04
C GLY D 231 -22.80 9.43 20.79
N ALA D 232 -23.71 9.50 19.82
CA ALA D 232 -23.50 10.04 18.47
C ALA D 232 -24.04 9.01 17.47
N GLY D 233 -24.35 7.81 17.95
CA GLY D 233 -25.07 6.83 17.17
C GLY D 233 -26.34 6.43 17.90
N GLY D 234 -27.05 7.44 18.42
CA GLY D 234 -28.16 7.21 19.30
C GLY D 234 -27.68 6.89 20.70
N VAL D 235 -27.96 5.68 21.17
CA VAL D 235 -27.48 5.23 22.47
C VAL D 235 -26.62 3.99 22.28
N ILE D 236 -27.26 2.86 21.96
CA ILE D 236 -26.55 1.60 21.74
C ILE D 236 -25.99 1.07 23.04
N ILE D 237 -26.86 0.78 24.00
CA ILE D 237 -26.37 0.12 25.22
C ILE D 237 -25.78 -1.24 24.84
N PRO D 238 -24.61 -1.60 25.34
CA PRO D 238 -24.19 -3.00 25.26
C PRO D 238 -24.95 -3.82 26.29
N PRO D 239 -25.52 -4.96 25.88
CA PRO D 239 -26.02 -5.92 26.88
C PRO D 239 -25.01 -6.06 28.00
N ASP D 240 -25.41 -6.56 29.17
CA ASP D 240 -24.43 -6.72 30.23
C ASP D 240 -23.26 -7.59 29.76
N SER D 241 -23.53 -8.63 28.98
CA SER D 241 -22.48 -9.59 28.64
C SER D 241 -21.43 -9.05 27.66
N TYR D 242 -21.65 -7.92 26.99
CA TYR D 242 -20.66 -7.42 26.04
C TYR D 242 -19.35 -7.12 26.76
N TRP D 243 -19.24 -5.95 27.40
CA TRP D 243 -17.96 -5.51 27.96
C TRP D 243 -17.26 -6.55 28.82
N PRO D 244 -17.99 -7.43 29.51
CA PRO D 244 -17.31 -8.56 30.17
C PRO D 244 -16.37 -9.32 29.25
N GLU D 245 -16.84 -9.76 28.08
CA GLU D 245 -15.97 -10.50 27.15
C GLU D 245 -14.79 -9.65 26.71
N ILE D 246 -15.05 -8.44 26.21
CA ILE D 246 -14.01 -7.57 25.67
C ILE D 246 -12.82 -7.61 26.63
N LYS D 247 -13.08 -7.57 27.94
CA LYS D 247 -12.00 -7.62 28.92
C LYS D 247 -11.12 -8.84 28.73
N ARG D 248 -11.73 -9.96 28.33
CA ARG D 248 -10.98 -11.21 28.17
C ARG D 248 -10.14 -11.20 26.89
N ILE D 249 -10.74 -10.76 25.78
CA ILE D 249 -10.08 -10.81 24.48
C ILE D 249 -8.89 -9.86 24.46
N CYS D 250 -9.04 -8.67 25.03
CA CYS D 250 -7.98 -7.67 25.02
C CYS D 250 -6.72 -8.17 25.72
N ALA D 251 -6.83 -9.17 26.61
CA ALA D 251 -5.67 -9.73 27.28
C ALA D 251 -5.23 -11.05 26.67
N GLU D 252 -6.20 -11.89 26.28
CA GLU D 252 -5.88 -13.14 25.59
C GLU D 252 -5.05 -12.90 24.35
N ARG D 253 -5.16 -11.71 23.73
CA ARG D 253 -4.35 -11.36 22.58
C ARG D 253 -3.32 -10.27 22.88
N ASP D 254 -3.17 -9.88 24.15
CA ASP D 254 -2.19 -8.87 24.56
C ASP D 254 -2.30 -7.60 23.73
N ILE D 255 -3.26 -6.74 24.04
CA ILE D 255 -3.44 -5.46 23.35
C ILE D 255 -3.81 -4.40 24.39
N LEU D 256 -3.95 -3.16 23.95
CA LEU D 256 -4.28 -2.03 24.81
C LEU D 256 -5.72 -1.58 24.56
N LEU D 257 -6.33 -1.04 25.62
CA LEU D 257 -7.71 -0.57 25.56
C LEU D 257 -7.73 0.92 25.88
N ILE D 258 -8.17 1.73 24.93
CA ILE D 258 -8.50 3.13 25.14
C ILE D 258 -10.01 3.25 25.03
N VAL D 259 -10.63 3.97 25.94
CA VAL D 259 -12.09 4.10 25.93
C VAL D 259 -12.45 5.56 25.70
N ASP D 260 -13.36 5.79 24.77
CA ASP D 260 -13.76 7.15 24.45
C ASP D 260 -14.59 7.71 25.59
N GLU D 261 -14.08 8.75 26.24
CA GLU D 261 -14.71 9.33 27.40
C GLU D 261 -15.28 10.70 27.18
N VAL D 262 -14.88 11.37 26.11
CA VAL D 262 -15.30 12.74 25.85
C VAL D 262 -16.78 12.92 26.19
N ILE D 263 -17.62 12.00 25.72
CA ILE D 263 -19.06 12.16 25.88
C ILE D 263 -19.49 11.53 27.20
N THR D 264 -19.32 10.21 27.32
CA THR D 264 -19.68 9.57 28.57
C THR D 264 -18.89 10.11 29.76
N GLY D 265 -17.84 10.89 29.53
CA GLY D 265 -17.07 11.39 30.64
C GLY D 265 -17.88 12.26 31.57
N PHE D 266 -17.49 12.23 32.84
CA PHE D 266 -17.92 13.22 33.83
C PHE D 266 -19.39 13.13 34.17
N GLY D 267 -19.73 12.27 35.12
CA GLY D 267 -21.08 12.23 35.66
C GLY D 267 -22.20 12.07 34.65
N ARG D 268 -21.87 12.01 33.36
CA ARG D 268 -22.91 11.69 32.38
C ARG D 268 -23.51 10.33 32.65
N LEU D 269 -22.79 9.46 33.35
CA LEU D 269 -23.34 8.23 33.89
C LEU D 269 -23.52 8.41 35.40
N GLY D 270 -23.66 7.31 36.13
CA GLY D 270 -23.81 7.41 37.58
C GLY D 270 -22.52 7.79 38.27
N THR D 271 -21.40 7.20 37.84
CA THR D 271 -20.12 7.50 38.45
C THR D 271 -19.42 8.64 37.69
N TRP D 272 -18.20 8.94 38.10
CA TRP D 272 -17.41 9.98 37.45
C TRP D 272 -17.36 9.75 35.95
N PHE D 273 -16.52 8.82 35.53
CA PHE D 273 -16.37 8.46 34.13
C PHE D 273 -17.21 7.24 33.82
N GLY D 274 -17.62 7.13 32.56
CA GLY D 274 -18.38 5.98 32.13
C GLY D 274 -17.64 4.66 32.31
N SER D 275 -16.35 4.68 32.65
CA SER D 275 -15.60 3.44 32.81
C SER D 275 -15.93 2.76 34.13
N GLN D 276 -16.08 3.52 35.20
CA GLN D 276 -16.26 2.93 36.53
C GLN D 276 -17.54 2.12 36.61
N TYR D 277 -18.62 2.62 36.00
CA TYR D 277 -19.87 1.85 35.99
C TYR D 277 -19.61 0.45 35.44
N TYR D 278 -19.07 0.37 34.23
CA TYR D 278 -18.78 -0.93 33.61
C TYR D 278 -17.46 -1.52 34.11
N ASP D 279 -16.73 -0.82 34.98
CA ASP D 279 -15.70 -1.42 35.83
C ASP D 279 -14.44 -1.79 35.05
N LEU D 280 -14.19 -1.16 33.92
CA LEU D 280 -12.98 -1.48 33.20
C LEU D 280 -11.85 -0.56 33.62
N GLN D 281 -10.63 -0.95 33.27
CA GLN D 281 -9.41 -0.28 33.72
C GLN D 281 -8.59 0.10 32.49
N PRO D 282 -9.19 0.87 31.58
CA PRO D 282 -8.49 1.24 30.35
C PRO D 282 -7.10 1.82 30.61
N ASP D 283 -6.32 1.99 29.56
CA ASP D 283 -4.98 2.56 29.68
C ASP D 283 -4.86 3.92 29.02
N LEU D 284 -5.81 4.33 28.21
CA LEU D 284 -5.84 5.69 27.71
C LEU D 284 -7.29 6.06 27.44
N MET D 285 -7.74 7.16 28.00
CA MET D 285 -9.06 7.60 27.62
C MET D 285 -8.95 9.04 27.13
N PRO D 286 -9.81 9.45 26.23
CA PRO D 286 -9.79 10.85 25.80
C PRO D 286 -11.00 11.60 26.33
N ILE D 287 -10.76 12.74 26.93
CA ILE D 287 -11.79 13.57 27.51
C ILE D 287 -11.82 14.88 26.75
N ALA D 288 -12.99 15.51 26.73
CA ALA D 288 -13.12 16.86 26.18
C ALA D 288 -14.55 17.30 26.41
N LYS D 289 -14.80 18.59 26.17
CA LYS D 289 -16.13 19.17 26.38
C LYS D 289 -16.51 19.03 27.84
N GLY D 290 -16.84 17.80 28.27
CA GLY D 290 -17.21 17.59 29.67
C GLY D 290 -16.23 18.20 30.64
N LEU D 291 -14.96 18.33 30.24
CA LEU D 291 -13.95 18.88 31.12
C LEU D 291 -14.35 20.23 31.67
N SER D 292 -15.03 21.05 30.88
CA SER D 292 -15.45 22.37 31.33
C SER D 292 -16.97 22.57 31.23
N SER D 293 -17.73 21.50 30.98
CA SER D 293 -19.18 21.59 30.79
C SER D 293 -19.54 22.55 29.66
N GLY D 294 -18.73 22.53 28.60
CA GLY D 294 -19.03 23.25 27.38
C GLY D 294 -18.51 24.67 27.31
N TYR D 295 -18.07 25.24 28.43
CA TYR D 295 -17.75 26.67 28.47
C TYR D 295 -16.51 27.02 27.66
N MET D 296 -15.61 26.06 27.43
CA MET D 296 -14.34 26.36 26.82
C MET D 296 -13.89 25.22 25.93
N PRO D 297 -13.24 25.51 24.80
CA PRO D 297 -12.70 24.43 23.96
C PRO D 297 -11.41 23.85 24.57
N ILE D 298 -11.33 22.53 24.59
CA ILE D 298 -10.16 21.84 25.09
C ILE D 298 -10.38 20.35 24.87
N GLY D 299 -9.30 19.61 24.65
CA GLY D 299 -9.35 18.17 24.59
C GLY D 299 -8.37 17.58 25.60
N GLY D 300 -8.73 16.40 26.12
CA GLY D 300 -7.89 15.71 27.08
C GLY D 300 -7.68 14.26 26.69
N VAL D 301 -6.53 13.74 27.14
CA VAL D 301 -6.12 12.38 26.85
C VAL D 301 -5.48 11.81 28.11
N MET D 302 -5.95 10.66 28.56
CA MET D 302 -5.53 10.08 29.84
C MET D 302 -4.63 8.88 29.58
N VAL D 303 -4.01 8.38 30.65
CA VAL D 303 -2.96 7.37 30.54
C VAL D 303 -2.98 6.47 31.78
N SER D 304 -2.51 5.22 31.61
CA SER D 304 -2.35 4.31 32.73
C SER D 304 -0.97 4.42 33.34
N ASP D 305 -0.86 4.06 34.64
CA ASP D 305 0.47 3.96 35.24
C ASP D 305 1.40 3.13 34.35
N ARG D 306 0.81 2.22 33.57
CA ARG D 306 1.54 1.42 32.60
C ARG D 306 2.04 2.29 31.46
N VAL D 307 1.22 2.45 30.43
CA VAL D 307 1.58 3.16 29.20
C VAL D 307 2.55 4.31 29.48
N ALA D 308 2.27 5.08 30.53
CA ALA D 308 3.14 6.20 30.86
C ALA D 308 4.55 5.72 31.15
N LYS D 309 4.69 4.78 32.10
CA LYS D 309 6.01 4.33 32.52
C LYS D 309 6.92 4.00 31.33
N VAL D 310 6.37 3.35 30.30
CA VAL D 310 7.19 2.93 29.16
C VAL D 310 7.49 4.12 28.26
N VAL D 311 6.45 4.90 27.92
CA VAL D 311 6.65 6.11 27.11
C VAL D 311 7.73 6.98 27.71
N ILE D 312 7.83 7.01 29.04
CA ILE D 312 8.80 7.88 29.71
C ILE D 312 10.13 7.15 29.97
N GLU D 313 10.08 5.84 30.24
CA GLU D 313 11.29 5.02 30.37
C GLU D 313 12.32 5.45 29.34
N GLU D 314 11.88 5.67 28.11
CA GLU D 314 12.79 6.03 27.01
C GLU D 314 12.06 6.95 26.04
N GLY D 315 11.40 7.99 26.57
CA GLY D 315 10.60 8.89 25.76
C GLY D 315 11.38 9.75 24.79
N GLY D 316 11.17 11.06 24.87
CA GLY D 316 11.86 11.98 23.98
C GLY D 316 10.94 12.97 23.30
N GLU D 317 10.39 12.59 22.15
CA GLU D 317 9.47 13.48 21.44
C GLU D 317 8.28 13.85 22.32
N PHE D 318 7.82 12.91 23.14
CA PHE D 318 6.68 13.11 24.03
C PHE D 318 7.10 13.55 25.44
N PHE D 319 8.36 13.93 25.64
CA PHE D 319 8.81 14.40 26.95
C PHE D 319 8.40 15.85 27.21
N HIS D 320 7.33 16.30 26.58
CA HIS D 320 6.99 17.72 26.59
C HIS D 320 5.51 18.01 26.81
N GLY D 321 4.73 17.03 27.25
CA GLY D 321 3.29 17.23 27.38
C GLY D 321 2.78 17.30 28.81
N TYR D 322 2.96 16.21 29.56
CA TYR D 322 2.54 16.18 30.96
C TYR D 322 3.04 17.38 31.74
N THR D 323 4.05 18.08 31.23
CA THR D 323 4.67 19.19 31.91
C THR D 323 4.44 20.54 31.25
N TYR D 324 4.34 20.58 29.90
CA TYR D 324 4.13 21.84 29.17
C TYR D 324 3.19 21.59 27.98
N SER D 325 1.89 21.60 28.23
CA SER D 325 0.91 21.42 27.17
C SER D 325 -0.43 22.01 27.65
N GLY D 326 -1.44 21.91 26.80
CA GLY D 326 -2.75 22.44 27.14
C GLY D 326 -2.77 23.95 27.06
N HIS D 327 -3.81 24.54 27.67
CA HIS D 327 -3.98 25.98 27.62
C HIS D 327 -4.23 26.60 28.97
N PRO D 328 -3.48 27.64 29.36
CA PRO D 328 -3.62 28.17 30.73
C PRO D 328 -5.03 28.65 31.07
N VAL D 329 -5.76 29.18 30.09
CA VAL D 329 -7.05 29.79 30.37
C VAL D 329 -8.10 28.71 30.50
N ALA D 330 -8.41 28.05 29.38
CA ALA D 330 -9.39 26.97 29.35
C ALA D 330 -9.23 26.04 30.55
N ALA D 331 -7.98 25.81 30.95
CA ALA D 331 -7.68 24.96 32.10
C ALA D 331 -8.37 25.47 33.35
N ALA D 332 -7.89 26.60 33.88
CA ALA D 332 -8.41 27.15 35.13
C ALA D 332 -9.93 27.12 35.15
N VAL D 333 -10.56 27.28 33.99
CA VAL D 333 -12.02 27.29 33.92
C VAL D 333 -12.54 25.91 34.30
N ALA D 334 -12.31 24.93 33.43
CA ALA D 334 -12.57 23.54 33.79
C ALA D 334 -12.07 23.27 35.20
N ALA D 335 -10.84 23.72 35.48
CA ALA D 335 -10.30 23.59 36.83
C ALA D 335 -11.29 24.10 37.87
N GLU D 336 -12.09 25.11 37.51
CA GLU D 336 -13.19 25.48 38.37
C GLU D 336 -14.39 24.57 38.15
N ASN D 337 -14.61 24.15 36.90
CA ASN D 337 -15.74 23.29 36.58
C ASN D 337 -15.80 22.09 37.51
N ILE D 338 -14.72 21.30 37.59
CA ILE D 338 -14.75 20.10 38.41
C ILE D 338 -14.74 20.47 39.88
N ARG D 339 -13.88 21.43 40.28
CA ARG D 339 -13.76 21.75 41.70
C ARG D 339 -15.13 21.96 42.33
N ILE D 340 -16.12 22.31 41.53
CA ILE D 340 -17.45 22.65 41.99
C ILE D 340 -18.36 21.45 41.83
N MET D 341 -18.08 20.59 40.83
CA MET D 341 -18.78 19.31 40.77
C MET D 341 -18.49 18.45 41.99
N ARG D 342 -17.32 18.63 42.59
CA ARG D 342 -16.96 17.92 43.81
C ARG D 342 -17.67 18.50 45.02
N ASP D 343 -17.12 19.61 45.53
CA ASP D 343 -17.69 20.30 46.68
C ASP D 343 -19.21 20.22 46.67
N GLU D 344 -19.83 20.68 45.60
CA GLU D 344 -21.29 20.66 45.52
C GLU D 344 -21.86 19.26 45.33
N GLY D 345 -21.03 18.24 45.17
CA GLY D 345 -21.54 16.89 45.07
C GLY D 345 -22.71 16.76 44.11
N ILE D 346 -22.46 17.09 42.85
CA ILE D 346 -23.43 16.81 41.79
C ILE D 346 -23.29 15.39 41.28
N ILE D 347 -22.04 14.94 41.13
CA ILE D 347 -21.71 13.55 40.80
C ILE D 347 -22.53 12.60 41.66
N GLU D 348 -22.79 12.99 42.91
CA GLU D 348 -23.47 12.15 43.88
C GLU D 348 -24.98 12.32 43.82
N ARG D 349 -25.45 13.55 43.59
CA ARG D 349 -26.87 13.79 43.39
C ARG D 349 -27.36 13.22 42.06
N ALA D 350 -26.45 12.87 41.15
CA ALA D 350 -26.84 12.50 39.79
C ALA D 350 -27.10 11.01 39.64
N GLY D 351 -26.17 10.17 40.07
CA GLY D 351 -26.32 8.74 39.93
C GLY D 351 -26.99 8.06 41.11
N ALA D 352 -26.72 8.54 42.32
CA ALA D 352 -27.24 7.89 43.52
C ALA D 352 -28.70 8.28 43.77
N GLU D 353 -29.02 9.57 43.71
CA GLU D 353 -30.35 10.08 44.04
C GLU D 353 -31.26 10.17 42.81
N ILE D 354 -30.90 10.99 41.82
CA ILE D 354 -31.86 11.32 40.77
C ILE D 354 -31.85 10.30 39.62
N ALA D 355 -30.68 9.85 39.18
CA ALA D 355 -30.60 8.96 38.03
C ALA D 355 -31.70 7.89 38.06
N PRO D 356 -31.75 7.02 39.08
CA PRO D 356 -32.75 5.95 39.06
C PRO D 356 -34.18 6.43 38.78
N TYR D 357 -34.65 7.48 39.46
CA TYR D 357 -35.91 8.09 39.06
C TYR D 357 -35.95 8.25 37.55
N LEU D 358 -34.86 8.78 36.99
CA LEU D 358 -34.79 9.02 35.56
C LEU D 358 -34.94 7.72 34.78
N GLN D 359 -34.11 6.72 35.08
CA GLN D 359 -34.32 5.40 34.50
C GLN D 359 -35.73 4.91 34.78
N ALA D 360 -36.04 4.73 36.07
CA ALA D 360 -37.33 4.19 36.47
C ALA D 360 -38.48 4.91 35.75
N ARG D 361 -38.36 6.22 35.58
CA ARG D 361 -39.43 6.98 34.95
C ARG D 361 -39.31 7.09 33.44
N TRP D 362 -38.12 6.90 32.87
CA TRP D 362 -38.01 6.84 31.41
C TRP D 362 -38.36 5.45 30.89
N ARG D 363 -38.56 4.47 31.77
CA ARG D 363 -38.98 3.12 31.38
C ARG D 363 -40.50 3.07 31.22
N GLU D 364 -41.02 3.87 30.29
CA GLU D 364 -42.46 4.08 30.22
C GLU D 364 -43.02 4.10 28.80
N LEU D 365 -42.27 3.63 27.81
CA LEU D 365 -42.81 3.44 26.47
C LEU D 365 -44.24 2.92 26.52
N GLY D 366 -44.51 2.04 27.47
CA GLY D 366 -45.83 1.49 27.67
C GLY D 366 -46.46 0.96 26.41
N GLU D 367 -47.54 1.60 25.98
CA GLU D 367 -48.35 1.15 24.87
C GLU D 367 -48.38 2.21 23.77
N HIS D 368 -47.23 2.81 23.50
CA HIS D 368 -47.10 3.69 22.34
C HIS D 368 -46.65 2.84 21.18
N PRO D 369 -47.52 2.51 20.22
CA PRO D 369 -47.10 1.72 19.05
C PRO D 369 -45.85 2.26 18.38
N LEU D 370 -45.50 3.52 18.67
CA LEU D 370 -44.25 4.08 18.17
C LEU D 370 -43.07 3.69 19.06
N VAL D 371 -43.25 3.67 20.38
CA VAL D 371 -42.16 3.30 21.28
C VAL D 371 -42.15 1.78 21.44
N GLY D 372 -41.07 1.15 21.00
CA GLY D 372 -40.92 -0.29 21.09
C GLY D 372 -39.73 -0.70 21.93
N GLU D 373 -38.69 0.14 21.93
CA GLU D 373 -37.52 -0.02 22.76
C GLU D 373 -37.43 1.14 23.74
N ALA D 374 -36.93 0.86 24.94
CA ALA D 374 -36.75 1.85 25.99
C ALA D 374 -35.55 1.44 26.83
N ARG D 375 -34.48 2.24 26.82
CA ARG D 375 -33.23 1.86 27.44
C ARG D 375 -32.54 3.08 28.02
N GLY D 376 -31.72 2.86 29.05
CA GLY D 376 -30.99 3.94 29.69
C GLY D 376 -30.04 3.53 30.81
N VAL D 377 -29.00 4.34 31.03
CA VAL D 377 -27.97 4.09 32.05
C VAL D 377 -27.53 5.43 32.60
N GLY D 378 -27.55 5.57 33.94
CA GLY D 378 -27.02 6.76 34.59
C GLY D 378 -27.77 8.07 34.37
N MET D 379 -27.18 8.97 33.59
CA MET D 379 -27.78 10.26 33.25
C MET D 379 -27.92 10.41 31.73
N VAL D 380 -28.50 9.42 31.05
CA VAL D 380 -28.78 9.47 29.62
C VAL D 380 -29.72 8.34 29.25
N ALA D 381 -30.55 8.54 28.23
CA ALA D 381 -31.51 7.52 27.85
C ALA D 381 -32.02 7.79 26.44
N ALA D 382 -32.93 6.93 25.99
CA ALA D 382 -33.43 6.97 24.62
C ALA D 382 -34.62 6.02 24.51
N LEU D 383 -35.20 5.97 23.30
CA LEU D 383 -36.29 5.09 22.92
C LEU D 383 -36.41 5.17 21.42
N GLU D 384 -36.89 4.10 20.80
CA GLU D 384 -36.95 4.02 19.34
C GLU D 384 -38.36 4.15 18.82
N LEU D 385 -38.47 4.70 17.61
CA LEU D 385 -39.73 4.90 16.91
C LEU D 385 -39.95 3.77 15.92
N VAL D 386 -41.21 3.39 15.72
CA VAL D 386 -41.51 2.26 14.85
C VAL D 386 -42.82 2.45 14.10
N LYS D 387 -43.27 1.39 13.43
CA LYS D 387 -44.59 1.31 12.85
C LYS D 387 -45.58 0.69 13.84
N SER D 388 -45.35 -0.57 14.20
CA SER D 388 -46.17 -1.31 15.13
C SER D 388 -45.29 -1.82 16.26
N LYS D 389 -45.81 -1.79 17.48
CA LYS D 389 -44.99 -2.19 18.62
C LYS D 389 -44.84 -3.71 18.67
N GLN D 390 -45.95 -4.42 18.86
CA GLN D 390 -45.84 -5.88 19.02
C GLN D 390 -45.37 -6.55 17.74
N PRO D 391 -45.95 -6.27 16.56
CA PRO D 391 -45.40 -6.84 15.33
C PRO D 391 -44.17 -6.07 14.87
N LEU D 392 -43.05 -6.77 14.72
CA LEU D 392 -41.77 -6.16 14.36
C LEU D 392 -41.87 -5.40 13.05
N GLU D 393 -41.84 -4.07 13.10
CA GLU D 393 -42.00 -3.23 11.92
C GLU D 393 -41.52 -1.81 12.21
N ARG D 394 -40.85 -1.20 11.23
CA ARG D 394 -40.28 0.15 11.33
C ARG D 394 -40.67 0.92 10.07
N PHE D 395 -40.61 2.24 10.16
CA PHE D 395 -40.99 3.09 9.04
C PHE D 395 -40.18 2.77 7.79
N GLU D 396 -40.71 3.18 6.63
CA GLU D 396 -40.04 2.94 5.35
C GLU D 396 -38.83 3.82 5.13
N GLU D 397 -38.54 4.75 6.03
CA GLU D 397 -37.30 5.54 6.05
C GLU D 397 -37.32 6.33 7.36
N PRO D 398 -36.95 5.70 8.48
CA PRO D 398 -36.80 6.44 9.74
C PRO D 398 -35.86 7.63 9.56
N GLY D 399 -36.27 8.77 10.09
CA GLY D 399 -35.56 10.02 9.82
C GLY D 399 -36.43 10.92 8.98
N LYS D 400 -37.16 10.32 8.03
CA LYS D 400 -38.33 10.96 7.43
C LYS D 400 -39.48 10.98 8.43
N VAL D 401 -39.35 10.27 9.55
CA VAL D 401 -40.36 10.26 10.61
C VAL D 401 -39.78 10.56 11.99
N GLY D 402 -38.49 10.37 12.21
CA GLY D 402 -37.89 10.69 13.49
C GLY D 402 -37.67 12.18 13.66
N SER D 403 -36.79 12.74 12.83
CA SER D 403 -36.55 14.18 12.87
C SER D 403 -37.86 14.95 12.78
N LEU D 404 -38.78 14.52 11.91
CA LEU D 404 -40.11 15.11 11.91
C LEU D 404 -40.77 15.00 13.28
N CYS D 405 -40.21 14.20 14.20
CA CYS D 405 -40.61 14.24 15.60
C CYS D 405 -39.63 15.03 16.47
N ARG D 406 -38.38 15.19 16.02
CA ARG D 406 -37.47 16.09 16.72
C ARG D 406 -38.11 17.47 16.88
N ASP D 407 -38.42 18.12 15.76
CA ASP D 407 -39.03 19.44 15.81
C ASP D 407 -40.36 19.42 16.54
N LEU D 408 -41.03 18.26 16.60
CA LEU D 408 -42.27 18.17 17.36
C LEU D 408 -42.02 18.17 18.86
N SER D 409 -40.78 17.93 19.30
CA SER D 409 -40.43 18.02 20.71
C SER D 409 -39.97 19.42 21.08
N VAL D 410 -39.19 20.06 20.22
CA VAL D 410 -38.78 21.45 20.47
C VAL D 410 -39.96 22.39 20.28
N LYS D 411 -40.72 22.21 19.19
CA LYS D 411 -41.88 23.08 18.96
C LYS D 411 -43.06 22.74 19.91
N ASN D 412 -42.88 21.79 20.84
CA ASN D 412 -43.79 21.59 21.94
C ASN D 412 -43.23 22.07 23.27
N GLY D 413 -41.93 21.90 23.48
CA GLY D 413 -41.27 22.41 24.67
C GLY D 413 -40.21 21.51 25.27
N LEU D 414 -39.46 20.79 24.44
CA LEU D 414 -38.47 19.85 24.98
C LEU D 414 -37.29 19.68 24.04
N VAL D 415 -36.11 19.57 24.64
CA VAL D 415 -34.85 19.37 23.90
C VAL D 415 -34.72 17.89 23.55
N MET D 416 -34.62 17.60 22.24
CA MET D 416 -34.54 16.23 21.77
C MET D 416 -34.04 16.21 20.32
N ARG D 417 -32.84 15.63 20.12
CA ARG D 417 -32.32 15.32 18.80
C ARG D 417 -32.90 13.98 18.33
N ALA D 418 -32.78 13.71 17.04
CA ALA D 418 -33.25 12.45 16.47
C ALA D 418 -32.33 12.06 15.33
N VAL D 419 -31.53 11.01 15.52
CA VAL D 419 -30.75 10.47 14.41
C VAL D 419 -31.69 10.19 13.25
N GLY D 420 -32.96 9.96 13.53
CA GLY D 420 -33.95 9.71 12.51
C GLY D 420 -35.06 8.80 13.00
N GLY D 421 -34.82 8.16 14.13
CA GLY D 421 -35.81 7.26 14.69
C GLY D 421 -35.49 6.71 16.08
N THR D 422 -34.39 7.16 16.67
CA THR D 422 -33.98 6.69 18.00
C THR D 422 -33.91 7.92 18.93
N MET D 423 -35.03 8.28 19.54
CA MET D 423 -35.09 9.51 20.31
C MET D 423 -34.15 9.43 21.50
N ILE D 424 -33.61 10.59 21.90
CA ILE D 424 -32.53 10.67 22.86
C ILE D 424 -32.85 11.74 23.90
N ILE D 425 -32.17 11.63 25.04
CA ILE D 425 -32.26 12.64 26.10
C ILE D 425 -30.90 12.72 26.76
N SER D 426 -30.29 13.91 26.76
CA SER D 426 -28.97 14.13 27.36
C SER D 426 -29.09 15.29 28.34
N PRO D 427 -29.68 15.05 29.51
CA PRO D 427 -29.91 16.13 30.46
C PRO D 427 -28.70 16.37 31.33
N PRO D 428 -28.53 17.58 31.85
CA PRO D 428 -27.43 17.84 32.78
C PRO D 428 -27.69 17.23 34.16
N LEU D 429 -26.66 17.29 35.00
CA LEU D 429 -26.62 16.51 36.23
C LEU D 429 -27.41 17.14 37.37
N VAL D 430 -27.74 18.43 37.28
CA VAL D 430 -28.44 19.10 38.36
C VAL D 430 -29.94 18.82 38.32
N LEU D 431 -30.37 17.92 37.45
CA LEU D 431 -31.80 17.74 37.22
C LEU D 431 -32.52 17.30 38.50
N SER D 432 -33.81 17.64 38.57
CA SER D 432 -34.63 17.42 39.75
C SER D 432 -35.89 16.63 39.41
N ARG D 433 -36.30 15.78 40.33
CA ARG D 433 -37.48 14.94 40.20
C ARG D 433 -38.63 15.62 39.47
N GLU D 434 -39.12 16.71 40.05
CA GLU D 434 -40.11 17.54 39.39
C GLU D 434 -39.69 17.82 37.95
N GLN D 435 -38.45 18.27 37.75
CA GLN D 435 -37.96 18.46 36.39
C GLN D 435 -38.05 17.16 35.59
N VAL D 436 -37.84 16.02 36.24
CA VAL D 436 -37.98 14.71 35.62
C VAL D 436 -39.42 14.57 35.13
N ASP D 437 -40.35 14.50 36.08
CA ASP D 437 -41.77 14.54 35.79
C ASP D 437 -42.04 15.57 34.70
N GLU D 438 -41.35 16.72 34.75
CA GLU D 438 -41.65 17.81 33.84
C GLU D 438 -41.42 17.41 32.38
N LEU D 439 -40.26 16.84 32.07
CA LEU D 439 -39.96 16.54 30.67
C LEU D 439 -40.69 15.30 30.16
N ILE D 440 -41.50 14.66 30.99
CA ILE D 440 -42.12 13.38 30.65
C ILE D 440 -43.45 13.60 29.96
N ASP D 441 -44.38 14.24 30.67
CA ASP D 441 -45.65 14.61 30.05
C ASP D 441 -45.43 15.51 28.84
N LYS D 442 -44.42 16.39 28.90
CA LYS D 442 -44.16 17.29 27.77
C LYS D 442 -43.85 16.50 26.50
N ALA D 443 -43.14 15.38 26.63
CA ALA D 443 -42.87 14.51 25.50
C ALA D 443 -43.96 13.45 25.31
N ARG D 444 -44.69 13.09 26.36
CA ARG D 444 -45.90 12.31 26.17
C ARG D 444 -46.86 13.04 25.24
N ARG D 445 -47.09 14.32 25.50
CA ARG D 445 -47.77 15.18 24.54
C ARG D 445 -47.14 15.02 23.16
N THR D 446 -45.81 15.11 23.08
CA THR D 446 -45.11 14.92 21.81
C THR D 446 -45.15 13.48 21.34
N LEU D 447 -45.39 12.52 22.24
CA LEU D 447 -45.60 11.14 21.83
C LEU D 447 -47.08 10.80 21.63
N ASP D 448 -47.99 11.54 22.29
CA ASP D 448 -49.41 11.45 21.94
C ASP D 448 -49.68 12.10 20.59
N GLU D 449 -48.91 13.13 20.23
CA GLU D 449 -49.21 13.91 19.03
C GLU D 449 -48.65 13.25 17.76
N THR D 450 -47.32 13.08 17.70
CA THR D 450 -46.73 12.50 16.49
C THR D 450 -47.36 11.16 16.14
N HIS D 451 -48.02 10.51 17.11
CA HIS D 451 -48.64 9.22 16.86
C HIS D 451 -49.69 9.30 15.75
N LYS D 452 -50.47 10.38 15.74
CA LYS D 452 -51.48 10.60 14.70
C LYS D 452 -50.99 11.50 13.59
N ALA D 453 -49.95 12.30 13.84
CA ALA D 453 -49.36 13.11 12.78
C ALA D 453 -48.87 12.25 11.63
N ILE D 454 -48.21 11.13 11.94
CA ILE D 454 -47.74 10.20 10.94
C ILE D 454 -48.67 8.98 10.82
N GLY D 455 -49.43 8.67 11.87
CA GLY D 455 -50.46 7.65 11.75
C GLY D 455 -51.71 8.07 11.04
N GLY D 456 -51.99 9.37 11.03
CA GLY D 456 -53.06 9.89 10.23
C GLY D 456 -52.79 9.85 8.74
N ALA D 457 -51.54 9.63 8.33
CA ALA D 457 -51.16 9.65 6.94
C ALA D 457 -51.18 8.24 6.35
N LEU D 458 -50.85 8.16 5.05
CA LEU D 458 -50.82 6.88 4.33
C LEU D 458 -49.46 6.26 4.52
N GLU D 459 -49.34 5.42 5.54
CA GLU D 459 -48.11 4.71 5.83
C GLU D 459 -48.28 3.20 5.63
#